data_6U9W
#
_entry.id   6U9W
#
_cell.length_a   1.00
_cell.length_b   1.00
_cell.length_c   1.00
_cell.angle_alpha   90.00
_cell.angle_beta   90.00
_cell.angle_gamma   90.00
#
_symmetry.space_group_name_H-M   'P 1'
#
loop_
_entity.id
_entity.type
_entity.pdbx_description
1 polymer 'P2X purinoceptor 7'
2 branched 2-acetamido-2-deoxy-beta-D-glucopyranose-(1-4)-2-acetamido-2-deoxy-beta-D-glucopyranose
3 non-polymer 'ZINC ION'
4 non-polymer "GUANOSINE-5'-DIPHOSPHATE"
5 non-polymer 2-acetamido-2-deoxy-beta-D-glucopyranose
6 non-polymer O-[(R)-[(2S)-2-(hexadecanoyloxy)-3-(octadecanoyloxy)propoxy](hydroxy)phosphoryl]-D-serine
7 non-polymer 'PALMITIC ACID'
8 non-polymer "ADENOSINE-5'-TRIPHOSPHATE"
#
_entity_poly.entity_id   1
_entity_poly.type   'polypeptide(L)'
_entity_poly.pdbx_seq_one_letter_code
;MPACCSWNDVFQYETNKVTRIQSVNYGTIKWILHMTVFSYVSFALMSDKLYQRKEPLISSVHTKVKGVAEVTENVTEGGV
TKLVHGIFDTADYTLPLQGNSFFVMTNYLKSEGQEQKLCPEYPSRGKQCHSDQGCIKGWMDPQSKGIQTGRCIPYDQKRK
TCEIFAWCPAEEGKEAPRPALLRSAENFTVLIKNNIDFPGHNYTTRNILPGMNISCTFHKTWNPQCPIFRLGDIFQEIGE
NFTEVAVQGGIMGIEIYWDCNLDSWSHRCQPKYSFRRLDDKYTNESLFPGYNFRYAKYYKENGMEKRTLIKAFGVRFDIL
VFGTGGKFDIIQLVVYIGSTLSYFGLATVCIDLIINTYASTCCRSRVYPSCKCCEPCAVNEYYYRKKCEPIVEPKPTLKY
VSFVDEPHIWMVDQQLLGKSLQDVKGQEVPRPQTDFLELSRLSLSLHHSPPIPGQPEEMQLLQIEAVPRSRDSPDWCQCG
NCLPSQLPENRRALEELCCRRKPGQCITTSELFSKIVLSREALQLLLLYQEPLLALEGEAINSKLRHCAYRSYATWRFVS
QDMADFAILPSCCRWKIRKEFPKTQGQYSGFKYPYSNSAVDAGLEVLFQ
;
_entity_poly.pdbx_strand_id   A,B,C
#
# COMPACT_ATOMS: atom_id res chain seq x y z
N CYS A 5 17.16 -31.92 -15.64
CA CYS A 5 17.55 -30.52 -15.73
C CYS A 5 19.03 -30.40 -16.07
N SER A 6 19.31 -29.79 -17.22
CA SER A 6 20.66 -29.62 -17.72
C SER A 6 21.16 -28.20 -17.47
N TRP A 7 22.45 -27.99 -17.70
CA TRP A 7 23.03 -26.66 -17.55
C TRP A 7 22.49 -25.71 -18.60
N ASN A 8 22.34 -26.18 -19.84
CA ASN A 8 21.82 -25.36 -20.91
C ASN A 8 20.41 -24.85 -20.64
N ASP A 9 19.68 -25.44 -19.71
CA ASP A 9 18.34 -24.98 -19.35
C ASP A 9 18.35 -23.85 -18.32
N VAL A 10 19.49 -23.52 -17.73
CA VAL A 10 19.54 -22.46 -16.72
C VAL A 10 19.77 -21.08 -17.35
N PHE A 11 20.43 -21.03 -18.51
CA PHE A 11 20.74 -19.77 -19.18
C PHE A 11 19.64 -19.31 -20.11
N GLN A 12 18.50 -19.99 -20.14
CA GLN A 12 17.45 -19.65 -21.09
C GLN A 12 16.60 -18.51 -20.55
N TYR A 13 16.67 -17.36 -21.22
CA TYR A 13 15.87 -16.19 -20.89
C TYR A 13 14.63 -16.15 -21.76
N GLU A 14 13.48 -15.90 -21.15
CA GLU A 14 12.18 -15.95 -21.80
C GLU A 14 11.66 -14.53 -21.96
N THR A 15 11.28 -14.18 -23.19
CA THR A 15 10.90 -12.82 -23.55
C THR A 15 9.54 -12.80 -24.23
N ASN A 16 8.74 -11.80 -23.89
CA ASN A 16 7.45 -11.64 -24.53
C ASN A 16 7.61 -11.19 -25.97
N LYS A 17 6.59 -11.48 -26.78
CA LYS A 17 6.58 -11.17 -28.20
C LYS A 17 5.45 -10.19 -28.48
N VAL A 18 5.75 -9.16 -29.27
CA VAL A 18 4.85 -8.03 -29.47
C VAL A 18 4.72 -7.74 -30.96
N THR A 19 3.77 -6.87 -31.28
CA THR A 19 3.57 -6.34 -32.61
C THR A 19 3.48 -4.82 -32.51
N ARG A 20 4.10 -4.14 -33.47
CA ARG A 20 4.20 -2.69 -33.47
C ARG A 20 3.31 -2.12 -34.58
N ILE A 21 2.48 -1.14 -34.21
CA ILE A 21 1.48 -0.56 -35.10
C ILE A 21 1.83 0.90 -35.30
N GLN A 22 1.85 1.33 -36.57
CA GLN A 22 2.14 2.71 -36.94
C GLN A 22 0.81 3.38 -37.25
N SER A 23 0.23 4.06 -36.24
CA SER A 23 -1.04 4.74 -36.39
C SER A 23 -1.00 6.04 -35.60
N VAL A 24 -1.59 7.09 -36.18
CA VAL A 24 -1.52 8.41 -35.57
C VAL A 24 -2.47 8.50 -34.39
N ASN A 25 -3.66 7.90 -34.53
CA ASN A 25 -4.69 8.02 -33.49
C ASN A 25 -4.23 7.36 -32.20
N TYR A 26 -3.77 6.11 -32.28
CA TYR A 26 -3.34 5.40 -31.07
C TYR A 26 -2.11 6.04 -30.45
N GLY A 27 -1.20 6.55 -31.28
CA GLY A 27 -0.04 7.25 -30.75
C GLY A 27 -0.43 8.50 -29.99
N THR A 28 -1.33 9.31 -30.56
CA THR A 28 -1.79 10.50 -29.87
C THR A 28 -2.49 10.15 -28.57
N ILE A 29 -3.32 9.12 -28.58
CA ILE A 29 -4.02 8.70 -27.36
C ILE A 29 -3.02 8.27 -26.30
N LYS A 30 -2.02 7.46 -26.69
CA LYS A 30 -1.00 6.99 -25.77
C LYS A 30 -0.26 8.16 -25.13
N TRP A 31 0.20 9.10 -25.95
CA TRP A 31 0.99 10.20 -25.40
C TRP A 31 0.15 11.14 -24.57
N ILE A 32 -1.12 11.33 -24.94
CA ILE A 32 -2.02 12.16 -24.11
C ILE A 32 -2.18 11.54 -22.74
N LEU A 33 -2.44 10.22 -22.70
CA LEU A 33 -2.64 9.56 -21.42
C LEU A 33 -1.37 9.58 -20.58
N HIS A 34 -0.22 9.37 -21.21
CA HIS A 34 1.04 9.42 -20.48
C HIS A 34 1.29 10.82 -19.92
N MET A 35 1.06 11.86 -20.72
CA MET A 35 1.31 13.22 -20.25
C MET A 35 0.38 13.60 -19.12
N THR A 36 -0.90 13.24 -19.20
CA THR A 36 -1.81 13.62 -18.13
C THR A 36 -1.52 12.83 -16.85
N VAL A 37 -1.12 11.57 -16.97
CA VAL A 37 -0.73 10.81 -15.78
C VAL A 37 0.50 11.43 -15.15
N PHE A 38 1.50 11.80 -15.96
CA PHE A 38 2.69 12.45 -15.46
C PHE A 38 2.35 13.75 -14.76
N SER A 39 1.44 14.55 -15.34
CA SER A 39 1.04 15.81 -14.73
C SER A 39 0.36 15.56 -13.39
N TYR A 40 -0.52 14.56 -13.33
CA TYR A 40 -1.24 14.28 -12.09
C TYR A 40 -0.26 13.86 -10.98
N VAL A 41 0.64 12.94 -11.29
CA VAL A 41 1.55 12.45 -10.24
C VAL A 41 2.51 13.56 -9.80
N SER A 42 2.96 14.39 -10.74
CA SER A 42 3.84 15.50 -10.37
C SER A 42 3.10 16.51 -9.50
N PHE A 43 1.84 16.81 -9.85
CA PHE A 43 1.05 17.74 -9.05
C PHE A 43 0.84 17.20 -7.64
N ALA A 44 0.54 15.90 -7.53
CA ALA A 44 0.36 15.29 -6.22
C ALA A 44 1.64 15.35 -5.41
N LEU A 45 2.77 15.05 -6.05
CA LEU A 45 4.05 15.07 -5.35
C LEU A 45 4.39 16.48 -4.86
N MET A 46 4.09 17.50 -5.67
CA MET A 46 4.42 18.87 -5.28
C MET A 46 3.45 19.39 -4.22
N SER A 47 2.20 18.95 -4.24
CA SER A 47 1.21 19.45 -3.29
C SER A 47 1.34 18.77 -1.94
N ASP A 48 1.25 17.44 -1.91
CA ASP A 48 1.27 16.70 -0.67
C ASP A 48 2.67 16.56 -0.07
N LYS A 49 3.72 16.96 -0.79
CA LYS A 49 5.10 16.82 -0.33
C LYS A 49 5.42 15.38 0.03
N LEU A 50 5.11 14.47 -0.90
CA LEU A 50 5.40 13.06 -0.69
C LEU A 50 6.89 12.76 -0.80
N TYR A 51 7.69 13.68 -1.34
CA TYR A 51 9.13 13.52 -1.35
C TYR A 51 9.74 13.70 0.04
N GLN A 52 9.00 14.25 0.98
CA GLN A 52 9.49 14.50 2.32
C GLN A 52 9.20 13.32 3.24
N ARG A 53 10.12 13.08 4.17
CA ARG A 53 9.86 12.21 5.30
C ARG A 53 9.17 13.05 6.38
N LYS A 54 8.00 12.59 6.80
CA LYS A 54 7.18 13.27 7.79
C LYS A 54 7.28 12.55 9.11
N GLU A 55 7.22 13.30 10.21
CA GLU A 55 7.33 12.77 11.55
C GLU A 55 6.39 13.50 12.49
N PRO A 56 5.76 12.83 13.45
CA PRO A 56 4.93 13.54 14.43
C PRO A 56 5.82 14.28 15.42
N LEU A 57 5.16 14.97 16.35
CA LEU A 57 5.83 15.88 17.27
C LEU A 57 5.60 15.47 18.72
N ILE A 58 6.42 16.05 19.60
CA ILE A 58 6.27 15.93 21.04
C ILE A 58 6.08 17.33 21.60
N SER A 59 5.00 17.54 22.34
CA SER A 59 4.58 18.85 22.78
C SER A 59 4.63 18.96 24.29
N SER A 60 4.74 20.21 24.75
CA SER A 60 4.65 20.53 26.16
C SER A 60 3.98 21.89 26.29
N VAL A 61 2.91 21.94 27.07
CA VAL A 61 2.06 23.11 27.19
C VAL A 61 2.10 23.62 28.62
N HIS A 62 2.12 24.95 28.76
CA HIS A 62 1.99 25.61 30.05
C HIS A 62 1.00 26.75 29.89
N THR A 63 0.18 26.96 30.92
CA THR A 63 -0.87 27.96 30.89
C THR A 63 -0.78 28.88 32.10
N LYS A 64 -1.17 30.13 31.90
CA LYS A 64 -1.30 31.08 33.00
C LYS A 64 -2.49 31.98 32.73
N VAL A 65 -3.44 32.00 33.66
CA VAL A 65 -4.62 32.85 33.56
C VAL A 65 -4.43 34.03 34.50
N LYS A 66 -4.94 35.19 34.09
CA LYS A 66 -4.81 36.41 34.86
C LYS A 66 -6.09 37.23 34.78
N GLY A 67 -6.40 37.88 35.88
CA GLY A 67 -7.60 38.69 36.00
C GLY A 67 -8.09 38.70 37.43
N VAL A 68 -8.95 39.68 37.72
CA VAL A 68 -9.51 39.87 39.05
C VAL A 68 -11.00 40.16 38.89
N ALA A 69 -11.77 39.82 39.93
CA ALA A 69 -13.19 40.10 39.93
C ALA A 69 -13.66 40.43 41.33
N GLU A 70 -14.80 41.11 41.41
CA GLU A 70 -15.45 41.45 42.66
C GLU A 70 -16.83 40.80 42.73
N VAL A 71 -17.26 40.50 43.95
CA VAL A 71 -18.54 39.85 44.19
C VAL A 71 -19.19 40.51 45.41
N THR A 72 -20.50 40.68 45.36
CA THR A 72 -21.29 41.16 46.49
C THR A 72 -22.45 40.19 46.68
N GLU A 73 -22.55 39.60 47.88
CA GLU A 73 -23.53 38.54 48.09
C GLU A 73 -24.02 38.56 49.53
N ASN A 74 -25.31 38.27 49.69
CA ASN A 74 -25.91 38.11 51.02
C ASN A 74 -25.58 36.71 51.50
N VAL A 75 -24.47 36.59 52.22
CA VAL A 75 -23.96 35.30 52.68
C VAL A 75 -24.58 34.99 54.04
N THR A 76 -24.77 33.69 54.30
CA THR A 76 -25.39 33.19 55.51
C THR A 76 -24.39 32.36 56.29
N GLU A 77 -24.47 32.45 57.62
CA GLU A 77 -23.65 31.64 58.50
C GLU A 77 -24.23 31.71 59.91
N GLY A 78 -24.42 30.55 60.52
CA GLY A 78 -24.99 30.49 61.86
C GLY A 78 -26.35 31.13 61.97
N GLY A 79 -27.16 31.07 60.90
CA GLY A 79 -28.45 31.73 60.89
C GLY A 79 -28.40 33.22 60.70
N VAL A 80 -27.21 33.81 60.57
CA VAL A 80 -27.04 35.24 60.40
C VAL A 80 -26.74 35.50 58.93
N THR A 81 -27.55 36.33 58.29
CA THR A 81 -27.38 36.74 56.91
C THR A 81 -26.84 38.16 56.86
N LYS A 82 -25.92 38.42 55.92
CA LYS A 82 -25.38 39.76 55.79
C LYS A 82 -24.70 39.91 54.44
N LEU A 83 -24.70 41.14 53.93
CA LEU A 83 -24.07 41.44 52.66
C LEU A 83 -22.56 41.51 52.84
N VAL A 84 -21.84 40.72 52.05
CA VAL A 84 -20.39 40.63 52.10
C VAL A 84 -19.83 40.97 50.73
N HIS A 85 -18.70 41.67 50.73
CA HIS A 85 -17.98 42.09 49.53
C HIS A 85 -16.67 41.32 49.48
N GLY A 86 -16.42 40.64 48.36
CA GLY A 86 -15.28 39.77 48.24
C GLY A 86 -14.60 39.95 46.89
N ILE A 87 -13.35 39.47 46.83
CA ILE A 87 -12.49 39.59 45.67
C ILE A 87 -12.04 38.20 45.26
N PHE A 88 -11.89 38.00 43.95
CA PHE A 88 -11.43 36.74 43.38
C PHE A 88 -10.24 37.02 42.49
N ASP A 89 -9.10 36.43 42.85
CA ASP A 89 -7.84 36.53 42.14
C ASP A 89 -7.51 35.18 41.50
N THR A 90 -6.33 35.11 40.87
CA THR A 90 -5.95 33.92 40.11
C THR A 90 -5.94 32.66 40.98
N ALA A 91 -5.48 32.78 42.21
CA ALA A 91 -5.41 31.64 43.11
C ALA A 91 -6.77 31.16 43.58
N ASP A 92 -7.84 31.92 43.33
CA ASP A 92 -9.16 31.62 43.88
C ASP A 92 -10.09 30.95 42.89
N TYR A 93 -10.03 31.31 41.61
CA TYR A 93 -10.89 30.72 40.58
C TYR A 93 -10.17 29.71 39.69
N THR A 94 -8.98 29.27 40.08
CA THR A 94 -8.25 28.24 39.35
C THR A 94 -7.74 27.20 40.34
N LEU A 95 -7.53 25.99 39.81
CA LEU A 95 -6.99 24.86 40.56
C LEU A 95 -5.69 24.40 39.92
N PRO A 96 -4.73 23.91 40.71
CA PRO A 96 -3.44 23.52 40.12
C PRO A 96 -3.51 22.18 39.41
N LEU A 97 -3.98 22.19 38.15
CA LEU A 97 -4.06 20.96 37.38
C LEU A 97 -2.74 20.63 36.71
N GLN A 98 -2.06 21.64 36.17
CA GLN A 98 -0.71 21.49 35.61
C GLN A 98 -0.71 20.47 34.45
N GLY A 99 -1.40 20.85 33.39
CA GLY A 99 -1.44 20.03 32.21
C GLY A 99 -1.89 20.82 31.01
N ASN A 100 -2.34 20.09 29.99
CA ASN A 100 -2.87 20.75 28.80
C ASN A 100 -4.21 21.40 29.08
N SER A 101 -5.00 20.83 29.97
CA SER A 101 -6.30 21.38 30.34
C SER A 101 -6.17 22.31 31.54
N PHE A 102 -7.07 23.29 31.60
CA PHE A 102 -7.14 24.18 32.74
C PHE A 102 -8.57 24.64 32.94
N PHE A 103 -8.87 25.08 34.16
CA PHE A 103 -10.22 25.35 34.61
C PHE A 103 -10.35 26.81 35.01
N VAL A 104 -11.54 27.37 34.77
CA VAL A 104 -11.86 28.73 35.16
C VAL A 104 -13.26 28.74 35.74
N MET A 105 -13.39 29.23 36.96
CA MET A 105 -14.68 29.32 37.62
C MET A 105 -15.45 30.53 37.09
N THR A 106 -16.73 30.31 36.77
CA THR A 106 -17.63 31.37 36.34
C THR A 106 -18.83 31.54 37.28
N ASN A 107 -19.14 30.55 38.10
CA ASN A 107 -20.22 30.65 39.05
C ASN A 107 -19.98 29.66 40.17
N TYR A 108 -20.51 29.96 41.35
CA TYR A 108 -20.26 29.11 42.51
C TYR A 108 -21.47 29.14 43.44
N LEU A 109 -21.47 28.18 44.36
CA LEU A 109 -22.54 28.05 45.34
C LEU A 109 -21.93 27.34 46.55
N LYS A 110 -21.78 28.06 47.66
CA LYS A 110 -20.99 27.60 48.77
C LYS A 110 -21.81 27.54 50.05
N SER A 111 -21.38 26.65 50.95
CA SER A 111 -22.00 26.48 52.26
C SER A 111 -20.88 26.30 53.27
N GLU A 112 -20.84 27.16 54.28
CA GLU A 112 -19.76 27.22 55.25
C GLU A 112 -20.29 26.95 56.65
N GLY A 113 -19.36 26.68 57.56
CA GLY A 113 -19.71 26.34 58.93
C GLY A 113 -20.14 24.92 59.16
N GLN A 114 -19.85 24.01 58.22
CA GLN A 114 -20.29 22.64 58.33
C GLN A 114 -19.52 21.93 59.44
N GLU A 115 -20.23 21.07 60.19
CA GLU A 115 -19.62 20.27 61.24
C GLU A 115 -20.39 18.96 61.34
N GLN A 116 -19.68 17.89 61.70
CA GLN A 116 -20.27 16.56 61.74
C GLN A 116 -21.15 16.43 62.97
N LYS A 117 -22.44 16.19 62.76
CA LYS A 117 -23.38 16.06 63.87
C LYS A 117 -24.70 15.53 63.31
N LEU A 118 -25.68 15.41 64.20
CA LEU A 118 -27.05 15.04 63.83
C LEU A 118 -27.81 16.30 63.44
N CYS A 119 -28.55 16.24 62.34
CA CYS A 119 -29.41 17.34 61.96
C CYS A 119 -30.50 16.84 61.01
N PRO A 120 -31.56 17.63 60.80
CA PRO A 120 -32.58 17.22 59.83
C PRO A 120 -32.14 17.48 58.41
N GLU A 121 -32.67 16.69 57.49
CA GLU A 121 -32.42 16.86 56.08
C GLU A 121 -33.32 17.95 55.52
N TYR A 122 -32.79 18.71 54.57
CA TYR A 122 -33.55 19.77 53.95
C TYR A 122 -34.68 19.16 53.12
N PRO A 123 -35.95 19.56 53.32
CA PRO A 123 -37.02 18.91 52.56
C PRO A 123 -37.03 19.30 51.10
N SER A 124 -36.62 18.37 50.23
CA SER A 124 -36.61 18.59 48.80
C SER A 124 -37.98 18.27 48.21
N ARG A 125 -38.06 18.28 46.88
CA ARG A 125 -39.31 17.96 46.19
C ARG A 125 -39.58 16.46 46.33
N GLY A 126 -40.53 16.11 47.21
CA GLY A 126 -40.91 14.72 47.41
C GLY A 126 -40.22 14.03 48.57
N LYS A 127 -39.39 14.74 49.34
CA LYS A 127 -38.68 14.16 50.47
C LYS A 127 -39.31 14.51 51.81
N GLN A 128 -40.55 15.02 51.80
CA GLN A 128 -41.25 15.29 53.05
C GLN A 128 -41.54 14.01 53.81
N CYS A 129 -41.73 14.14 55.11
CA CYS A 129 -42.03 12.99 55.96
C CYS A 129 -42.63 13.49 57.26
N HIS A 130 -43.88 13.07 57.53
CA HIS A 130 -44.58 13.39 58.76
C HIS A 130 -44.85 12.16 59.62
N SER A 131 -44.11 11.07 59.40
CA SER A 131 -44.30 9.81 60.12
C SER A 131 -42.94 9.30 60.57
N ASP A 132 -42.78 9.15 61.88
CA ASP A 132 -41.50 8.69 62.43
C ASP A 132 -41.23 7.22 62.12
N GLN A 133 -42.26 6.43 61.82
CA GLN A 133 -42.08 5.01 61.54
C GLN A 133 -41.74 4.73 60.08
N GLY A 134 -41.98 5.69 59.18
CA GLY A 134 -41.73 5.44 57.77
C GLY A 134 -40.25 5.32 57.44
N CYS A 135 -39.41 6.08 58.15
CA CYS A 135 -37.99 6.05 57.88
C CYS A 135 -37.38 4.70 58.25
N ILE A 136 -36.17 4.46 57.75
CA ILE A 136 -35.43 3.23 58.01
C ILE A 136 -34.01 3.61 58.46
N LYS A 137 -33.48 2.84 59.41
CA LYS A 137 -32.15 3.10 59.94
C LYS A 137 -31.07 2.58 59.00
N GLY A 138 -29.99 3.33 58.91
CA GLY A 138 -28.82 2.90 58.17
C GLY A 138 -29.06 2.66 56.70
N TRP A 139 -29.87 3.52 56.07
CA TRP A 139 -30.19 3.42 54.65
C TRP A 139 -29.54 4.58 53.90
N MET A 140 -28.84 4.26 52.82
CA MET A 140 -28.14 5.24 52.01
C MET A 140 -28.59 5.12 50.56
N ASP A 141 -28.75 6.25 49.90
CA ASP A 141 -29.08 6.32 48.49
C ASP A 141 -28.41 7.55 47.89
N PRO A 142 -28.27 7.61 46.57
CA PRO A 142 -27.80 8.85 45.96
C PRO A 142 -28.80 9.98 46.19
N GLN A 143 -28.34 11.21 45.94
CA GLN A 143 -29.09 12.42 46.22
C GLN A 143 -29.42 12.59 47.69
N SER A 144 -28.65 11.95 48.57
CA SER A 144 -28.84 12.03 50.01
C SER A 144 -27.54 12.52 50.64
N LYS A 145 -27.64 13.52 51.50
CA LYS A 145 -26.47 14.14 52.09
C LYS A 145 -25.94 13.39 53.31
N GLY A 146 -26.58 12.30 53.72
CA GLY A 146 -26.13 11.61 54.91
C GLY A 146 -26.83 10.28 55.10
N ILE A 147 -26.49 9.64 56.21
CA ILE A 147 -27.08 8.35 56.59
C ILE A 147 -28.33 8.61 57.42
N GLN A 148 -29.39 7.86 57.14
CA GLN A 148 -30.65 8.08 57.82
C GLN A 148 -30.67 7.38 59.18
N THR A 149 -31.45 7.93 60.10
CA THR A 149 -31.58 7.42 61.46
C THR A 149 -33.06 7.27 61.78
N GLY A 150 -33.35 6.30 62.67
CA GLY A 150 -34.73 5.97 62.97
C GLY A 150 -35.52 7.12 63.58
N ARG A 151 -34.84 8.02 64.29
CA ARG A 151 -35.54 9.13 64.91
C ARG A 151 -36.00 10.13 63.84
N CYS A 152 -36.77 11.11 64.29
CA CYS A 152 -37.31 12.15 63.44
C CYS A 152 -37.29 13.46 64.21
N ILE A 153 -37.17 14.57 63.48
CA ILE A 153 -37.10 15.89 64.10
C ILE A 153 -37.67 16.94 63.15
N PRO A 154 -38.04 18.13 63.64
CA PRO A 154 -38.57 19.16 62.73
C PRO A 154 -37.48 20.06 62.18
N TYR A 155 -37.47 20.27 60.87
CA TYR A 155 -36.51 21.20 60.26
C TYR A 155 -36.91 22.64 60.53
N ASP A 156 -38.20 22.91 60.68
CA ASP A 156 -38.70 24.26 60.93
C ASP A 156 -40.12 24.13 61.46
N GLN A 157 -40.67 25.26 61.91
CA GLN A 157 -42.06 25.29 62.35
C GLN A 157 -42.98 24.86 61.21
N LYS A 158 -43.78 23.83 61.47
CA LYS A 158 -44.68 23.21 60.50
C LYS A 158 -43.92 22.45 59.41
N ARG A 159 -42.71 21.99 59.71
CA ARG A 159 -41.91 21.19 58.80
C ARG A 159 -41.35 19.99 59.56
N LYS A 160 -41.42 18.82 58.94
CA LYS A 160 -40.97 17.57 59.55
C LYS A 160 -40.12 16.80 58.54
N THR A 161 -38.89 16.47 58.94
CA THR A 161 -37.95 15.78 58.07
C THR A 161 -37.19 14.73 58.88
N CYS A 162 -36.54 13.82 58.15
CA CYS A 162 -35.79 12.74 58.76
C CYS A 162 -34.45 13.24 59.28
N GLU A 163 -33.98 12.62 60.35
CA GLU A 163 -32.68 12.97 60.92
C GLU A 163 -31.56 12.27 60.16
N ILE A 164 -30.38 12.88 60.18
CA ILE A 164 -29.20 12.31 59.54
C ILE A 164 -27.96 12.73 60.31
N PHE A 165 -27.02 11.79 60.43
CA PHE A 165 -25.68 12.05 60.95
C PHE A 165 -24.81 12.43 59.75
N ALA A 166 -24.49 13.71 59.64
CA ALA A 166 -23.70 14.19 58.50
C ALA A 166 -23.21 15.58 58.82
N TRP A 167 -22.67 16.26 57.80
CA TRP A 167 -22.28 17.64 57.94
C TRP A 167 -23.51 18.54 58.03
N CYS A 168 -23.51 19.41 59.03
CA CYS A 168 -24.63 20.27 59.34
C CYS A 168 -24.11 21.69 59.54
N PRO A 169 -24.82 22.71 59.04
CA PRO A 169 -26.08 22.76 58.30
C PRO A 169 -25.98 22.18 56.89
N ALA A 170 -26.84 21.21 56.59
CA ALA A 170 -26.73 20.47 55.35
C ALA A 170 -27.02 21.36 54.15
N GLU A 171 -26.29 21.10 53.07
CA GLU A 171 -26.50 21.85 51.84
C GLU A 171 -27.87 21.53 51.26
N GLU A 172 -28.50 22.54 50.69
CA GLU A 172 -29.85 22.44 50.15
C GLU A 172 -29.78 22.57 48.64
N GLY A 173 -30.48 21.68 47.93
CA GLY A 173 -30.49 21.70 46.48
C GLY A 173 -31.05 22.98 45.91
N LYS A 174 -30.18 23.76 45.27
CA LYS A 174 -30.55 25.01 44.64
C LYS A 174 -30.12 25.00 43.18
N GLU A 175 -30.91 25.66 42.34
CA GLU A 175 -30.50 25.89 40.98
C GLU A 175 -29.38 26.93 40.94
N ALA A 176 -28.69 26.98 39.82
CA ALA A 176 -27.57 27.91 39.69
C ALA A 176 -28.08 29.35 39.73
N PRO A 177 -27.40 30.26 40.43
CA PRO A 177 -27.89 31.64 40.48
C PRO A 177 -27.65 32.35 39.15
N ARG A 178 -28.72 32.97 38.64
CA ARG A 178 -28.67 33.78 37.43
C ARG A 178 -29.11 35.20 37.79
N PRO A 179 -28.36 36.25 37.42
CA PRO A 179 -27.10 36.32 36.67
C PRO A 179 -25.91 35.79 37.46
N ALA A 180 -24.88 35.31 36.74
CA ALA A 180 -23.72 34.73 37.39
C ALA A 180 -22.96 35.79 38.19
N LEU A 181 -22.08 35.31 39.06
CA LEU A 181 -21.25 36.18 39.88
C LEU A 181 -19.98 36.59 39.15
N LEU A 182 -19.32 35.62 38.50
CA LEU A 182 -18.06 35.86 37.81
C LEU A 182 -18.25 35.93 36.30
N ARG A 183 -19.34 36.55 35.85
CA ARG A 183 -19.48 36.87 34.42
C ARG A 183 -18.36 37.79 33.95
N SER A 184 -17.79 38.59 34.87
CA SER A 184 -16.63 39.42 34.59
C SER A 184 -15.45 38.63 34.04
N ALA A 185 -15.43 37.31 34.21
CA ALA A 185 -14.40 36.45 33.63
C ALA A 185 -14.39 36.46 32.10
N GLU A 186 -15.37 37.11 31.47
CA GLU A 186 -15.26 37.34 30.04
C GLU A 186 -14.13 38.29 29.68
N ASN A 187 -13.56 39.01 30.65
CA ASN A 187 -12.45 39.94 30.41
C ASN A 187 -11.12 39.44 30.94
N PHE A 188 -11.05 38.22 31.49
CA PHE A 188 -9.77 37.69 31.90
C PHE A 188 -8.90 37.40 30.69
N THR A 189 -7.64 37.09 30.95
CA THR A 189 -6.65 36.83 29.91
C THR A 189 -5.94 35.52 30.18
N VAL A 190 -5.43 34.91 29.11
CA VAL A 190 -4.71 33.65 29.16
C VAL A 190 -3.37 33.82 28.44
N LEU A 191 -2.40 33.01 28.85
CA LEU A 191 -1.13 32.89 28.17
C LEU A 191 -0.81 31.42 28.02
N ILE A 192 -0.53 31.01 26.78
CA ILE A 192 -0.30 29.61 26.43
C ILE A 192 1.10 29.51 25.83
N LYS A 193 1.95 28.72 26.46
CA LYS A 193 3.33 28.52 26.04
C LYS A 193 3.48 27.07 25.60
N ASN A 194 3.73 26.86 24.32
CA ASN A 194 3.83 25.53 23.73
C ASN A 194 5.22 25.35 23.13
N ASN A 195 5.92 24.32 23.59
CA ASN A 195 7.20 23.91 23.01
C ASN A 195 7.00 22.59 22.29
N ILE A 196 7.43 22.53 21.03
CA ILE A 196 7.26 21.34 20.21
C ILE A 196 8.62 20.89 19.69
N ASP A 197 8.77 19.57 19.55
CA ASP A 197 10.03 18.95 19.19
C ASP A 197 9.77 17.83 18.20
N PHE A 198 10.47 17.88 17.07
CA PHE A 198 10.59 16.78 16.12
C PHE A 198 11.90 16.07 16.41
N PRO A 199 11.92 14.89 17.08
CA PRO A 199 13.19 14.28 17.46
C PRO A 199 13.99 13.77 16.28
N GLY A 200 13.33 13.08 15.35
CA GLY A 200 14.03 12.49 14.22
C GLY A 200 14.72 13.53 13.37
N HIS A 201 14.04 14.61 13.05
CA HIS A 201 14.66 15.73 12.34
C HIS A 201 15.50 16.61 13.25
N ASN A 202 15.44 16.41 14.56
CA ASN A 202 16.28 17.15 15.52
C ASN A 202 15.97 18.65 15.48
N TYR A 203 14.68 18.98 15.59
CA TYR A 203 14.23 20.37 15.53
C TYR A 203 13.36 20.67 16.75
N THR A 204 13.55 21.84 17.34
CA THR A 204 12.79 22.28 18.49
C THR A 204 12.38 23.73 18.27
N THR A 205 11.13 24.05 18.61
CA THR A 205 10.69 25.44 18.48
C THR A 205 9.53 25.70 19.43
N ARG A 206 9.09 26.95 19.45
CA ARG A 206 8.11 27.45 20.39
C ARG A 206 7.27 28.51 19.69
N ASN A 207 6.02 28.63 20.11
CA ASN A 207 5.10 29.55 19.44
C ASN A 207 5.51 31.00 19.64
N ILE A 208 6.05 31.33 20.79
CA ILE A 208 6.52 32.68 21.08
C ILE A 208 7.80 32.95 20.32
N LEU A 209 7.93 34.17 19.81
CA LEU A 209 9.10 34.63 19.10
C LEU A 209 9.60 35.92 19.73
N PRO A 210 10.86 36.30 19.51
CA PRO A 210 11.36 37.52 20.13
C PRO A 210 10.71 38.76 19.54
N GLY A 211 10.44 39.73 20.41
CA GLY A 211 9.96 41.04 20.00
C GLY A 211 8.47 41.27 20.18
N MET A 212 7.69 40.23 20.44
CA MET A 212 6.25 40.42 20.59
C MET A 212 5.97 41.27 21.83
N ASN A 213 5.05 42.21 21.67
CA ASN A 213 4.59 43.00 22.81
C ASN A 213 3.69 42.15 23.70
N ILE A 214 4.02 42.11 25.00
CA ILE A 214 3.23 41.34 25.94
C ILE A 214 1.85 41.95 26.18
N SER A 215 1.63 43.21 25.78
CA SER A 215 0.32 43.84 25.85
C SER A 215 -0.42 43.65 24.52
N CYS A 216 -0.48 42.39 24.10
CA CYS A 216 -1.16 42.01 22.86
C CYS A 216 -2.34 41.12 23.20
N THR A 217 -3.18 40.89 22.20
CA THR A 217 -4.33 40.01 22.32
C THR A 217 -4.60 39.37 20.97
N PHE A 218 -4.93 38.09 20.98
CA PHE A 218 -5.15 37.34 19.76
C PHE A 218 -6.33 37.91 18.98
N HIS A 219 -6.10 38.19 17.71
CA HIS A 219 -7.16 38.52 16.77
C HIS A 219 -6.94 37.71 15.50
N LYS A 220 -8.04 37.38 14.83
CA LYS A 220 -7.99 36.45 13.71
C LYS A 220 -7.18 37.00 12.55
N THR A 221 -7.15 38.33 12.39
CA THR A 221 -6.49 38.99 11.27
C THR A 221 -5.51 40.06 11.69
N TRP A 222 -5.80 40.80 12.77
CA TRP A 222 -4.93 41.90 13.18
C TRP A 222 -3.60 41.38 13.73
N ASN A 223 -3.66 40.59 14.81
CA ASN A 223 -2.48 40.09 15.50
C ASN A 223 -2.65 38.59 15.72
N PRO A 224 -2.48 37.79 14.67
CA PRO A 224 -2.75 36.34 14.81
C PRO A 224 -1.76 35.62 15.71
N GLN A 225 -0.46 35.88 15.56
CA GLN A 225 0.56 35.16 16.31
C GLN A 225 0.91 35.91 17.60
N CYS A 226 -0.12 36.13 18.41
CA CYS A 226 0.00 36.60 19.77
C CYS A 226 -0.63 35.56 20.68
N PRO A 227 0.16 34.79 21.44
CA PRO A 227 -0.44 33.64 22.16
C PRO A 227 -1.41 34.03 23.26
N ILE A 228 -1.51 35.32 23.59
CA ILE A 228 -2.45 35.74 24.62
C ILE A 228 -3.85 35.80 24.04
N PHE A 229 -4.82 35.28 24.80
CA PHE A 229 -6.20 35.20 24.40
C PHE A 229 -7.07 35.92 25.42
N ARG A 230 -8.28 36.27 24.98
CA ARG A 230 -9.32 36.79 25.86
C ARG A 230 -10.50 35.82 25.84
N LEU A 231 -10.99 35.47 27.02
CA LEU A 231 -11.97 34.40 27.13
C LEU A 231 -13.30 34.76 26.48
N GLY A 232 -13.59 36.04 26.30
CA GLY A 232 -14.79 36.43 25.60
C GLY A 232 -14.68 36.22 24.10
N ASP A 233 -13.50 36.51 23.54
CA ASP A 233 -13.31 36.38 22.10
C ASP A 233 -13.39 34.93 21.65
N ILE A 234 -12.97 33.98 22.49
CA ILE A 234 -13.01 32.58 22.12
C ILE A 234 -14.45 32.14 21.86
N PHE A 235 -15.40 32.67 22.64
CA PHE A 235 -16.81 32.38 22.42
C PHE A 235 -17.39 33.25 21.32
N GLN A 236 -16.88 34.47 21.17
CA GLN A 236 -17.41 35.39 20.17
C GLN A 236 -17.12 34.91 18.76
N GLU A 237 -15.95 34.29 18.55
CA GLU A 237 -15.58 33.83 17.22
C GLU A 237 -16.53 32.75 16.72
N ILE A 238 -17.01 31.90 17.63
CA ILE A 238 -17.88 30.79 17.25
C ILE A 238 -19.33 31.22 17.15
N GLY A 239 -19.75 32.16 17.99
CA GLY A 239 -21.13 32.58 18.11
C GLY A 239 -21.77 32.25 19.44
N GLU A 240 -21.06 31.63 20.37
CA GLU A 240 -21.62 31.32 21.67
C GLU A 240 -21.67 32.57 22.54
N ASN A 241 -22.51 32.52 23.56
CA ASN A 241 -22.63 33.62 24.50
C ASN A 241 -22.06 33.19 25.84
N PHE A 242 -21.10 33.96 26.33
CA PHE A 242 -20.44 33.63 27.59
C PHE A 242 -21.35 33.84 28.78
N THR A 243 -22.18 34.89 28.74
CA THR A 243 -23.07 35.19 29.85
C THR A 243 -24.12 34.10 30.07
N GLU A 244 -24.45 33.33 29.04
CA GLU A 244 -25.38 32.22 29.17
C GLU A 244 -24.69 30.94 29.60
N VAL A 245 -23.45 30.73 29.14
CA VAL A 245 -22.69 29.56 29.52
C VAL A 245 -22.20 29.66 30.97
N ALA A 246 -22.06 30.87 31.49
CA ALA A 246 -21.49 31.05 32.82
C ALA A 246 -22.38 30.47 33.90
N VAL A 247 -23.70 30.49 33.69
CA VAL A 247 -24.63 30.03 34.72
C VAL A 247 -24.47 28.53 34.93
N GLN A 248 -24.45 27.77 33.85
CA GLN A 248 -24.16 26.34 33.86
C GLN A 248 -23.02 26.11 32.88
N GLY A 249 -21.85 25.76 33.41
CA GLY A 249 -20.65 25.77 32.62
C GLY A 249 -20.67 24.78 31.48
N GLY A 250 -19.68 24.91 30.62
CA GLY A 250 -19.55 24.06 29.45
C GLY A 250 -18.11 23.98 29.00
N ILE A 251 -17.79 22.89 28.35
CA ILE A 251 -16.42 22.60 27.95
C ILE A 251 -16.10 23.30 26.65
N MET A 252 -14.85 23.75 26.53
CA MET A 252 -14.33 24.41 25.35
C MET A 252 -13.02 23.72 24.98
N GLY A 253 -12.60 23.90 23.72
CA GLY A 253 -11.39 23.27 23.24
C GLY A 253 -10.62 24.15 22.28
N ILE A 254 -9.31 24.18 22.45
CA ILE A 254 -8.40 24.97 21.63
C ILE A 254 -7.52 24.00 20.86
N GLU A 255 -7.25 24.32 19.60
CA GLU A 255 -6.45 23.50 18.71
C GLU A 255 -5.29 24.33 18.17
N ILE A 256 -4.11 23.72 18.15
CA ILE A 256 -2.88 24.38 17.73
C ILE A 256 -2.30 23.50 16.63
N TYR A 257 -2.55 23.88 15.38
CA TYR A 257 -2.12 23.11 14.23
C TYR A 257 -0.72 23.54 13.82
N TRP A 258 0.20 22.59 13.82
CA TRP A 258 1.57 22.78 13.36
C TRP A 258 1.78 21.99 12.09
N ASP A 259 2.01 22.70 10.99
CA ASP A 259 2.33 22.08 9.70
C ASP A 259 3.44 22.88 9.06
N CYS A 260 4.60 22.25 8.86
CA CYS A 260 5.73 22.97 8.31
C CYS A 260 6.74 21.99 7.73
N ASN A 261 7.59 22.53 6.86
CA ASN A 261 8.61 21.77 6.15
C ASN A 261 9.97 22.31 6.56
N LEU A 262 10.85 21.42 7.02
CA LEU A 262 12.14 21.82 7.59
C LEU A 262 13.22 21.80 6.52
N ASP A 263 12.93 22.49 5.41
CA ASP A 263 13.85 22.64 4.30
C ASP A 263 14.37 24.06 4.25
N SER A 264 15.65 24.21 3.92
CA SER A 264 16.30 25.51 4.00
C SER A 264 15.70 26.51 3.01
N TRP A 265 15.24 26.04 1.86
CA TRP A 265 14.67 26.95 0.86
C TRP A 265 13.24 27.35 1.19
N SER A 266 12.54 26.55 2.00
CA SER A 266 11.18 26.86 2.45
C SER A 266 11.07 26.44 3.91
N HIS A 267 11.27 27.39 4.82
CA HIS A 267 11.24 27.14 6.26
C HIS A 267 10.31 28.17 6.92
N ARG A 268 9.04 27.81 7.01
CA ARG A 268 8.06 28.56 7.79
C ARG A 268 7.32 27.59 8.70
N CYS A 269 7.59 27.67 10.00
CA CYS A 269 6.92 26.85 10.99
C CYS A 269 6.25 27.78 12.01
N GLN A 270 4.94 27.91 11.89
CA GLN A 270 4.15 28.81 12.71
C GLN A 270 2.88 28.06 13.13
N PRO A 271 2.35 28.34 14.32
CA PRO A 271 1.13 27.66 14.74
C PRO A 271 -0.12 28.37 14.24
N LYS A 272 -1.14 27.57 13.95
CA LYS A 272 -2.47 28.08 13.63
C LYS A 272 -3.42 27.75 14.77
N TYR A 273 -4.08 28.77 15.31
CA TYR A 273 -4.98 28.60 16.44
C TYR A 273 -6.41 28.47 15.96
N SER A 274 -7.14 27.51 16.51
CA SER A 274 -8.54 27.29 16.20
C SER A 274 -9.30 26.96 17.47
N PHE A 275 -10.61 27.15 17.43
CA PHE A 275 -11.47 26.97 18.58
C PHE A 275 -12.61 26.01 18.23
N ARG A 276 -13.12 25.34 19.25
CA ARG A 276 -14.21 24.39 19.05
C ARG A 276 -14.91 24.18 20.38
N ARG A 277 -16.19 23.84 20.32
CA ARG A 277 -16.97 23.51 21.51
C ARG A 277 -17.20 22.01 21.53
N LEU A 278 -16.79 21.37 22.62
CA LEU A 278 -16.87 19.92 22.76
C LEU A 278 -18.17 19.48 23.43
N ASP A 279 -18.63 20.24 24.42
CA ASP A 279 -19.88 19.91 25.08
C ASP A 279 -21.05 20.14 24.14
N ASP A 280 -22.22 19.64 24.55
CA ASP A 280 -23.42 19.78 23.73
C ASP A 280 -24.04 21.16 23.97
N LYS A 281 -24.57 21.73 22.89
CA LYS A 281 -25.22 23.04 22.99
C LYS A 281 -26.55 22.85 23.71
N TYR A 282 -26.54 23.00 25.03
CA TYR A 282 -27.69 22.66 25.86
C TYR A 282 -28.70 23.79 25.88
N THR A 283 -29.93 23.44 26.22
CA THR A 283 -31.03 24.38 26.32
C THR A 283 -31.96 23.89 27.42
N ASN A 284 -33.05 24.62 27.63
CA ASN A 284 -34.06 24.19 28.58
C ASN A 284 -34.61 22.82 28.17
N GLU A 285 -35.05 22.06 29.17
CA GLU A 285 -35.61 20.72 29.06
C GLU A 285 -34.55 19.65 28.84
N SER A 286 -33.27 20.02 28.68
CA SER A 286 -32.22 19.02 28.60
C SER A 286 -32.00 18.37 29.96
N LEU A 287 -31.40 17.18 29.95
CA LEU A 287 -31.28 16.39 31.18
C LEU A 287 -30.10 16.84 32.02
N PHE A 288 -28.88 16.66 31.50
CA PHE A 288 -27.64 16.90 32.24
C PHE A 288 -26.87 17.98 31.49
N PRO A 289 -27.21 19.27 31.68
CA PRO A 289 -26.69 20.29 30.77
C PRO A 289 -25.36 20.91 31.17
N GLY A 290 -25.00 20.84 32.45
CA GLY A 290 -23.96 21.68 32.99
C GLY A 290 -22.76 20.90 33.49
N TYR A 291 -21.61 21.56 33.42
CA TYR A 291 -20.37 21.07 34.01
C TYR A 291 -20.20 21.69 35.39
N ASN A 292 -20.12 20.87 36.42
CA ASN A 292 -19.92 21.36 37.77
C ASN A 292 -19.16 20.31 38.58
N PHE A 293 -18.61 20.76 39.70
CA PHE A 293 -17.97 19.82 40.63
C PHE A 293 -17.85 20.45 41.99
N ARG A 294 -17.76 19.60 43.01
CA ARG A 294 -17.70 20.01 44.40
C ARG A 294 -16.28 19.89 44.94
N TYR A 295 -15.91 20.82 45.83
CA TYR A 295 -14.65 20.71 46.55
C TYR A 295 -14.77 21.50 47.84
N ALA A 296 -13.95 21.11 48.82
CA ALA A 296 -14.06 21.61 50.19
C ALA A 296 -12.74 22.19 50.66
N LYS A 297 -12.85 23.19 51.54
CA LYS A 297 -11.73 23.76 52.27
C LYS A 297 -11.90 23.43 53.74
N TYR A 298 -10.97 22.68 54.31
CA TYR A 298 -11.04 22.27 55.70
C TYR A 298 -10.30 23.27 56.60
N TYR A 299 -10.74 23.33 57.85
CA TYR A 299 -10.08 24.13 58.88
C TYR A 299 -10.64 23.68 60.23
N LYS A 300 -10.29 24.42 61.28
CA LYS A 300 -10.83 24.14 62.60
C LYS A 300 -10.70 25.38 63.46
N GLU A 301 -11.67 25.57 64.36
CA GLU A 301 -11.69 26.69 65.29
C GLU A 301 -12.18 26.20 66.64
N ASN A 302 -11.45 26.56 67.69
CA ASN A 302 -11.80 26.18 69.06
C ASN A 302 -11.83 24.66 69.23
N GLY A 303 -10.84 24.00 68.65
CA GLY A 303 -10.72 22.56 68.78
C GLY A 303 -11.89 21.78 68.20
N MET A 304 -12.26 22.08 66.96
CA MET A 304 -13.37 21.40 66.31
C MET A 304 -13.18 21.51 64.80
N GLU A 305 -13.29 20.39 64.11
CA GLU A 305 -13.10 20.36 62.67
C GLU A 305 -14.30 20.98 61.96
N LYS A 306 -14.02 21.67 60.85
CA LYS A 306 -15.06 22.29 60.05
C LYS A 306 -14.60 22.32 58.60
N ARG A 307 -15.57 22.47 57.69
CA ARG A 307 -15.27 22.59 56.28
C ARG A 307 -16.18 23.64 55.66
N THR A 308 -15.74 24.16 54.53
CA THR A 308 -16.52 25.02 53.66
C THR A 308 -16.62 24.37 52.30
N LEU A 309 -17.83 23.96 51.92
CA LEU A 309 -18.08 23.26 50.67
C LEU A 309 -18.43 24.26 49.58
N ILE A 310 -17.96 23.99 48.37
CA ILE A 310 -18.20 24.85 47.21
C ILE A 310 -18.55 23.97 46.04
N LYS A 311 -19.75 24.13 45.51
CA LYS A 311 -20.13 23.58 44.20
C LYS A 311 -19.82 24.65 43.15
N ALA A 312 -18.88 24.33 42.26
CA ALA A 312 -18.36 25.28 41.30
C ALA A 312 -18.81 24.89 39.90
N PHE A 313 -19.40 25.86 39.19
CA PHE A 313 -19.69 25.78 37.78
C PHE A 313 -18.68 26.63 37.03
N GLY A 314 -18.11 26.06 35.97
CA GLY A 314 -17.12 26.79 35.21
C GLY A 314 -16.72 26.04 33.96
N VAL A 315 -16.20 26.79 33.01
CA VAL A 315 -15.74 26.25 31.74
C VAL A 315 -14.46 25.44 31.96
N ARG A 316 -14.06 24.68 30.94
CA ARG A 316 -12.84 23.88 30.99
C ARG A 316 -12.27 23.83 29.58
N PHE A 317 -11.08 24.39 29.41
CA PHE A 317 -10.44 24.50 28.11
C PHE A 317 -9.49 23.33 27.93
N ASP A 318 -9.80 22.43 27.01
CA ASP A 318 -8.98 21.26 26.71
C ASP A 318 -8.12 21.57 25.50
N ILE A 319 -6.86 21.88 25.74
CA ILE A 319 -5.93 22.20 24.66
C ILE A 319 -5.55 20.92 23.94
N LEU A 320 -5.48 21.01 22.61
CA LEU A 320 -5.21 19.87 21.75
C LEU A 320 -4.13 20.27 20.76
N VAL A 321 -3.02 19.52 20.76
CA VAL A 321 -1.87 19.82 19.92
C VAL A 321 -1.66 18.64 18.99
N PHE A 322 -1.65 18.91 17.69
CA PHE A 322 -1.44 17.89 16.67
C PHE A 322 -0.75 18.53 15.48
N GLY A 323 0.16 17.78 14.86
CA GLY A 323 0.90 18.29 13.73
C GLY A 323 1.83 17.24 13.17
N THR A 324 2.56 17.63 12.13
CA THR A 324 3.52 16.75 11.49
C THR A 324 4.57 17.62 10.80
N GLY A 325 5.84 17.27 10.99
CA GLY A 325 6.96 18.01 10.44
C GLY A 325 7.65 17.19 9.36
N GLY A 326 7.86 17.81 8.21
CA GLY A 326 8.45 17.15 7.06
C GLY A 326 9.81 17.71 6.74
N LYS A 327 10.70 16.83 6.25
CA LYS A 327 11.99 17.27 5.75
C LYS A 327 12.37 16.41 4.54
N PHE A 328 13.17 17.00 3.64
CA PHE A 328 13.51 16.35 2.39
C PHE A 328 14.18 15.00 2.63
N ASP A 329 13.78 14.01 1.84
CA ASP A 329 14.29 12.65 1.94
C ASP A 329 14.32 12.05 0.55
N ILE A 330 15.33 11.24 0.29
CA ILE A 330 15.57 10.74 -1.07
C ILE A 330 14.89 9.39 -1.31
N ILE A 331 14.75 8.55 -0.29
CA ILE A 331 14.19 7.22 -0.51
C ILE A 331 12.69 7.30 -0.79
N GLN A 332 12.00 8.29 -0.23
CA GLN A 332 10.57 8.43 -0.48
C GLN A 332 10.30 8.73 -1.95
N LEU A 333 11.19 9.50 -2.58
CA LEU A 333 11.08 9.74 -4.02
C LEU A 333 11.10 8.42 -4.79
N VAL A 334 12.09 7.57 -4.49
CA VAL A 334 12.21 6.28 -5.16
C VAL A 334 10.96 5.44 -4.92
N VAL A 335 10.44 5.49 -3.69
CA VAL A 335 9.23 4.72 -3.38
C VAL A 335 8.06 5.21 -4.21
N TYR A 336 7.99 6.51 -4.48
CA TYR A 336 6.89 7.05 -5.26
C TYR A 336 7.03 6.70 -6.75
N ILE A 337 8.26 6.79 -7.27
CA ILE A 337 8.49 6.41 -8.66
C ILE A 337 8.20 4.92 -8.85
N GLY A 338 8.48 4.12 -7.82
CA GLY A 338 8.14 2.70 -7.89
C GLY A 338 6.64 2.46 -8.01
N SER A 339 5.85 3.38 -7.47
CA SER A 339 4.40 3.20 -7.47
C SER A 339 3.76 3.72 -8.75
N THR A 340 4.35 4.75 -9.36
CA THR A 340 3.75 5.34 -10.56
C THR A 340 3.71 4.35 -11.73
N LEU A 341 4.62 3.38 -11.74
CA LEU A 341 4.74 2.49 -12.90
C LEU A 341 3.49 1.66 -13.11
N SER A 342 2.83 1.27 -12.01
CA SER A 342 1.59 0.52 -12.14
C SER A 342 0.49 1.38 -12.76
N TYR A 343 0.46 2.66 -12.42
CA TYR A 343 -0.52 3.57 -13.00
C TYR A 343 -0.27 3.77 -14.49
N PHE A 344 0.98 3.66 -14.93
CA PHE A 344 1.32 4.03 -16.30
C PHE A 344 0.75 3.09 -17.37
N GLY A 345 0.02 2.02 -17.02
CA GLY A 345 -0.50 1.07 -18.00
C GLY A 345 -1.85 1.42 -18.61
N LEU A 346 -2.34 2.65 -18.38
CA LEU A 346 -3.68 3.02 -18.80
C LEU A 346 -3.82 2.99 -20.31
N ALA A 347 -2.85 3.55 -21.04
CA ALA A 347 -2.94 3.60 -22.49
C ALA A 347 -2.99 2.19 -23.07
N THR A 348 -2.10 1.31 -22.60
CA THR A 348 -2.07 -0.06 -23.09
C THR A 348 -3.40 -0.75 -22.88
N VAL A 349 -3.91 -0.74 -21.64
CA VAL A 349 -5.12 -1.50 -21.36
C VAL A 349 -6.31 -0.90 -22.11
N CYS A 350 -6.38 0.43 -22.21
CA CYS A 350 -7.52 1.06 -22.87
C CYS A 350 -7.52 0.75 -24.37
N ILE A 351 -6.35 0.86 -25.02
CA ILE A 351 -6.33 0.64 -26.46
C ILE A 351 -6.55 -0.83 -26.78
N ASP A 352 -6.02 -1.74 -25.95
CA ASP A 352 -6.30 -3.16 -26.16
C ASP A 352 -7.78 -3.45 -26.00
N LEU A 353 -8.43 -2.81 -25.02
CA LEU A 353 -9.87 -2.98 -24.86
C LEU A 353 -10.62 -2.45 -26.08
N ILE A 354 -10.19 -1.31 -26.63
CA ILE A 354 -10.84 -0.75 -27.81
C ILE A 354 -10.73 -1.71 -28.98
N ILE A 355 -9.54 -2.28 -29.19
CA ILE A 355 -9.35 -3.21 -30.30
C ILE A 355 -10.22 -4.45 -30.11
N ASN A 356 -10.17 -5.05 -28.92
CA ASN A 356 -10.95 -6.26 -28.68
C ASN A 356 -12.45 -6.01 -28.79
N THR A 357 -12.90 -4.79 -28.49
CA THR A 357 -14.32 -4.48 -28.65
C THR A 357 -14.69 -4.28 -30.11
N TYR A 358 -13.91 -3.50 -30.85
CA TYR A 358 -14.24 -3.20 -32.23
C TYR A 358 -13.98 -4.37 -33.18
N ALA A 359 -13.27 -5.41 -32.73
CA ALA A 359 -13.07 -6.62 -33.52
C ALA A 359 -14.11 -7.69 -33.20
N SER A 360 -15.28 -7.30 -32.70
CA SER A 360 -16.28 -8.28 -32.30
C SER A 360 -16.95 -8.94 -33.50
N THR A 361 -16.91 -8.30 -34.66
CA THR A 361 -17.53 -8.74 -35.92
C THR A 361 -19.04 -8.50 -35.94
N CYS A 362 -19.64 -8.03 -34.84
CA CYS A 362 -21.05 -7.67 -34.81
C CYS A 362 -21.29 -6.23 -35.23
N CYS A 363 -20.27 -5.38 -35.11
CA CYS A 363 -20.42 -3.96 -35.45
C CYS A 363 -20.64 -3.77 -36.94
N ARG A 364 -20.09 -4.66 -37.78
CA ARG A 364 -20.30 -4.53 -39.22
C ARG A 364 -21.75 -4.77 -39.60
N SER A 365 -22.52 -5.46 -38.76
CA SER A 365 -23.89 -5.80 -39.10
C SER A 365 -24.81 -4.57 -39.00
N ARG A 366 -24.91 -3.99 -37.81
CA ARG A 366 -25.98 -3.03 -37.50
C ARG A 366 -25.47 -1.64 -37.16
N VAL A 367 -24.47 -1.51 -36.29
CA VAL A 367 -24.15 -0.18 -35.76
C VAL A 367 -23.44 0.66 -36.81
N TYR A 368 -22.61 0.03 -37.65
CA TYR A 368 -21.93 0.79 -38.70
C TYR A 368 -22.89 1.36 -39.74
N PRO A 369 -23.78 0.58 -40.37
CA PRO A 369 -24.71 1.21 -41.32
C PRO A 369 -25.66 2.21 -40.66
N SER A 370 -25.93 2.04 -39.37
CA SER A 370 -26.81 2.97 -38.67
C SER A 370 -26.11 4.31 -38.46
N CYS A 371 -24.94 4.29 -37.82
CA CYS A 371 -24.22 5.53 -37.55
C CYS A 371 -23.63 6.13 -38.81
N LYS A 372 -22.95 5.32 -39.61
CA LYS A 372 -22.32 5.70 -40.87
C LYS A 372 -21.12 6.62 -40.66
N CYS A 373 -20.60 6.75 -39.43
CA CYS A 373 -19.43 7.56 -39.15
C CYS A 373 -18.25 6.77 -38.61
N CYS A 374 -18.50 5.67 -37.91
CA CYS A 374 -17.44 4.83 -37.35
C CYS A 374 -17.00 3.72 -38.31
N GLU A 375 -17.17 3.94 -39.61
CA GLU A 375 -16.73 2.94 -40.59
C GLU A 375 -15.24 2.62 -40.52
N PRO A 376 -14.31 3.59 -40.58
CA PRO A 376 -12.89 3.22 -40.66
C PRO A 376 -12.37 2.49 -39.42
N CYS A 377 -13.10 2.55 -38.31
CA CYS A 377 -12.70 1.76 -37.13
C CYS A 377 -12.72 0.27 -37.41
N ALA A 378 -13.40 -0.18 -38.48
CA ALA A 378 -13.31 -1.57 -38.92
C ALA A 378 -11.86 -2.00 -39.18
N VAL A 379 -10.97 -1.04 -39.45
CA VAL A 379 -9.53 -1.33 -39.56
C VAL A 379 -9.03 -2.15 -38.38
N ASN A 380 -9.60 -1.91 -37.20
CA ASN A 380 -9.17 -2.62 -36.00
C ASN A 380 -9.25 -4.13 -36.16
N GLU A 381 -10.20 -4.62 -36.97
CA GLU A 381 -10.31 -6.06 -37.23
C GLU A 381 -8.99 -6.63 -37.70
N TYR A 382 -8.32 -5.93 -38.63
CA TYR A 382 -7.03 -6.37 -39.13
C TYR A 382 -6.04 -6.57 -38.00
N TYR A 383 -6.00 -5.62 -37.06
CA TYR A 383 -5.08 -5.74 -35.92
C TYR A 383 -5.32 -7.03 -35.16
N TYR A 384 -6.59 -7.39 -34.97
CA TYR A 384 -6.91 -8.63 -34.27
C TYR A 384 -6.29 -9.82 -34.99
N ARG A 385 -6.38 -9.86 -36.32
CA ARG A 385 -5.80 -10.95 -37.07
C ARG A 385 -4.29 -11.00 -36.90
N LYS A 386 -3.65 -9.85 -36.66
CA LYS A 386 -2.22 -9.80 -36.44
C LYS A 386 -1.85 -9.86 -34.96
N LYS A 387 -2.80 -10.16 -34.08
CA LYS A 387 -2.58 -10.15 -32.64
C LYS A 387 -3.02 -11.44 -31.96
N CYS A 388 -4.12 -12.05 -32.41
CA CYS A 388 -4.68 -13.24 -31.79
C CYS A 388 -4.63 -14.39 -32.78
N GLU A 389 -3.93 -15.47 -32.40
CA GLU A 389 -3.86 -16.69 -33.18
C GLU A 389 -4.79 -17.72 -32.56
N PRO A 390 -6.01 -17.91 -33.05
CA PRO A 390 -6.92 -18.86 -32.39
C PRO A 390 -6.65 -20.30 -32.81
N ILE A 391 -6.70 -21.18 -31.81
CA ILE A 391 -6.50 -22.61 -32.01
C ILE A 391 -7.55 -23.36 -31.23
N VAL A 392 -7.48 -24.69 -31.29
CA VAL A 392 -8.43 -25.57 -30.64
C VAL A 392 -7.67 -26.78 -30.10
N GLU A 393 -8.12 -27.27 -28.95
CA GLU A 393 -7.40 -28.36 -28.32
C GLU A 393 -7.64 -29.66 -29.10
N PRO A 394 -6.62 -30.51 -29.27
CA PRO A 394 -6.86 -31.80 -29.93
C PRO A 394 -7.47 -32.81 -28.98
N LYS A 395 -8.49 -33.51 -29.45
CA LYS A 395 -9.12 -34.59 -28.70
C LYS A 395 -9.61 -35.63 -29.68
N PRO A 396 -9.89 -36.86 -29.22
CA PRO A 396 -10.28 -37.92 -30.16
C PRO A 396 -11.55 -37.62 -30.93
N THR A 397 -12.45 -36.79 -30.39
CA THR A 397 -13.68 -36.46 -31.08
C THR A 397 -13.50 -35.36 -32.13
N LEU A 398 -12.30 -34.82 -32.28
CA LEU A 398 -12.09 -33.68 -33.15
C LEU A 398 -11.92 -34.12 -34.59
N LYS A 399 -12.73 -33.55 -35.47
CA LYS A 399 -12.70 -33.90 -36.89
C LYS A 399 -13.01 -32.66 -37.72
N TYR A 400 -12.52 -32.66 -38.94
CA TYR A 400 -12.78 -31.60 -39.91
C TYR A 400 -13.23 -32.24 -41.21
N VAL A 401 -14.17 -31.59 -41.89
CA VAL A 401 -14.70 -32.07 -43.17
C VAL A 401 -14.86 -30.88 -44.09
N SER A 402 -14.62 -31.10 -45.39
CA SER A 402 -14.78 -30.08 -46.41
C SER A 402 -15.56 -30.66 -47.58
N PHE A 403 -16.47 -29.86 -48.12
CA PHE A 403 -17.29 -30.24 -49.26
C PHE A 403 -17.02 -29.26 -50.39
N VAL A 404 -16.79 -29.79 -51.59
CA VAL A 404 -16.37 -28.96 -52.72
C VAL A 404 -17.46 -27.98 -53.12
N ASP A 405 -18.73 -28.35 -52.95
CA ASP A 405 -19.81 -27.46 -53.38
C ASP A 405 -19.91 -26.24 -52.47
N GLU A 406 -19.63 -26.41 -51.18
CA GLU A 406 -19.63 -25.31 -50.25
C GLU A 406 -18.23 -24.67 -50.20
N PRO A 407 -18.13 -23.41 -49.76
CA PRO A 407 -16.83 -22.74 -49.71
C PRO A 407 -16.09 -22.86 -48.38
N HIS A 408 -16.75 -23.30 -47.32
CA HIS A 408 -16.20 -23.29 -45.98
C HIS A 408 -15.97 -24.71 -45.47
N ILE A 409 -15.35 -24.80 -44.31
CA ILE A 409 -14.99 -26.06 -43.66
C ILE A 409 -15.88 -26.25 -42.45
N TRP A 410 -16.22 -27.51 -42.17
CA TRP A 410 -17.10 -27.88 -41.07
C TRP A 410 -16.31 -28.66 -40.02
N MET A 411 -16.26 -28.11 -38.81
CA MET A 411 -15.66 -28.79 -37.67
C MET A 411 -16.71 -29.65 -36.97
N VAL A 412 -16.25 -30.74 -36.37
CA VAL A 412 -17.11 -31.70 -35.70
C VAL A 412 -16.38 -32.17 -34.45
N ASP A 413 -16.87 -31.76 -33.27
CA ASP A 413 -16.29 -32.14 -31.98
C ASP A 413 -17.29 -32.92 -31.13
N GLN A 414 -18.07 -33.80 -31.73
CA GLN A 414 -19.11 -34.56 -31.04
C GLN A 414 -19.03 -36.02 -31.44
N GLN A 415 -19.42 -36.90 -30.51
CA GLN A 415 -19.43 -38.33 -30.79
C GLN A 415 -20.55 -38.67 -31.76
N LEU A 416 -20.36 -39.76 -32.50
CA LEU A 416 -21.32 -40.15 -33.53
C LEU A 416 -22.46 -40.97 -32.95
N LEU A 417 -22.14 -41.97 -32.11
CA LEU A 417 -23.13 -42.89 -31.57
C LEU A 417 -23.85 -43.64 -32.68
N GLY A 418 -23.07 -44.16 -33.64
CA GLY A 418 -23.61 -44.94 -34.73
C GLY A 418 -24.11 -44.15 -35.92
N LYS A 419 -24.32 -42.84 -35.76
CA LYS A 419 -24.84 -42.03 -36.85
C LYS A 419 -23.81 -41.89 -37.96
N SER A 420 -24.30 -41.81 -39.19
CA SER A 420 -23.44 -41.64 -40.36
C SER A 420 -22.98 -40.20 -40.46
N LEU A 421 -21.72 -40.02 -40.86
CA LEU A 421 -21.16 -38.68 -40.93
C LEU A 421 -21.65 -37.97 -42.17
N GLN A 422 -21.58 -36.63 -42.13
CA GLN A 422 -22.15 -35.66 -43.07
C GLN A 422 -23.66 -35.51 -42.88
N ASP A 423 -24.29 -36.28 -41.99
CA ASP A 423 -25.65 -36.02 -41.55
C ASP A 423 -25.68 -35.22 -40.26
N VAL A 424 -24.60 -35.26 -39.47
CA VAL A 424 -24.45 -34.44 -38.28
C VAL A 424 -23.68 -33.18 -38.66
N LYS A 425 -24.08 -32.05 -38.09
CA LYS A 425 -23.51 -30.75 -38.41
C LYS A 425 -22.73 -30.20 -37.23
N GLY A 426 -21.86 -29.25 -37.52
CA GLY A 426 -21.10 -28.58 -36.49
C GLY A 426 -20.83 -27.13 -36.89
N GLN A 427 -20.14 -26.44 -35.99
CA GLN A 427 -19.90 -25.01 -36.19
C GLN A 427 -19.03 -24.77 -37.40
N GLU A 428 -19.47 -23.86 -38.27
CA GLU A 428 -18.72 -23.52 -39.47
C GLU A 428 -17.43 -22.82 -39.08
N VAL A 429 -16.45 -22.87 -39.99
CA VAL A 429 -15.17 -22.21 -39.78
C VAL A 429 -14.55 -21.94 -41.16
N PRO A 430 -13.97 -20.76 -41.41
CA PRO A 430 -13.42 -20.49 -42.74
C PRO A 430 -12.01 -21.01 -42.90
N ARG A 431 -11.68 -21.38 -44.14
CA ARG A 431 -10.34 -21.89 -44.40
C ARG A 431 -9.35 -20.73 -44.49
N PRO A 432 -8.10 -20.91 -44.08
CA PRO A 432 -7.11 -19.85 -44.24
C PRO A 432 -6.65 -19.72 -45.68
N GLN A 433 -6.01 -18.58 -45.96
CA GLN A 433 -5.51 -18.30 -47.30
C GLN A 433 -4.10 -18.84 -47.46
N THR A 434 -3.82 -19.37 -48.65
CA THR A 434 -2.56 -20.04 -48.91
C THR A 434 -1.42 -19.03 -49.00
N ASP A 435 -0.23 -19.47 -48.61
CA ASP A 435 0.96 -18.65 -48.77
C ASP A 435 1.25 -18.50 -50.25
N PHE A 436 0.96 -17.31 -50.80
CA PHE A 436 0.99 -17.14 -52.24
C PHE A 436 2.40 -17.17 -52.81
N LEU A 437 3.42 -17.02 -51.97
CA LEU A 437 4.80 -17.16 -52.45
C LEU A 437 5.04 -18.54 -53.04
N GLU A 438 4.43 -19.56 -52.45
CA GLU A 438 4.50 -20.91 -53.01
C GLU A 438 3.41 -21.15 -54.05
N LEU A 439 2.28 -20.45 -53.94
CA LEU A 439 1.19 -20.65 -54.90
C LEU A 439 1.58 -20.11 -56.27
N SER A 440 2.43 -19.09 -56.34
CA SER A 440 2.89 -18.59 -57.62
C SER A 440 3.73 -19.63 -58.34
N ARG A 441 4.32 -20.56 -57.60
CA ARG A 441 5.12 -21.62 -58.21
C ARG A 441 4.22 -22.56 -59.02
N LEU A 442 4.46 -22.61 -60.32
CA LEU A 442 3.67 -23.47 -61.20
C LEU A 442 4.29 -23.53 -62.60
N ASP A 472 -27.43 -49.12 -56.65
CA ASP A 472 -26.04 -49.24 -57.06
C ASP A 472 -25.11 -48.65 -56.00
N SER A 473 -25.14 -47.32 -55.86
CA SER A 473 -24.33 -46.62 -54.89
C SER A 473 -25.04 -46.58 -53.54
N PRO A 474 -24.32 -46.33 -52.45
CA PRO A 474 -24.99 -46.19 -51.16
C PRO A 474 -25.86 -44.95 -51.10
N ASP A 475 -26.66 -44.88 -50.03
CA ASP A 475 -27.65 -43.81 -49.92
C ASP A 475 -26.98 -42.47 -49.61
N TRP A 476 -25.82 -42.50 -48.97
CA TRP A 476 -25.21 -41.29 -48.42
C TRP A 476 -24.12 -40.71 -49.31
N CYS A 477 -24.08 -41.07 -50.61
CA CYS A 477 -23.12 -40.51 -51.56
C CYS A 477 -23.91 -39.83 -52.66
N GLN A 478 -23.70 -38.52 -52.78
CA GLN A 478 -24.20 -37.76 -53.92
C GLN A 478 -23.19 -37.76 -55.06
N CYS A 479 -22.04 -38.41 -54.87
CA CYS A 479 -20.96 -38.34 -55.86
C CYS A 479 -21.03 -39.49 -56.86
N GLY A 480 -21.73 -40.57 -56.52
CA GLY A 480 -21.85 -41.72 -57.39
C GLY A 480 -20.69 -42.70 -57.34
N ASN A 481 -19.57 -42.33 -56.74
CA ASN A 481 -18.35 -43.13 -56.79
C ASN A 481 -17.92 -43.69 -55.43
N CYS A 482 -18.66 -43.39 -54.36
CA CYS A 482 -18.30 -43.89 -53.04
C CYS A 482 -18.44 -45.40 -52.97
N LEU A 483 -17.75 -46.00 -51.98
CA LEU A 483 -17.77 -47.42 -51.70
C LEU A 483 -18.21 -47.68 -50.27
N PRO A 484 -18.71 -48.87 -49.94
CA PRO A 484 -19.00 -49.16 -48.54
C PRO A 484 -17.72 -49.32 -47.72
N SER A 485 -17.85 -49.17 -46.41
CA SER A 485 -16.71 -49.30 -45.52
C SER A 485 -16.45 -50.76 -45.15
N GLN A 486 -15.19 -51.07 -44.87
CA GLN A 486 -14.76 -52.40 -44.47
C GLN A 486 -14.46 -52.52 -42.98
N LEU A 487 -14.46 -51.41 -42.24
CA LEU A 487 -14.21 -51.46 -40.81
C LEU A 487 -15.35 -52.18 -40.11
N PRO A 488 -15.20 -52.49 -38.80
CA PRO A 488 -16.32 -53.10 -38.06
C PRO A 488 -17.58 -52.26 -38.07
N GLU A 489 -18.72 -52.90 -37.76
CA GLU A 489 -20.01 -52.21 -37.79
C GLU A 489 -20.10 -51.10 -36.75
N ASN A 490 -19.26 -51.14 -35.71
CA ASN A 490 -19.33 -50.16 -34.64
C ASN A 490 -18.64 -48.86 -35.02
N ARG A 491 -17.53 -48.95 -35.75
CA ARG A 491 -16.65 -47.81 -36.02
C ARG A 491 -16.65 -47.38 -37.49
N ARG A 492 -17.51 -47.97 -38.33
CA ARG A 492 -17.46 -47.68 -39.76
C ARG A 492 -18.24 -46.43 -40.12
N ALA A 493 -19.15 -45.98 -39.25
CA ALA A 493 -19.99 -44.84 -39.59
C ALA A 493 -19.16 -43.57 -39.77
N LEU A 494 -18.02 -43.49 -39.08
CA LEU A 494 -17.12 -42.35 -39.25
C LEU A 494 -16.60 -42.27 -40.69
N GLU A 495 -16.42 -43.43 -41.33
CA GLU A 495 -15.84 -43.45 -42.67
C GLU A 495 -16.88 -43.13 -43.73
N GLU A 496 -18.17 -43.21 -43.40
CA GLU A 496 -19.21 -42.87 -44.36
C GLU A 496 -19.17 -41.39 -44.67
N LEU A 497 -18.87 -41.06 -45.93
CA LEU A 497 -18.72 -39.68 -46.33
C LEU A 497 -18.79 -39.58 -47.85
N CYS A 498 -18.98 -38.35 -48.32
CA CYS A 498 -18.99 -38.06 -49.75
C CYS A 498 -18.31 -36.73 -49.98
N CYS A 499 -17.79 -36.55 -51.18
CA CYS A 499 -17.04 -35.34 -51.49
C CYS A 499 -17.95 -34.14 -51.67
N ARG A 500 -19.10 -34.34 -52.32
CA ARG A 500 -20.06 -33.29 -52.58
C ARG A 500 -21.34 -33.57 -51.80
N ARG A 501 -21.88 -32.53 -51.16
CA ARG A 501 -23.07 -32.69 -50.36
C ARG A 501 -24.32 -32.79 -51.23
N LYS A 502 -24.34 -32.06 -52.34
CA LYS A 502 -25.39 -32.16 -53.35
C LYS A 502 -24.89 -32.98 -54.53
N PRO A 503 -25.79 -33.46 -55.40
CA PRO A 503 -25.34 -34.26 -56.54
C PRO A 503 -24.94 -33.40 -57.73
N GLY A 504 -24.04 -33.96 -58.54
CA GLY A 504 -23.65 -33.34 -59.79
C GLY A 504 -22.20 -33.52 -60.21
N GLN A 505 -21.28 -33.68 -59.26
CA GLN A 505 -19.86 -33.68 -59.61
C GLN A 505 -19.06 -34.31 -58.48
N CYS A 506 -17.93 -34.92 -58.86
CA CYS A 506 -16.98 -35.52 -57.94
C CYS A 506 -15.64 -34.82 -58.05
N ILE A 507 -14.83 -34.94 -57.01
CA ILE A 507 -13.51 -34.29 -57.02
C ILE A 507 -12.51 -35.10 -57.83
N THR A 508 -12.60 -36.43 -57.78
CA THR A 508 -11.60 -37.27 -58.41
C THR A 508 -11.65 -37.24 -59.93
N THR A 509 -12.67 -36.61 -60.53
CA THR A 509 -12.77 -36.53 -61.98
C THR A 509 -11.88 -35.44 -62.56
N SER A 510 -11.45 -34.47 -61.76
CA SER A 510 -10.62 -33.39 -62.25
C SER A 510 -9.23 -33.92 -62.62
N GLU A 511 -8.39 -33.00 -63.10
CA GLU A 511 -7.02 -33.32 -63.51
C GLU A 511 -5.99 -32.96 -62.46
N LEU A 512 -6.26 -31.93 -61.65
CA LEU A 512 -5.34 -31.58 -60.57
C LEU A 512 -5.21 -32.72 -59.57
N PHE A 513 -6.26 -33.51 -59.39
CA PHE A 513 -6.20 -34.66 -58.51
C PHE A 513 -5.15 -35.65 -58.97
N SER A 514 -5.21 -36.07 -60.23
CA SER A 514 -4.24 -37.01 -60.76
C SER A 514 -2.86 -36.39 -60.92
N LYS A 515 -2.77 -35.06 -61.01
CA LYS A 515 -1.48 -34.41 -61.09
C LYS A 515 -0.78 -34.37 -59.73
N ILE A 516 -1.55 -34.18 -58.65
CA ILE A 516 -0.96 -34.03 -57.33
C ILE A 516 -0.86 -35.38 -56.63
N VAL A 517 -2.01 -36.02 -56.40
CA VAL A 517 -2.07 -37.17 -55.50
C VAL A 517 -1.57 -38.43 -56.19
N LEU A 518 -2.22 -38.83 -57.27
CA LEU A 518 -1.96 -40.11 -57.90
C LEU A 518 -0.72 -40.12 -58.78
N SER A 519 0.10 -39.07 -58.76
CA SER A 519 1.34 -39.04 -59.53
C SER A 519 2.43 -39.70 -58.69
N ARG A 520 2.85 -40.90 -59.10
CA ARG A 520 3.83 -41.64 -58.33
C ARG A 520 5.17 -40.92 -58.28
N GLU A 521 5.52 -40.20 -59.35
CA GLU A 521 6.83 -39.57 -59.43
C GLU A 521 6.94 -38.42 -58.43
N ALA A 522 5.91 -37.58 -58.35
CA ALA A 522 5.93 -36.46 -57.40
C ALA A 522 5.96 -36.96 -55.96
N LEU A 523 5.22 -38.02 -55.67
CA LEU A 523 5.24 -38.57 -54.31
C LEU A 523 6.59 -39.18 -53.98
N GLN A 524 7.22 -39.85 -54.95
CA GLN A 524 8.56 -40.37 -54.71
C GLN A 524 9.55 -39.23 -54.47
N LEU A 525 9.40 -38.13 -55.21
CA LEU A 525 10.25 -36.97 -55.00
C LEU A 525 10.05 -36.39 -53.61
N LEU A 526 8.80 -36.31 -53.16
CA LEU A 526 8.52 -35.79 -51.83
C LEU A 526 9.08 -36.69 -50.74
N LEU A 527 9.11 -38.00 -50.99
CA LEU A 527 9.72 -38.91 -50.02
C LEU A 527 11.23 -38.77 -50.02
N LEU A 528 11.83 -38.56 -51.18
CA LEU A 528 13.27 -38.38 -51.26
C LEU A 528 13.70 -37.06 -50.62
N TYR A 529 12.84 -36.05 -50.65
CA TYR A 529 13.20 -34.75 -50.07
C TYR A 529 13.45 -34.85 -48.57
N GLN A 530 12.82 -35.81 -47.89
CA GLN A 530 13.08 -36.07 -46.48
C GLN A 530 14.17 -37.11 -46.27
N GLU A 531 14.06 -38.25 -46.95
CA GLU A 531 15.01 -39.37 -46.81
C GLU A 531 15.54 -39.70 -48.19
N PRO A 532 16.57 -38.98 -48.67
CA PRO A 532 16.95 -39.12 -50.08
C PRO A 532 17.60 -40.45 -50.44
N LEU A 533 17.98 -41.27 -49.45
CA LEU A 533 18.70 -42.50 -49.71
C LEU A 533 17.83 -43.75 -49.59
N LEU A 534 16.52 -43.61 -49.42
CA LEU A 534 15.67 -44.78 -49.39
C LEU A 534 15.60 -45.43 -50.77
N ALA A 535 15.42 -46.74 -50.79
CA ALA A 535 15.41 -47.51 -52.03
C ALA A 535 14.00 -47.57 -52.61
N LEU A 536 13.90 -47.28 -53.90
CA LEU A 536 12.61 -47.31 -54.58
C LEU A 536 12.12 -48.71 -54.88
N GLU A 537 12.98 -49.72 -54.77
CA GLU A 537 12.59 -51.11 -55.00
C GLU A 537 12.07 -51.81 -53.75
N GLY A 538 11.93 -51.09 -52.63
CA GLY A 538 11.43 -51.72 -51.43
C GLY A 538 10.00 -52.20 -51.59
N GLU A 539 9.68 -53.33 -50.94
CA GLU A 539 8.34 -53.87 -51.02
C GLU A 539 7.37 -53.05 -50.17
N ALA A 540 7.80 -52.61 -49.00
CA ALA A 540 6.96 -51.83 -48.10
C ALA A 540 6.93 -50.34 -48.44
N ILE A 541 7.49 -49.94 -49.57
CA ILE A 541 7.49 -48.52 -49.93
C ILE A 541 6.08 -48.07 -50.32
N ASN A 542 5.28 -48.97 -50.88
CA ASN A 542 3.97 -48.62 -51.42
C ASN A 542 3.11 -47.93 -50.38
N SER A 543 2.92 -48.59 -49.23
CA SER A 543 2.16 -48.01 -48.13
C SER A 543 2.69 -46.62 -47.77
N LYS A 544 4.01 -46.47 -47.75
CA LYS A 544 4.64 -45.18 -47.49
C LYS A 544 4.07 -44.12 -48.41
N LEU A 545 4.13 -44.38 -49.72
CA LEU A 545 3.58 -43.46 -50.71
C LEU A 545 2.12 -43.16 -50.40
N ARG A 546 1.36 -44.22 -50.08
CA ARG A 546 -0.07 -44.06 -49.81
C ARG A 546 -0.28 -43.08 -48.67
N HIS A 547 0.53 -43.19 -47.61
CA HIS A 547 0.40 -42.26 -46.49
C HIS A 547 0.57 -40.83 -46.97
N CYS A 548 1.61 -40.58 -47.77
CA CYS A 548 1.85 -39.22 -48.25
C CYS A 548 0.65 -38.71 -49.03
N ALA A 549 0.01 -39.60 -49.81
CA ALA A 549 -1.13 -39.19 -50.63
C ALA A 549 -2.22 -38.60 -49.76
N TYR A 550 -2.46 -39.21 -48.59
CA TYR A 550 -3.47 -38.67 -47.69
C TYR A 550 -3.14 -37.24 -47.29
N ARG A 551 -1.89 -37.01 -46.87
CA ARG A 551 -1.48 -35.65 -46.55
C ARG A 551 -1.60 -34.76 -47.77
N SER A 552 -1.28 -35.30 -48.96
CA SER A 552 -1.34 -34.51 -50.17
C SER A 552 -2.76 -34.09 -50.51
N TYR A 553 -3.78 -34.76 -49.95
CA TYR A 553 -5.13 -34.27 -50.10
C TYR A 553 -5.43 -33.17 -49.08
N ALA A 554 -5.02 -33.37 -47.83
CA ALA A 554 -5.41 -32.45 -46.77
C ALA A 554 -4.84 -31.07 -47.03
N THR A 555 -3.55 -30.99 -47.32
CA THR A 555 -2.91 -29.73 -47.66
C THR A 555 -3.57 -29.05 -48.86
N TRP A 556 -4.20 -29.82 -49.75
CA TRP A 556 -4.90 -29.22 -50.87
C TRP A 556 -6.16 -28.51 -50.39
N ARG A 557 -6.91 -29.13 -49.48
CA ARG A 557 -8.16 -28.57 -48.98
C ARG A 557 -8.00 -27.90 -47.62
N PHE A 558 -7.51 -28.65 -46.64
CA PHE A 558 -7.26 -28.14 -45.29
C PHE A 558 -5.81 -27.66 -45.25
N VAL A 559 -5.62 -26.36 -45.43
CA VAL A 559 -4.28 -25.83 -45.67
C VAL A 559 -3.40 -25.99 -44.44
N SER A 560 -3.91 -25.64 -43.28
CA SER A 560 -3.10 -25.68 -42.06
C SER A 560 -2.75 -27.12 -41.70
N GLN A 561 -1.54 -27.29 -41.18
CA GLN A 561 -1.11 -28.61 -40.72
C GLN A 561 -1.91 -29.06 -39.51
N ASP A 562 -2.28 -28.12 -38.64
CA ASP A 562 -3.11 -28.44 -37.48
C ASP A 562 -4.47 -28.95 -37.93
N MET A 563 -5.10 -28.24 -38.87
CA MET A 563 -6.38 -28.68 -39.41
C MET A 563 -6.24 -29.92 -40.28
N ALA A 564 -5.06 -30.17 -40.83
CA ALA A 564 -4.85 -31.30 -41.72
C ALA A 564 -4.53 -32.60 -40.99
N ASP A 565 -3.97 -32.52 -39.78
CA ASP A 565 -3.70 -33.73 -39.02
C ASP A 565 -4.98 -34.43 -38.60
N PHE A 566 -6.07 -33.68 -38.43
CA PHE A 566 -7.36 -34.21 -38.02
C PHE A 566 -8.38 -34.23 -39.15
N ALA A 567 -7.96 -33.95 -40.38
CA ALA A 567 -8.90 -34.01 -41.50
C ALA A 567 -9.24 -35.46 -41.82
N ILE A 568 -10.38 -35.64 -42.49
CA ILE A 568 -10.90 -36.94 -42.86
C ILE A 568 -11.26 -36.89 -44.33
N LEU A 569 -10.71 -37.82 -45.10
CA LEU A 569 -10.99 -37.86 -46.53
C LEU A 569 -12.36 -38.49 -46.77
N PRO A 570 -12.92 -38.30 -47.96
CA PRO A 570 -14.13 -39.04 -48.34
C PRO A 570 -13.79 -40.48 -48.68
N SER A 571 -14.84 -41.23 -49.06
CA SER A 571 -14.65 -42.63 -49.43
C SER A 571 -14.11 -42.77 -50.84
N CYS A 572 -14.58 -41.94 -51.77
CA CYS A 572 -14.18 -42.10 -53.16
C CYS A 572 -12.69 -41.84 -53.35
N CYS A 573 -12.19 -40.72 -52.82
CA CYS A 573 -10.77 -40.42 -52.91
C CYS A 573 -9.93 -41.45 -52.18
N ARG A 574 -10.40 -41.89 -51.00
CA ARG A 574 -9.66 -42.89 -50.24
C ARG A 574 -9.50 -44.17 -51.04
N TRP A 575 -10.58 -44.67 -51.62
CA TRP A 575 -10.50 -45.94 -52.32
C TRP A 575 -9.80 -45.81 -53.67
N LYS A 576 -9.86 -44.62 -54.29
CA LYS A 576 -9.02 -44.37 -55.46
C LYS A 576 -7.55 -44.51 -55.11
N ILE A 577 -7.13 -43.83 -54.02
CA ILE A 577 -5.74 -43.90 -53.59
C ILE A 577 -5.36 -45.33 -53.22
N ARG A 578 -6.30 -46.06 -52.63
CA ARG A 578 -6.02 -47.44 -52.24
C ARG A 578 -5.83 -48.33 -53.47
N LYS A 579 -6.66 -48.14 -54.49
CA LYS A 579 -6.52 -48.94 -55.70
C LYS A 579 -5.25 -48.58 -56.47
N GLU A 580 -4.78 -47.34 -56.34
CA GLU A 580 -3.50 -46.98 -56.95
C GLU A 580 -2.31 -47.46 -56.12
N PHE A 581 -2.50 -47.66 -54.81
CA PHE A 581 -1.42 -48.06 -53.90
C PHE A 581 -1.97 -49.11 -52.94
N PRO A 582 -2.26 -50.31 -53.42
CA PRO A 582 -3.00 -51.29 -52.62
C PRO A 582 -2.14 -52.08 -51.64
N LYS A 583 -2.80 -52.58 -50.61
CA LYS A 583 -2.22 -53.47 -49.61
C LYS A 583 -2.89 -54.83 -49.72
N THR A 584 -2.11 -55.90 -49.49
CA THR A 584 -2.57 -57.26 -49.69
C THR A 584 -2.62 -58.10 -48.43
N GLN A 585 -1.78 -57.82 -47.44
CA GLN A 585 -1.63 -58.73 -46.30
C GLN A 585 -2.86 -58.70 -45.41
N GLY A 586 -3.19 -57.52 -44.86
CA GLY A 586 -4.29 -57.38 -43.93
C GLY A 586 -5.29 -56.33 -44.39
N GLN A 587 -6.37 -56.21 -43.61
CA GLN A 587 -7.38 -55.21 -43.89
C GLN A 587 -6.83 -53.82 -43.60
N TYR A 588 -7.32 -52.84 -44.35
CA TYR A 588 -6.86 -51.46 -44.18
C TYR A 588 -7.30 -50.91 -42.83
N SER A 589 -6.41 -50.15 -42.20
CA SER A 589 -6.75 -49.41 -41.00
C SER A 589 -7.48 -48.13 -41.38
N GLY A 590 -7.65 -47.23 -40.42
CA GLY A 590 -8.35 -45.99 -40.65
C GLY A 590 -7.70 -44.81 -39.95
N PHE A 591 -8.52 -43.82 -39.58
CA PHE A 591 -7.99 -42.60 -38.98
C PHE A 591 -7.40 -42.88 -37.60
N LYS A 592 -6.08 -42.91 -37.52
CA LYS A 592 -5.35 -43.11 -36.28
C LYS A 592 -5.07 -41.75 -35.67
N TYR A 593 -5.27 -41.64 -34.37
CA TYR A 593 -4.95 -40.43 -33.63
C TYR A 593 -3.46 -40.10 -33.82
N PRO A 594 -3.10 -38.86 -34.19
CA PRO A 594 -1.70 -38.61 -34.54
C PRO A 594 -0.75 -38.72 -33.36
N TYR A 595 -1.21 -38.42 -32.15
CA TYR A 595 -0.37 -38.47 -30.95
C TYR A 595 -0.54 -39.82 -30.25
N CYS B 5 -23.50 -13.29 -28.53
CA CYS B 5 -22.71 -14.18 -27.69
C CYS B 5 -22.98 -15.64 -28.04
N SER B 6 -22.04 -16.51 -27.70
CA SER B 6 -22.14 -17.95 -27.96
C SER B 6 -21.50 -18.71 -26.82
N TRP B 7 -21.94 -19.96 -26.64
CA TRP B 7 -21.34 -20.81 -25.62
C TRP B 7 -19.88 -21.08 -25.92
N ASN B 8 -19.56 -21.37 -27.18
CA ASN B 8 -18.18 -21.63 -27.59
C ASN B 8 -17.24 -20.47 -27.34
N ASP B 9 -17.77 -19.26 -27.11
CA ASP B 9 -16.95 -18.10 -26.81
C ASP B 9 -16.65 -17.95 -25.33
N VAL B 10 -17.32 -18.68 -24.45
CA VAL B 10 -17.09 -18.53 -23.02
C VAL B 10 -15.91 -19.37 -22.54
N PHE B 11 -15.62 -20.48 -23.20
CA PHE B 11 -14.54 -21.38 -22.80
C PHE B 11 -13.19 -20.99 -23.41
N GLN B 12 -13.09 -19.84 -24.05
CA GLN B 12 -11.87 -19.46 -24.74
C GLN B 12 -10.91 -18.77 -23.77
N TYR B 13 -9.77 -19.43 -23.52
CA TYR B 13 -8.72 -18.87 -22.68
C TYR B 13 -7.66 -18.22 -23.55
N GLU B 14 -7.24 -17.03 -23.17
CA GLU B 14 -6.32 -16.21 -23.95
C GLU B 14 -4.96 -16.21 -23.28
N THR B 15 -3.93 -16.60 -24.03
CA THR B 15 -2.58 -16.81 -23.50
C THR B 15 -1.58 -15.95 -24.25
N ASN B 16 -0.67 -15.35 -23.51
CA ASN B 16 0.38 -14.55 -24.13
C ASN B 16 1.37 -15.43 -24.86
N LYS B 17 2.01 -14.86 -25.88
CA LYS B 17 2.95 -15.56 -26.74
C LYS B 17 4.33 -14.98 -26.52
N VAL B 18 5.32 -15.87 -26.37
CA VAL B 18 6.66 -15.50 -25.95
C VAL B 18 7.69 -16.14 -26.86
N THR B 19 8.93 -15.70 -26.71
CA THR B 19 10.09 -16.30 -27.37
C THR B 19 11.14 -16.57 -26.32
N ARG B 20 11.84 -17.69 -26.48
CA ARG B 20 12.84 -18.16 -25.52
C ARG B 20 14.22 -18.03 -26.13
N ILE B 21 15.13 -17.39 -25.40
CA ILE B 21 16.47 -17.07 -25.88
C ILE B 21 17.46 -17.84 -25.01
N GLN B 22 18.40 -18.51 -25.67
CA GLN B 22 19.48 -19.25 -25.00
C GLN B 22 20.74 -18.40 -25.05
N SER B 23 21.02 -17.69 -23.96
CA SER B 23 22.19 -16.82 -23.87
C SER B 23 22.72 -16.86 -22.46
N VAL B 24 24.05 -16.92 -22.34
CA VAL B 24 24.68 -17.04 -21.02
C VAL B 24 24.58 -15.72 -20.27
N ASN B 25 24.77 -14.61 -20.98
CA ASN B 25 24.84 -13.30 -20.33
C ASN B 25 23.50 -12.93 -19.72
N TYR B 26 22.43 -13.05 -20.51
CA TYR B 26 21.10 -12.67 -20.02
C TYR B 26 20.65 -13.60 -18.90
N GLY B 27 20.97 -14.88 -19.00
CA GLY B 27 20.65 -15.80 -17.93
C GLY B 27 21.35 -15.45 -16.63
N THR B 28 22.65 -15.16 -16.71
CA THR B 28 23.39 -14.77 -15.52
C THR B 28 22.83 -13.49 -14.91
N ILE B 29 22.50 -12.51 -15.75
CA ILE B 29 21.93 -11.25 -15.27
C ILE B 29 20.60 -11.51 -14.57
N LYS B 30 19.75 -12.33 -15.19
CA LYS B 30 18.45 -12.66 -14.61
C LYS B 30 18.61 -13.30 -13.24
N TRP B 31 19.48 -14.31 -13.14
CA TRP B 31 19.62 -15.01 -11.87
C TRP B 31 20.28 -14.15 -10.81
N ILE B 32 21.22 -13.28 -11.20
CA ILE B 32 21.82 -12.35 -10.24
C ILE B 32 20.76 -11.44 -9.66
N LEU B 33 19.92 -10.87 -10.53
CA LEU B 33 18.89 -9.95 -10.06
C LEU B 33 17.87 -10.67 -9.19
N HIS B 34 17.50 -11.89 -9.56
CA HIS B 34 16.57 -12.66 -8.73
C HIS B 34 17.16 -12.95 -7.36
N MET B 35 18.43 -13.37 -7.32
CA MET B 35 19.05 -13.70 -6.04
C MET B 35 19.19 -12.48 -5.15
N THR B 36 19.57 -11.33 -5.72
CA THR B 36 19.72 -10.15 -4.86
C THR B 36 18.38 -9.63 -4.39
N VAL B 37 17.34 -9.71 -5.22
CA VAL B 37 16.01 -9.32 -4.75
C VAL B 37 15.54 -10.25 -3.64
N PHE B 38 15.76 -11.55 -3.81
CA PHE B 38 15.42 -12.52 -2.76
C PHE B 38 16.15 -12.21 -1.46
N SER B 39 17.45 -11.88 -1.57
CA SER B 39 18.24 -11.56 -0.39
C SER B 39 17.70 -10.32 0.30
N TYR B 40 17.34 -9.29 -0.49
CA TYR B 40 16.84 -8.05 0.09
C TYR B 40 15.53 -8.29 0.82
N VAL B 41 14.58 -8.98 0.19
CA VAL B 41 13.28 -9.17 0.82
C VAL B 41 13.41 -10.06 2.06
N SER B 42 14.28 -11.08 2.00
CA SER B 42 14.47 -11.92 3.17
C SER B 42 15.12 -11.14 4.32
N PHE B 43 16.09 -10.29 4.00
CA PHE B 43 16.73 -9.48 5.03
C PHE B 43 15.73 -8.52 5.66
N ALA B 44 14.88 -7.89 4.84
CA ALA B 44 13.87 -6.99 5.37
C ALA B 44 12.89 -7.74 6.27
N LEU B 45 12.46 -8.92 5.83
CA LEU B 45 11.52 -9.71 6.63
C LEU B 45 12.13 -10.12 7.96
N MET B 46 13.42 -10.47 7.96
CA MET B 46 14.05 -10.91 9.20
C MET B 46 14.33 -9.74 10.14
N SER B 47 14.70 -8.58 9.58
CA SER B 47 15.06 -7.44 10.41
C SER B 47 13.83 -6.76 10.99
N ASP B 48 12.89 -6.38 10.13
CA ASP B 48 11.71 -5.66 10.57
C ASP B 48 10.64 -6.56 11.19
N LYS B 49 10.83 -7.88 11.17
CA LYS B 49 9.85 -8.83 11.72
C LYS B 49 8.48 -8.62 11.10
N LEU B 50 8.44 -8.52 9.77
CA LEU B 50 7.19 -8.35 9.07
C LEU B 50 6.33 -9.60 9.08
N TYR B 51 6.89 -10.75 9.46
CA TYR B 51 6.09 -11.96 9.65
C TYR B 51 5.21 -11.89 10.89
N GLN B 52 5.40 -10.90 11.76
CA GLN B 52 4.66 -10.78 12.99
C GLN B 52 3.48 -9.81 12.83
N ARG B 53 2.40 -10.12 13.53
CA ARG B 53 1.33 -9.16 13.75
C ARG B 53 1.71 -8.30 14.95
N LYS B 54 1.71 -6.99 14.75
CA LYS B 54 2.09 -6.03 15.77
C LYS B 54 0.85 -5.36 16.33
N GLU B 55 0.96 -4.87 17.57
CA GLU B 55 -0.15 -4.24 18.25
C GLU B 55 0.39 -3.20 19.22
N PRO B 56 -0.30 -2.04 19.39
CA PRO B 56 0.16 -1.08 20.40
C PRO B 56 -0.13 -1.57 21.81
N LEU B 57 0.21 -0.77 22.81
CA LEU B 57 0.12 -1.13 24.22
C LEU B 57 -0.80 -0.18 24.96
N ILE B 58 -1.30 -0.65 26.10
CA ILE B 58 -2.07 0.14 27.04
C ILE B 58 -1.26 0.24 28.32
N SER B 59 -0.99 1.46 28.76
CA SER B 59 -0.07 1.73 29.85
C SER B 59 -0.80 2.27 31.07
N SER B 60 -0.20 2.04 32.23
CA SER B 60 -0.65 2.65 33.48
C SER B 60 0.59 2.96 34.31
N VAL B 61 0.76 4.24 34.66
CA VAL B 61 1.95 4.71 35.34
C VAL B 61 1.57 5.19 36.73
N HIS B 62 2.49 4.99 37.67
CA HIS B 62 2.37 5.51 39.02
C HIS B 62 3.74 5.96 39.48
N THR B 63 3.78 7.05 40.24
CA THR B 63 5.00 7.69 40.67
C THR B 63 5.02 7.86 42.18
N LYS B 64 6.24 7.92 42.73
CA LYS B 64 6.42 8.27 44.14
C LYS B 64 7.79 8.91 44.31
N VAL B 65 7.80 10.14 44.81
CA VAL B 65 9.02 10.89 45.05
C VAL B 65 9.32 10.88 46.53
N LYS B 66 10.60 10.78 46.89
CA LYS B 66 11.01 10.72 48.28
C LYS B 66 12.27 11.55 48.50
N GLY B 67 12.35 12.12 49.68
CA GLY B 67 13.44 12.99 50.08
C GLY B 67 12.93 14.07 51.01
N VAL B 68 13.88 14.71 51.70
CA VAL B 68 13.58 15.76 52.66
C VAL B 68 14.57 16.90 52.43
N ALA B 69 14.17 18.11 52.82
CA ALA B 69 15.05 19.26 52.71
C ALA B 69 14.80 20.21 53.86
N GLU B 70 15.80 21.04 54.14
CA GLU B 70 15.75 22.07 55.16
C GLU B 70 15.93 23.44 54.52
N VAL B 71 15.33 24.45 55.15
CA VAL B 71 15.36 25.82 54.66
C VAL B 71 15.54 26.75 55.86
N THR B 72 16.36 27.78 55.68
CA THR B 72 16.52 28.86 56.67
C THR B 72 16.27 30.17 55.94
N GLU B 73 15.30 30.95 56.41
CA GLU B 73 14.90 32.14 55.68
C GLU B 73 14.41 33.21 56.64
N ASN B 74 14.70 34.46 56.30
CA ASN B 74 14.20 35.61 57.05
C ASN B 74 12.78 35.88 56.58
N VAL B 75 11.81 35.29 57.28
CA VAL B 75 10.41 35.38 56.91
C VAL B 75 9.79 36.61 57.56
N THR B 76 8.82 37.20 56.87
CA THR B 76 8.13 38.41 57.30
C THR B 76 6.67 38.09 57.55
N GLU B 77 6.10 38.73 58.57
CA GLU B 77 4.67 38.62 58.85
C GLU B 77 4.28 39.74 59.81
N GLY B 78 3.22 40.45 59.48
CA GLY B 78 2.77 41.56 60.31
C GLY B 78 3.81 42.63 60.53
N GLY B 79 4.65 42.88 59.53
CA GLY B 79 5.73 43.84 59.68
C GLY B 79 6.87 43.37 60.56
N VAL B 80 6.86 42.11 60.98
CA VAL B 80 7.90 41.54 61.85
C VAL B 80 8.69 40.54 61.03
N THR B 81 10.00 40.75 60.96
CA THR B 81 10.91 39.86 60.25
C THR B 81 11.70 39.02 61.25
N LYS B 82 11.94 37.76 60.90
CA LYS B 82 12.72 36.91 61.78
C LYS B 82 13.21 35.68 61.01
N LEU B 83 14.37 35.18 61.42
CA LEU B 83 14.92 33.97 60.81
C LEU B 83 14.14 32.76 61.29
N VAL B 84 13.67 31.95 60.34
CA VAL B 84 12.88 30.76 60.61
C VAL B 84 13.51 29.57 59.93
N HIS B 85 13.45 28.43 60.60
CA HIS B 85 13.96 27.16 60.11
C HIS B 85 12.78 26.24 59.80
N GLY B 86 12.75 25.72 58.58
CA GLY B 86 11.62 24.92 58.12
C GLY B 86 12.10 23.67 57.42
N ILE B 87 11.18 22.70 57.33
CA ILE B 87 11.44 21.40 56.74
C ILE B 87 10.43 21.18 55.62
N PHE B 88 10.88 20.50 54.57
CA PHE B 88 10.05 20.16 53.42
C PHE B 88 10.12 18.66 53.19
N ASP B 89 8.96 18.01 53.28
CA ASP B 89 8.81 16.58 53.14
C ASP B 89 8.04 16.27 51.85
N THR B 90 7.76 14.98 51.64
CA THR B 90 7.13 14.55 50.39
C THR B 90 5.79 15.21 50.16
N ALA B 91 5.05 15.47 51.23
CA ALA B 91 3.73 16.08 51.12
C ALA B 91 3.78 17.59 50.90
N ASP B 92 4.96 18.21 50.94
CA ASP B 92 5.09 19.65 50.87
C ASP B 92 5.57 20.15 49.52
N TYR B 93 6.54 19.49 48.90
CA TYR B 93 7.07 19.90 47.60
C TYR B 93 6.42 19.18 46.43
N THR B 94 5.32 18.46 46.66
CA THR B 94 4.58 17.80 45.60
C THR B 94 3.10 18.13 45.73
N LEU B 95 2.40 17.98 44.61
CA LEU B 95 0.96 18.16 44.53
C LEU B 95 0.32 16.87 44.03
N PRO B 96 -0.89 16.52 44.49
CA PRO B 96 -1.48 15.24 44.08
C PRO B 96 -2.09 15.29 42.70
N LEU B 97 -1.27 15.10 41.66
CA LEU B 97 -1.77 15.13 40.30
C LEU B 97 -2.34 13.78 39.89
N GLN B 98 -1.66 12.68 40.26
CA GLN B 98 -2.14 11.33 40.01
C GLN B 98 -2.35 11.08 38.51
N GLY B 99 -1.25 11.11 37.78
CA GLY B 99 -1.27 10.83 36.37
C GLY B 99 0.08 10.38 35.88
N ASN B 100 0.28 10.52 34.57
CA ASN B 100 1.57 10.16 33.99
C ASN B 100 2.66 11.14 34.44
N SER B 101 2.35 12.42 34.49
CA SER B 101 3.29 13.45 34.88
C SER B 101 3.23 13.68 36.38
N PHE B 102 4.29 14.32 36.90
CA PHE B 102 4.33 14.72 38.29
C PHE B 102 5.20 15.97 38.40
N PHE B 103 5.10 16.63 39.56
CA PHE B 103 5.70 17.93 39.79
C PHE B 103 6.60 17.86 41.01
N VAL B 104 7.68 18.64 40.98
CA VAL B 104 8.60 18.79 42.09
C VAL B 104 8.96 20.27 42.22
N MET B 105 8.87 20.78 43.43
CA MET B 105 9.20 22.17 43.71
C MET B 105 10.71 22.29 43.98
N THR B 106 11.33 23.27 43.35
CA THR B 106 12.73 23.60 43.58
C THR B 106 12.94 25.01 44.12
N ASN B 107 11.92 25.86 44.06
CA ASN B 107 12.04 27.21 44.59
C ASN B 107 10.65 27.77 44.83
N TYR B 108 10.53 28.68 45.79
CA TYR B 108 9.24 29.20 46.19
C TYR B 108 9.37 30.66 46.60
N LEU B 109 8.22 31.32 46.64
CA LEU B 109 8.17 32.73 47.02
C LEU B 109 6.77 32.96 47.57
N LYS B 110 6.65 33.15 48.88
CA LYS B 110 5.37 33.11 49.57
C LYS B 110 5.10 34.40 50.30
N SER B 111 3.81 34.64 50.53
CA SER B 111 3.33 35.78 51.28
C SER B 111 2.17 35.32 52.15
N GLU B 112 2.29 35.55 53.46
CA GLU B 112 1.34 35.06 54.44
C GLU B 112 0.72 36.22 55.20
N GLY B 113 -0.43 35.96 55.80
CA GLY B 113 -1.17 36.97 56.53
C GLY B 113 -2.10 37.81 55.68
N GLN B 114 -2.51 37.31 54.52
CA GLN B 114 -3.36 38.09 53.63
C GLN B 114 -4.78 38.16 54.16
N GLU B 115 -5.44 39.28 53.90
CA GLU B 115 -6.83 39.48 54.29
C GLU B 115 -7.46 40.50 53.35
N GLN B 116 -8.73 40.31 53.05
CA GLN B 116 -9.43 41.15 52.09
C GLN B 116 -9.73 42.51 52.72
N LYS B 117 -9.16 43.57 52.16
CA LYS B 117 -9.35 44.91 52.71
C LYS B 117 -8.81 45.92 51.71
N LEU B 118 -8.84 47.19 52.11
CA LEU B 118 -8.26 48.29 51.34
C LEU B 118 -6.79 48.42 51.70
N CYS B 119 -5.94 48.61 50.70
CA CYS B 119 -4.53 48.89 50.96
C CYS B 119 -3.89 49.51 49.73
N PRO B 120 -2.71 50.12 49.87
CA PRO B 120 -2.02 50.66 48.69
C PRO B 120 -1.35 49.55 47.89
N GLU B 121 -1.15 49.84 46.61
CA GLU B 121 -0.44 48.93 45.73
C GLU B 121 1.06 49.13 45.86
N TYR B 122 1.80 48.05 45.75
CA TYR B 122 3.26 48.12 45.83
C TYR B 122 3.78 48.85 44.59
N PRO B 123 4.57 49.93 44.73
CA PRO B 123 4.99 50.66 43.52
C PRO B 123 6.00 49.89 42.69
N SER B 124 5.56 49.35 41.56
CA SER B 124 6.44 48.63 40.65
C SER B 124 7.16 49.62 39.74
N ARG B 125 7.89 49.07 38.77
CA ARG B 125 8.61 49.90 37.82
C ARG B 125 7.62 50.60 36.89
N GLY B 126 7.42 51.91 37.12
CA GLY B 126 6.53 52.70 36.30
C GLY B 126 5.11 52.81 36.80
N LYS B 127 4.83 52.36 38.02
CA LYS B 127 3.48 52.40 38.60
C LYS B 127 3.35 53.48 39.69
N GLN B 128 4.30 54.39 39.78
CA GLN B 128 4.20 55.49 40.75
C GLN B 128 3.03 56.39 40.41
N CYS B 129 2.50 57.05 41.43
CA CYS B 129 1.37 57.95 41.25
C CYS B 129 1.35 58.94 42.40
N HIS B 130 1.57 60.22 42.09
CA HIS B 130 1.53 61.31 43.06
C HIS B 130 0.35 62.25 42.84
N SER B 131 -0.67 61.81 42.11
CA SER B 131 -1.83 62.63 41.79
C SER B 131 -3.09 61.82 42.06
N ASP B 132 -3.93 62.31 42.98
CA ASP B 132 -5.15 61.61 43.33
C ASP B 132 -6.17 61.60 42.21
N GLN B 133 -6.12 62.58 41.29
CA GLN B 133 -7.07 62.65 40.20
C GLN B 133 -6.66 61.81 39.00
N GLY B 134 -5.42 61.32 38.95
CA GLY B 134 -4.97 60.56 37.81
C GLY B 134 -5.59 59.17 37.75
N CYS B 135 -5.78 58.55 38.91
CA CYS B 135 -6.34 57.21 38.95
C CYS B 135 -7.81 57.22 38.50
N ILE B 136 -8.29 56.05 38.11
CA ILE B 136 -9.67 55.86 37.68
C ILE B 136 -10.29 54.77 38.55
N LYS B 137 -11.55 55.00 38.95
CA LYS B 137 -12.26 54.05 39.79
C LYS B 137 -12.84 52.93 38.95
N GLY B 138 -12.83 51.73 39.52
CA GLY B 138 -13.38 50.56 38.84
C GLY B 138 -12.68 50.22 37.56
N TRP B 139 -11.36 50.03 37.62
CA TRP B 139 -10.54 49.71 36.45
C TRP B 139 -9.66 48.52 36.77
N MET B 140 -9.64 47.54 35.87
CA MET B 140 -8.88 46.32 36.03
C MET B 140 -8.02 46.08 34.80
N ASP B 141 -6.81 45.60 35.02
CA ASP B 141 -5.89 45.24 33.95
C ASP B 141 -4.99 44.11 34.44
N PRO B 142 -4.34 43.38 33.54
CA PRO B 142 -3.34 42.40 33.99
C PRO B 142 -2.18 43.09 34.69
N GLN B 143 -1.40 42.30 35.42
CA GLN B 143 -0.32 42.77 36.25
C GLN B 143 -0.81 43.69 37.37
N SER B 144 -2.08 43.58 37.75
CA SER B 144 -2.67 44.35 38.83
C SER B 144 -3.26 43.40 39.85
N LYS B 145 -2.91 43.61 41.13
CA LYS B 145 -3.33 42.71 42.18
C LYS B 145 -4.75 42.95 42.67
N GLY B 146 -5.42 43.99 42.20
CA GLY B 146 -6.75 44.28 42.68
C GLY B 146 -7.45 45.32 41.83
N ILE B 147 -8.61 45.72 42.30
CA ILE B 147 -9.44 46.73 41.64
C ILE B 147 -9.05 48.10 42.18
N GLN B 148 -8.91 49.06 41.28
CA GLN B 148 -8.48 50.40 41.67
C GLN B 148 -9.66 51.23 42.17
N THR B 149 -9.35 52.17 43.07
CA THR B 149 -10.34 53.04 43.67
C THR B 149 -9.87 54.48 43.54
N GLY B 150 -10.83 55.41 43.47
CA GLY B 150 -10.50 56.80 43.22
C GLY B 150 -9.61 57.43 44.27
N ARG B 151 -9.65 56.91 45.50
CA ARG B 151 -8.84 57.48 46.57
C ARG B 151 -7.36 57.14 46.35
N CYS B 152 -6.52 57.76 47.17
CA CYS B 152 -5.08 57.56 47.12
C CYS B 152 -4.54 57.59 48.54
N ILE B 153 -3.44 56.87 48.77
CA ILE B 153 -2.84 56.78 50.09
C ILE B 153 -1.34 56.57 49.95
N PRO B 154 -0.54 56.82 51.00
CA PRO B 154 0.91 56.60 50.91
C PRO B 154 1.31 55.20 51.32
N TYR B 155 2.10 54.53 50.46
CA TYR B 155 2.59 53.20 50.81
C TYR B 155 3.69 53.27 51.87
N ASP B 156 4.43 54.39 51.90
CA ASP B 156 5.49 54.59 52.87
C ASP B 156 5.83 56.07 52.90
N GLN B 157 6.68 56.45 53.84
CA GLN B 157 7.15 57.83 53.91
C GLN B 157 7.87 58.20 52.61
N LYS B 158 7.37 59.26 51.95
CA LYS B 158 7.86 59.75 50.66
C LYS B 158 7.45 58.82 49.52
N ARG B 159 6.42 58.00 49.71
CA ARG B 159 5.90 57.11 48.66
C ARG B 159 4.40 57.31 48.55
N LYS B 160 3.90 57.32 47.32
CA LYS B 160 2.48 57.53 47.04
C LYS B 160 2.04 56.53 45.99
N THR B 161 0.98 55.78 46.29
CA THR B 161 0.46 54.76 45.39
C THR B 161 -1.06 54.75 45.46
N CYS B 162 -1.65 54.07 44.48
CA CYS B 162 -3.10 53.98 44.38
C CYS B 162 -3.65 52.95 45.36
N GLU B 163 -4.89 53.15 45.77
CA GLU B 163 -5.55 52.23 46.69
C GLU B 163 -6.25 51.12 45.92
N ILE B 164 -6.38 49.96 46.57
CA ILE B 164 -7.04 48.81 45.98
C ILE B 164 -7.72 48.00 47.07
N PHE B 165 -8.89 47.48 46.73
CA PHE B 165 -9.62 46.52 47.55
C PHE B 165 -9.18 45.14 47.10
N ALA B 166 -8.37 44.47 47.89
CA ALA B 166 -7.84 43.16 47.52
C ALA B 166 -7.23 42.53 48.76
N TRP B 167 -6.51 41.43 48.55
CA TRP B 167 -5.76 40.80 49.62
C TRP B 167 -4.57 41.66 50.00
N CYS B 168 -4.50 42.01 51.29
CA CYS B 168 -3.48 42.87 51.83
C CYS B 168 -2.79 42.15 52.98
N PRO B 169 -1.46 42.31 53.15
CA PRO B 169 -0.47 43.07 52.37
C PRO B 169 -0.23 42.48 50.99
N ALA B 170 -0.42 43.29 49.95
CA ALA B 170 -0.35 42.81 48.58
C ALA B 170 1.05 42.33 48.24
N GLU B 171 1.11 41.25 47.47
CA GLU B 171 2.38 40.68 47.07
C GLU B 171 3.13 41.65 46.17
N GLU B 172 4.45 41.68 46.32
CA GLU B 172 5.33 42.56 45.57
C GLU B 172 6.12 41.74 44.55
N GLY B 173 6.15 42.21 43.32
CA GLY B 173 6.84 41.51 42.26
C GLY B 173 8.34 41.46 42.46
N LYS B 174 8.85 40.26 42.76
CA LYS B 174 10.28 40.03 42.93
C LYS B 174 10.72 38.98 41.92
N GLU B 175 12.03 38.99 41.65
CA GLU B 175 12.63 37.94 40.84
C GLU B 175 12.81 36.69 41.69
N ALA B 176 13.19 35.60 41.03
CA ALA B 176 13.37 34.35 41.74
C ALA B 176 14.61 34.45 42.64
N PRO B 177 14.52 34.01 43.91
CA PRO B 177 15.70 34.09 44.77
C PRO B 177 16.78 33.11 44.32
N ARG B 178 17.99 33.65 44.11
CA ARG B 178 19.17 32.87 43.78
C ARG B 178 20.22 33.08 44.86
N PRO B 179 20.82 32.01 45.41
CA PRO B 179 20.69 30.57 45.17
C PRO B 179 19.35 30.02 45.62
N ALA B 180 18.86 29.00 44.91
CA ALA B 180 17.55 28.44 45.21
C ALA B 180 17.53 27.84 46.61
N LEU B 181 16.31 27.70 47.15
CA LEU B 181 16.15 27.15 48.49
C LEU B 181 16.22 25.63 48.48
N LEU B 182 15.56 24.98 47.52
CA LEU B 182 15.48 23.53 47.43
C LEU B 182 16.39 22.97 46.35
N ARG B 183 17.60 23.54 46.22
CA ARG B 183 18.61 22.93 45.37
C ARG B 183 18.95 21.51 45.84
N SER B 184 18.78 21.24 47.14
CA SER B 184 18.95 19.90 47.70
C SER B 184 18.10 18.86 47.00
N ALA B 185 17.05 19.27 46.28
CA ALA B 185 16.22 18.38 45.49
C ALA B 185 17.00 17.65 44.40
N GLU B 186 18.26 18.04 44.13
CA GLU B 186 19.10 17.25 43.26
C GLU B 186 19.41 15.87 43.82
N ASN B 187 19.16 15.63 45.11
CA ASN B 187 19.43 14.33 45.74
C ASN B 187 18.16 13.57 46.09
N PHE B 188 16.98 14.06 45.72
CA PHE B 188 15.76 13.30 45.93
C PHE B 188 15.71 12.11 44.98
N THR B 189 14.90 11.12 45.34
CA THR B 189 14.75 9.90 44.58
C THR B 189 13.31 9.76 44.08
N VAL B 190 13.16 8.98 43.01
CA VAL B 190 11.88 8.74 42.37
C VAL B 190 11.69 7.24 42.21
N LEU B 191 10.43 6.83 42.13
CA LEU B 191 10.06 5.46 41.81
C LEU B 191 8.94 5.51 40.79
N ILE B 192 9.13 4.82 39.67
CA ILE B 192 8.18 4.79 38.57
C ILE B 192 7.76 3.34 38.36
N LYS B 193 6.46 3.08 38.48
CA LYS B 193 5.88 1.76 38.28
C LYS B 193 4.96 1.83 37.08
N ASN B 194 5.31 1.10 36.01
CA ASN B 194 4.55 1.09 34.77
C ASN B 194 4.09 -0.33 34.49
N ASN B 195 2.79 -0.49 34.26
CA ASN B 195 2.21 -1.75 33.83
C ASN B 195 1.71 -1.59 32.41
N ILE B 196 2.07 -2.54 31.53
CA ILE B 196 1.67 -2.51 30.14
C ILE B 196 0.86 -3.75 29.82
N ASP B 197 -0.06 -3.59 28.86
CA ASP B 197 -0.96 -4.65 28.44
C ASP B 197 -1.10 -4.62 26.92
N PHE B 198 -0.90 -5.78 26.30
CA PHE B 198 -1.22 -6.03 24.90
C PHE B 198 -2.50 -6.84 24.88
N PRO B 199 -3.68 -6.24 24.58
CA PRO B 199 -4.94 -6.99 24.68
C PRO B 199 -5.06 -8.09 23.64
N GLY B 200 -4.75 -7.77 22.38
CA GLY B 200 -4.90 -8.75 21.32
C GLY B 200 -4.05 -9.99 21.53
N HIS B 201 -2.79 -9.79 21.92
CA HIS B 201 -1.93 -10.91 22.29
C HIS B 201 -2.19 -11.42 23.69
N ASN B 202 -2.95 -10.68 24.51
CA ASN B 202 -3.33 -11.13 25.85
C ASN B 202 -2.10 -11.27 26.74
N TYR B 203 -1.25 -10.24 26.75
CA TYR B 203 0.00 -10.26 27.49
C TYR B 203 0.12 -9.03 28.37
N THR B 204 0.15 -9.24 29.69
CA THR B 204 0.32 -8.18 30.66
C THR B 204 1.69 -8.33 31.31
N THR B 205 2.39 -7.22 31.51
CA THR B 205 3.67 -7.27 32.20
C THR B 205 3.95 -5.93 32.86
N ARG B 206 5.04 -5.90 33.60
CA ARG B 206 5.42 -4.76 34.42
C ARG B 206 6.94 -4.59 34.37
N ASN B 207 7.40 -3.35 34.52
CA ASN B 207 8.82 -3.06 34.41
C ASN B 207 9.62 -3.68 35.55
N ILE B 208 9.01 -3.81 36.72
CA ILE B 208 9.68 -4.37 37.89
C ILE B 208 9.64 -5.89 37.80
N LEU B 209 10.73 -6.52 38.21
CA LEU B 209 10.88 -7.97 38.24
C LEU B 209 11.24 -8.41 39.66
N PRO B 210 11.02 -9.69 40.01
CA PRO B 210 11.35 -10.11 41.38
C PRO B 210 12.85 -10.14 41.61
N GLY B 211 13.25 -9.72 42.80
CA GLY B 211 14.63 -9.83 43.25
C GLY B 211 15.41 -8.52 43.23
N MET B 212 14.89 -7.47 42.58
CA MET B 212 15.62 -6.22 42.53
C MET B 212 15.74 -5.62 43.93
N ASN B 213 16.95 -5.17 44.27
CA ASN B 213 17.15 -4.48 45.53
C ASN B 213 16.54 -3.09 45.47
N ILE B 214 15.69 -2.79 46.45
CA ILE B 214 15.04 -1.48 46.50
C ILE B 214 16.02 -0.34 46.76
N SER B 215 17.24 -0.65 47.24
CA SER B 215 18.27 0.36 47.45
C SER B 215 19.19 0.40 46.22
N CYS B 216 18.56 0.65 45.08
CA CYS B 216 19.26 0.75 43.80
C CYS B 216 19.03 2.14 43.22
N THR B 217 19.83 2.48 42.22
CA THR B 217 19.70 3.73 41.50
C THR B 217 20.04 3.48 40.03
N PHE B 218 19.30 4.15 39.15
CA PHE B 218 19.46 3.96 37.72
C PHE B 218 20.83 4.43 37.27
N HIS B 219 21.52 3.57 36.51
CA HIS B 219 22.75 3.93 35.83
C HIS B 219 22.68 3.39 34.41
N LYS B 220 23.29 4.13 33.48
CA LYS B 220 23.15 3.81 32.07
C LYS B 220 23.75 2.45 31.74
N THR B 221 24.77 2.02 32.48
CA THR B 221 25.48 0.77 32.23
C THR B 221 25.54 -0.14 33.44
N TRP B 222 25.72 0.41 34.64
CA TRP B 222 25.87 -0.41 35.84
C TRP B 222 24.57 -1.15 36.16
N ASN B 223 23.50 -0.40 36.41
CA ASN B 223 22.21 -0.96 36.82
C ASN B 223 21.12 -0.32 35.96
N PRO B 224 20.96 -0.77 34.71
CA PRO B 224 19.97 -0.11 33.84
C PRO B 224 18.53 -0.35 34.26
N GLN B 225 18.16 -1.60 34.59
CA GLN B 225 16.77 -1.93 34.88
C GLN B 225 16.50 -1.85 36.37
N CYS B 226 16.78 -0.66 36.92
CA CYS B 226 16.38 -0.27 38.26
C CYS B 226 15.46 0.94 38.14
N PRO B 227 14.14 0.80 38.34
CA PRO B 227 13.25 1.93 38.02
C PRO B 227 13.42 3.14 38.93
N ILE B 228 14.23 3.03 39.99
CA ILE B 228 14.49 4.18 40.84
C ILE B 228 15.49 5.09 40.16
N PHE B 229 15.23 6.40 40.24
CA PHE B 229 16.03 7.41 39.57
C PHE B 229 16.47 8.46 40.60
N ARG B 230 17.42 9.28 40.18
CA ARG B 230 17.87 10.44 40.94
C ARG B 230 17.72 11.68 40.08
N LEU B 231 17.10 12.72 40.65
CA LEU B 231 16.75 13.89 39.85
C LEU B 231 17.96 14.62 39.31
N GLY B 232 19.11 14.50 39.99
CA GLY B 232 20.31 15.12 39.48
C GLY B 232 20.90 14.37 38.29
N ASP B 233 20.86 13.05 38.34
CA ASP B 233 21.43 12.25 37.26
C ASP B 233 20.67 12.42 35.95
N ILE B 234 19.36 12.66 36.03
CA ILE B 234 18.56 12.86 34.82
C ILE B 234 19.07 14.07 34.06
N PHE B 235 19.46 15.12 34.79
CA PHE B 235 20.02 16.30 34.14
C PHE B 235 21.48 16.08 33.76
N GLN B 236 22.21 15.32 34.57
CA GLN B 236 23.63 15.12 34.30
C GLN B 236 23.85 14.31 33.03
N GLU B 237 22.94 13.37 32.74
CA GLU B 237 23.08 12.55 31.54
C GLU B 237 23.00 13.39 30.27
N ILE B 238 22.18 14.44 30.29
CA ILE B 238 21.98 15.27 29.10
C ILE B 238 23.07 16.33 28.97
N GLY B 239 23.63 16.79 30.08
CA GLY B 239 24.57 17.90 30.11
C GLY B 239 24.03 19.15 30.75
N GLU B 240 22.81 19.11 31.30
CA GLU B 240 22.22 20.27 31.94
C GLU B 240 22.82 20.48 33.33
N ASN B 241 22.35 21.65 33.93
CA ASN B 241 22.73 21.90 35.31
C ASN B 241 21.47 22.13 36.13
N PHE B 242 21.33 21.31 37.23
CA PHE B 242 20.12 21.43 38.04
C PHE B 242 20.08 22.72 38.82
N THR B 243 21.25 23.21 39.26
CA THR B 243 21.28 24.42 40.07
C THR B 243 20.85 25.65 39.29
N GLU B 244 21.06 25.66 37.98
CA GLU B 244 20.64 26.80 37.16
C GLU B 244 19.17 26.70 36.78
N VAL B 245 18.64 25.48 36.69
CA VAL B 245 17.24 25.30 36.33
C VAL B 245 16.34 25.45 37.56
N ALA B 246 16.87 25.22 38.76
CA ALA B 246 16.04 25.30 39.96
C ALA B 246 15.54 26.71 40.21
N VAL B 247 16.31 27.73 39.82
CA VAL B 247 15.92 29.10 40.10
C VAL B 247 14.68 29.48 39.31
N GLN B 248 14.65 29.11 38.02
CA GLN B 248 13.49 29.24 37.17
C GLN B 248 13.24 27.90 36.52
N GLY B 249 12.18 27.22 36.94
CA GLY B 249 11.99 25.83 36.62
C GLY B 249 11.83 25.58 35.13
N GLY B 250 12.01 24.32 34.77
CA GLY B 250 11.90 23.89 33.38
C GLY B 250 11.37 22.48 33.30
N ILE B 251 10.76 22.17 32.18
CA ILE B 251 10.10 20.89 31.97
C ILE B 251 11.12 19.87 31.52
N MET B 252 10.98 18.66 32.04
CA MET B 252 11.79 17.50 31.68
C MET B 252 10.85 16.41 31.21
N GLY B 253 11.40 15.41 30.52
CA GLY B 253 10.60 14.32 30.00
C GLY B 253 11.33 13.00 30.00
N ILE B 254 10.64 11.96 30.47
CA ILE B 254 11.16 10.60 30.53
C ILE B 254 10.40 9.77 29.52
N GLU B 255 11.14 8.97 28.76
CA GLU B 255 10.59 8.10 27.74
C GLU B 255 10.90 6.66 28.12
N ILE B 256 9.91 5.78 27.94
CA ILE B 256 10.02 4.38 28.29
C ILE B 256 9.64 3.60 27.05
N TYR B 257 10.64 3.06 26.35
CA TYR B 257 10.43 2.37 25.08
C TYR B 257 10.29 0.88 25.34
N TRP B 258 9.16 0.32 24.92
CA TRP B 258 8.89 -1.11 24.96
C TRP B 258 8.90 -1.63 23.53
N ASP B 259 9.83 -2.53 23.23
CA ASP B 259 9.90 -3.20 21.94
C ASP B 259 10.24 -4.65 22.19
N CYS B 260 9.31 -5.55 21.89
CA CYS B 260 9.54 -6.96 22.17
C CYS B 260 8.63 -7.82 21.32
N ASN B 261 9.03 -9.09 21.18
CA ASN B 261 8.35 -10.08 20.37
C ASN B 261 7.88 -11.20 21.28
N LEU B 262 6.59 -11.52 21.22
CA LEU B 262 5.98 -12.48 22.13
C LEU B 262 5.99 -13.89 21.54
N ASP B 263 7.19 -14.30 21.13
CA ASP B 263 7.43 -15.62 20.57
C ASP B 263 8.16 -16.47 21.61
N SER B 264 7.80 -17.75 21.67
CA SER B 264 8.34 -18.62 22.71
C SER B 264 9.84 -18.84 22.54
N TRP B 265 10.34 -18.80 21.30
CA TRP B 265 11.76 -19.01 21.07
C TRP B 265 12.58 -17.74 21.28
N SER B 266 11.95 -16.57 21.14
CA SER B 266 12.60 -15.29 21.39
C SER B 266 11.62 -14.44 22.20
N HIS B 267 11.84 -14.39 23.52
CA HIS B 267 10.96 -13.66 24.44
C HIS B 267 11.85 -12.82 25.36
N ARG B 268 12.06 -11.56 25.00
CA ARG B 268 12.68 -10.57 25.86
C ARG B 268 11.88 -9.27 25.75
N CYS B 269 11.15 -8.95 26.81
CA CYS B 269 10.40 -7.70 26.90
C CYS B 269 10.92 -6.93 28.10
N GLN B 270 11.71 -5.90 27.83
CA GLN B 270 12.35 -5.07 28.85
C GLN B 270 12.23 -3.62 28.42
N PRO B 271 12.05 -2.69 29.36
CA PRO B 271 11.94 -1.29 28.97
C PRO B 271 13.30 -0.63 28.83
N LYS B 272 13.35 0.33 27.91
CA LYS B 272 14.52 1.19 27.74
C LYS B 272 14.17 2.60 28.17
N TYR B 273 14.94 3.15 29.11
CA TYR B 273 14.70 4.47 29.66
C TYR B 273 15.54 5.49 28.93
N SER B 274 14.91 6.60 28.55
CA SER B 274 15.58 7.71 27.88
C SER B 274 15.08 9.02 28.47
N PHE B 275 15.86 10.07 28.28
CA PHE B 275 15.57 11.39 28.84
C PHE B 275 15.62 12.43 27.74
N ARG B 276 14.85 13.50 27.95
CA ARG B 276 14.78 14.58 26.97
C ARG B 276 14.29 15.82 27.69
N ARG B 277 14.66 16.98 27.16
CA ARG B 277 14.21 18.27 27.69
C ARG B 277 13.18 18.86 26.73
N LEU B 278 11.97 19.06 27.21
CA LEU B 278 10.88 19.58 26.40
C LEU B 278 10.88 21.10 26.35
N ASP B 279 11.27 21.76 27.42
CA ASP B 279 11.32 23.22 27.44
C ASP B 279 12.51 23.71 26.62
N ASP B 280 12.53 25.02 26.40
CA ASP B 280 13.59 25.64 25.62
C ASP B 280 14.81 25.89 26.49
N LYS B 281 15.99 25.86 25.86
CA LYS B 281 17.24 26.16 26.55
C LYS B 281 17.28 27.66 26.82
N TYR B 282 16.66 28.11 27.91
CA TYR B 282 16.51 29.53 28.17
C TYR B 282 17.80 30.09 28.76
N THR B 283 17.99 31.38 28.54
CA THR B 283 19.15 32.11 29.02
C THR B 283 18.72 33.55 29.31
N ASN B 284 19.68 34.36 29.73
CA ASN B 284 19.41 35.78 29.95
C ASN B 284 18.93 36.43 28.65
N GLU B 285 18.12 37.47 28.80
CA GLU B 285 17.51 38.24 27.72
C GLU B 285 16.32 37.51 27.09
N SER B 286 16.02 36.28 27.48
CA SER B 286 14.84 35.60 26.96
C SER B 286 13.59 36.19 27.59
N LEU B 287 12.45 35.98 26.92
CA LEU B 287 11.21 36.65 27.33
C LEU B 287 10.53 35.93 28.48
N PHE B 288 10.07 34.70 28.22
CA PHE B 288 9.25 33.93 29.17
C PHE B 288 10.00 32.64 29.48
N PRO B 289 10.99 32.66 30.37
CA PRO B 289 11.91 31.53 30.49
C PRO B 289 11.57 30.48 31.53
N GLY B 290 10.64 30.74 32.44
CA GLY B 290 10.48 29.92 33.62
C GLY B 290 9.11 29.31 33.73
N TYR B 291 9.08 28.09 34.25
CA TYR B 291 7.85 27.42 34.65
C TYR B 291 7.54 27.82 36.08
N ASN B 292 6.32 28.32 36.32
CA ASN B 292 5.89 28.65 37.67
C ASN B 292 4.38 28.68 37.72
N PHE B 293 3.86 28.66 38.95
CA PHE B 293 2.41 28.80 39.13
C PHE B 293 2.14 29.16 40.58
N ARG B 294 0.93 29.67 40.81
CA ARG B 294 0.51 30.16 42.12
C ARG B 294 -0.53 29.24 42.73
N TYR B 295 -0.43 29.02 44.04
CA TYR B 295 -1.47 28.32 44.78
C TYR B 295 -1.49 28.84 46.21
N ALA B 296 -2.64 28.66 46.85
CA ALA B 296 -2.92 29.29 48.13
C ALA B 296 -3.43 28.27 49.14
N LYS B 297 -3.07 28.50 50.40
CA LYS B 297 -3.58 27.74 51.54
C LYS B 297 -4.47 28.65 52.37
N TYR B 298 -5.75 28.28 52.47
CA TYR B 298 -6.72 29.09 53.19
C TYR B 298 -6.84 28.64 54.64
N TYR B 299 -7.21 29.57 55.50
CA TYR B 299 -7.49 29.27 56.90
C TYR B 299 -8.23 30.47 57.49
N LYS B 300 -8.43 30.43 58.80
CA LYS B 300 -9.05 31.55 59.50
C LYS B 300 -8.68 31.51 60.97
N GLU B 301 -8.56 32.68 61.57
CA GLU B 301 -8.22 32.82 62.98
C GLU B 301 -8.99 34.01 63.55
N ASN B 302 -9.65 33.80 64.68
CA ASN B 302 -10.42 34.84 65.36
C ASN B 302 -11.55 35.35 64.45
N GLY B 303 -12.21 34.42 63.78
CA GLY B 303 -13.35 34.78 62.95
C GLY B 303 -13.02 35.69 61.79
N MET B 304 -12.01 35.34 61.02
CA MET B 304 -11.61 36.15 59.87
C MET B 304 -10.86 35.26 58.89
N GLU B 305 -11.24 35.33 57.62
CA GLU B 305 -10.63 34.50 56.59
C GLU B 305 -9.27 35.07 56.21
N LYS B 306 -8.30 34.18 55.99
CA LYS B 306 -6.96 34.55 55.58
C LYS B 306 -6.41 33.47 54.66
N ARG B 307 -5.35 33.82 53.93
CA ARG B 307 -4.68 32.87 53.06
C ARG B 307 -3.19 33.11 53.08
N THR B 308 -2.46 32.08 52.69
CA THR B 308 -1.03 32.15 52.44
C THR B 308 -0.81 31.79 50.98
N LEU B 309 -0.31 32.75 50.21
CA LEU B 309 -0.08 32.57 48.78
C LEU B 309 1.34 32.10 48.55
N ILE B 310 1.54 31.26 47.54
CA ILE B 310 2.84 30.71 47.19
C ILE B 310 2.96 30.72 45.68
N LYS B 311 3.93 31.46 45.16
CA LYS B 311 4.38 31.34 43.79
C LYS B 311 5.51 30.33 43.77
N ALA B 312 5.30 29.20 43.11
CA ALA B 312 6.21 28.08 43.12
C ALA B 312 6.85 27.94 41.74
N PHE B 313 8.18 27.86 41.73
CA PHE B 313 8.97 27.50 40.56
C PHE B 313 9.48 26.08 40.76
N GLY B 314 9.34 25.26 39.74
CA GLY B 314 9.81 23.90 39.82
C GLY B 314 9.72 23.22 38.47
N VAL B 315 10.32 22.04 38.41
CA VAL B 315 10.35 21.24 37.20
C VAL B 315 9.04 20.48 37.06
N ARG B 316 8.80 19.91 35.89
CA ARG B 316 7.64 19.08 35.64
C ARG B 316 8.05 17.94 34.72
N PHE B 317 8.03 16.72 35.24
CA PHE B 317 8.43 15.54 34.50
C PHE B 317 7.22 14.98 33.78
N ASP B 318 7.33 14.80 32.46
CA ASP B 318 6.27 14.27 31.62
C ASP B 318 6.70 12.89 31.13
N ILE B 319 6.16 11.86 31.75
CA ILE B 319 6.47 10.48 31.40
C ILE B 319 5.70 10.11 30.15
N LEU B 320 6.40 9.49 29.19
CA LEU B 320 5.86 9.17 27.87
C LEU B 320 6.13 7.71 27.58
N VAL B 321 5.06 6.95 27.33
CA VAL B 321 5.14 5.52 27.09
C VAL B 321 4.69 5.25 25.65
N PHE B 322 5.60 4.70 24.86
CA PHE B 322 5.30 4.32 23.49
C PHE B 322 6.02 3.03 23.18
N GLY B 323 5.36 2.15 22.43
CA GLY B 323 5.93 0.86 22.09
C GLY B 323 4.99 0.08 21.20
N THR B 324 5.41 -1.14 20.87
CA THR B 324 4.61 -2.02 20.04
C THR B 324 5.08 -3.46 20.28
N GLY B 325 4.13 -4.37 20.43
CA GLY B 325 4.43 -5.77 20.68
C GLY B 325 4.01 -6.64 19.52
N GLY B 326 4.88 -7.57 19.12
CA GLY B 326 4.65 -8.41 17.97
C GLY B 326 4.58 -9.88 18.37
N LYS B 327 3.76 -10.63 17.63
CA LYS B 327 3.71 -12.07 17.78
C LYS B 327 3.50 -12.71 16.41
N PHE B 328 4.00 -13.94 16.27
CA PHE B 328 3.98 -14.62 14.98
C PHE B 328 2.56 -14.74 14.43
N ASP B 329 2.44 -14.54 13.13
CA ASP B 329 1.16 -14.58 12.44
C ASP B 329 1.38 -15.09 11.03
N ILE B 330 0.43 -15.89 10.54
CA ILE B 330 0.62 -16.57 9.26
C ILE B 330 0.16 -15.72 8.07
N ILE B 331 -0.85 -14.87 8.25
CA ILE B 331 -1.39 -14.14 7.11
C ILE B 331 -0.44 -13.02 6.67
N GLN B 332 0.34 -12.46 7.59
CA GLN B 332 1.29 -11.41 7.22
C GLN B 332 2.35 -11.95 6.28
N LEU B 333 2.79 -13.19 6.50
CA LEU B 333 3.72 -13.84 5.58
C LEU B 333 3.14 -13.87 4.17
N VAL B 334 1.90 -14.33 4.02
CA VAL B 334 1.27 -14.40 2.72
C VAL B 334 1.15 -13.02 2.11
N VAL B 335 0.84 -12.02 2.92
CA VAL B 335 0.70 -10.65 2.41
C VAL B 335 2.04 -10.14 1.88
N TYR B 336 3.13 -10.56 2.51
CA TYR B 336 4.45 -10.11 2.07
C TYR B 336 4.88 -10.84 0.79
N ILE B 337 4.62 -12.14 0.72
CA ILE B 337 4.92 -12.88 -0.49
C ILE B 337 4.10 -12.35 -1.66
N GLY B 338 2.87 -11.90 -1.39
CA GLY B 338 2.07 -11.29 -2.43
C GLY B 338 2.68 -10.01 -2.97
N SER B 339 3.43 -9.29 -2.12
CA SER B 339 3.98 -8.00 -2.52
C SER B 339 5.32 -8.16 -3.25
N THR B 340 6.07 -9.21 -2.92
CA THR B 340 7.39 -9.39 -3.54
C THR B 340 7.28 -9.63 -5.06
N LEU B 341 6.14 -10.13 -5.52
CA LEU B 341 6.01 -10.55 -6.91
C LEU B 341 6.14 -9.38 -7.87
N SER B 342 5.59 -8.22 -7.48
CA SER B 342 5.73 -7.03 -8.33
C SER B 342 7.19 -6.59 -8.42
N TYR B 343 7.94 -6.74 -7.33
CA TYR B 343 9.35 -6.38 -7.36
C TYR B 343 10.15 -7.32 -8.25
N PHE B 344 9.69 -8.56 -8.39
CA PHE B 344 10.49 -9.56 -9.10
C PHE B 344 10.62 -9.32 -10.62
N GLY B 345 10.03 -8.28 -11.18
CA GLY B 345 10.08 -8.05 -12.62
C GLY B 345 11.27 -7.26 -13.14
N LEU B 346 12.27 -7.05 -12.27
CA LEU B 346 13.39 -6.18 -12.60
C LEU B 346 14.21 -6.75 -13.76
N ALA B 347 14.51 -8.04 -13.73
CA ALA B 347 15.32 -8.64 -14.78
C ALA B 347 14.65 -8.51 -16.13
N THR B 348 13.34 -8.84 -16.18
CA THR B 348 12.59 -8.75 -17.44
C THR B 348 12.63 -7.33 -17.99
N VAL B 349 12.26 -6.34 -17.18
CA VAL B 349 12.16 -4.99 -17.68
C VAL B 349 13.53 -4.46 -18.10
N CYS B 350 14.56 -4.78 -17.32
CA CYS B 350 15.90 -4.28 -17.63
C CYS B 350 16.44 -4.87 -18.91
N ILE B 351 16.29 -6.18 -19.10
CA ILE B 351 16.84 -6.81 -20.29
C ILE B 351 16.06 -6.38 -21.54
N ASP B 352 14.73 -6.24 -21.41
CA ASP B 352 13.96 -5.74 -22.54
C ASP B 352 14.38 -4.33 -22.91
N LEU B 353 14.65 -3.49 -21.91
CA LEU B 353 15.14 -2.15 -22.17
C LEU B 353 16.49 -2.18 -22.87
N ILE B 354 17.37 -3.09 -22.45
CA ILE B 354 18.68 -3.21 -23.08
C ILE B 354 18.54 -3.59 -24.55
N ILE B 355 17.67 -4.57 -24.84
CA ILE B 355 17.46 -4.99 -26.22
C ILE B 355 16.91 -3.84 -27.05
N ASN B 356 15.87 -3.17 -26.55
CA ASN B 356 15.25 -2.08 -27.31
C ASN B 356 16.23 -0.93 -27.53
N THR B 357 17.17 -0.72 -26.61
CA THR B 357 18.14 0.35 -26.79
C THR B 357 19.21 -0.05 -27.80
N TYR B 358 19.76 -1.25 -27.68
CA TYR B 358 20.83 -1.68 -28.57
C TYR B 358 20.33 -2.02 -29.98
N ALA B 359 19.03 -2.16 -30.18
CA ALA B 359 18.47 -2.39 -31.51
C ALA B 359 18.01 -1.11 -32.18
N SER B 360 18.57 0.04 -31.77
CA SER B 360 18.12 1.31 -32.33
C SER B 360 18.59 1.51 -33.77
N THR B 361 19.62 0.78 -34.20
CA THR B 361 20.22 0.84 -35.53
C THR B 361 21.12 2.06 -35.71
N CYS B 362 21.20 2.96 -34.74
CA CYS B 362 22.13 4.07 -34.78
C CYS B 362 23.48 3.73 -34.17
N CYS B 363 23.55 2.70 -33.33
CA CYS B 363 24.82 2.33 -32.70
C CYS B 363 25.82 1.79 -33.70
N ARG B 364 25.34 1.17 -34.78
CA ARG B 364 26.25 0.66 -35.80
C ARG B 364 26.99 1.78 -36.53
N SER B 365 26.47 3.00 -36.48
CA SER B 365 27.08 4.10 -37.24
C SER B 365 28.33 4.62 -36.55
N ARG B 366 28.19 5.10 -35.32
CA ARG B 366 29.22 5.92 -34.66
C ARG B 366 29.80 5.30 -33.40
N VAL B 367 28.98 4.78 -32.49
CA VAL B 367 29.49 4.40 -31.17
C VAL B 367 30.28 3.10 -31.25
N TYR B 368 29.85 2.16 -32.10
CA TYR B 368 30.57 0.90 -32.25
C TYR B 368 31.96 1.10 -32.84
N PRO B 369 32.13 1.78 -33.99
CA PRO B 369 33.50 1.99 -34.49
C PRO B 369 34.36 2.84 -33.56
N SER B 370 33.73 3.70 -32.75
CA SER B 370 34.50 4.50 -31.81
C SER B 370 35.02 3.67 -30.66
N CYS B 371 34.11 3.00 -29.93
CA CYS B 371 34.52 2.20 -28.78
C CYS B 371 35.31 0.97 -29.20
N LYS B 372 34.81 0.25 -30.20
CA LYS B 372 35.42 -0.95 -30.75
C LYS B 372 35.40 -2.13 -29.76
N CYS B 373 34.58 -2.06 -28.70
CA CYS B 373 34.46 -3.14 -27.72
C CYS B 373 33.04 -3.69 -27.60
N CYS B 374 32.02 -2.88 -27.85
CA CYS B 374 30.63 -3.33 -27.79
C CYS B 374 30.14 -3.85 -29.14
N GLU B 375 31.03 -4.35 -29.99
CA GLU B 375 30.63 -4.92 -31.26
C GLU B 375 29.66 -6.09 -31.13
N PRO B 376 29.95 -7.17 -30.37
CA PRO B 376 29.03 -8.32 -30.38
C PRO B 376 27.63 -8.01 -29.84
N CYS B 377 27.47 -6.90 -29.11
CA CYS B 377 26.15 -6.48 -28.68
C CYS B 377 25.21 -6.21 -29.85
N ALA B 378 25.75 -5.99 -31.05
CA ALA B 378 24.94 -5.89 -32.26
C ALA B 378 24.04 -7.11 -32.46
N VAL B 379 24.42 -8.26 -31.90
CA VAL B 379 23.61 -9.48 -31.89
C VAL B 379 22.18 -9.17 -31.45
N ASN B 380 22.02 -8.23 -30.51
CA ASN B 380 20.71 -7.90 -29.98
C ASN B 380 19.73 -7.49 -31.09
N GLU B 381 20.23 -6.91 -32.18
CA GLU B 381 19.37 -6.55 -33.31
C GLU B 381 18.55 -7.74 -33.78
N TYR B 382 19.20 -8.89 -33.89
CA TYR B 382 18.51 -10.12 -34.31
C TYR B 382 17.32 -10.41 -33.40
N TYR B 383 17.51 -10.26 -32.09
CA TYR B 383 16.41 -10.51 -31.16
C TYR B 383 15.21 -9.63 -31.48
N TYR B 384 15.47 -8.36 -31.82
CA TYR B 384 14.38 -7.46 -32.17
C TYR B 384 13.59 -8.01 -33.35
N ARG B 385 14.29 -8.54 -34.36
CA ARG B 385 13.60 -9.08 -35.52
C ARG B 385 12.73 -10.26 -35.14
N LYS B 386 13.11 -11.00 -34.10
CA LYS B 386 12.33 -12.15 -33.64
C LYS B 386 11.33 -11.77 -32.57
N LYS B 387 11.22 -10.48 -32.21
CA LYS B 387 10.39 -10.03 -31.11
C LYS B 387 9.32 -9.03 -31.52
N CYS B 388 9.65 -8.12 -32.45
CA CYS B 388 8.75 -7.06 -32.88
C CYS B 388 8.40 -7.26 -34.34
N GLU B 389 7.12 -7.45 -34.63
CA GLU B 389 6.58 -7.56 -35.98
C GLU B 389 5.96 -6.21 -36.36
N PRO B 390 6.66 -5.33 -37.08
CA PRO B 390 6.06 -4.02 -37.38
C PRO B 390 5.13 -4.07 -38.57
N ILE B 391 4.02 -3.34 -38.44
CA ILE B 391 3.00 -3.24 -39.48
C ILE B 391 2.57 -1.79 -39.59
N VAL B 392 1.66 -1.54 -40.54
CA VAL B 392 1.14 -0.21 -40.81
C VAL B 392 -0.35 -0.33 -41.06
N GLU B 393 -1.12 0.64 -40.57
CA GLU B 393 -2.56 0.56 -40.68
C GLU B 393 -2.98 0.74 -42.15
N PRO B 394 -4.00 0.03 -42.61
CA PRO B 394 -4.48 0.27 -43.98
C PRO B 394 -5.38 1.49 -44.05
N LYS B 395 -5.16 2.30 -45.07
CA LYS B 395 -5.98 3.47 -45.32
C LYS B 395 -6.00 3.73 -46.82
N PRO B 396 -6.98 4.48 -47.33
CA PRO B 396 -7.08 4.66 -48.78
C PRO B 396 -5.89 5.36 -49.40
N THR B 397 -5.19 6.20 -48.65
CA THR B 397 -4.01 6.88 -49.17
C THR B 397 -2.79 5.97 -49.24
N LEU B 398 -2.88 4.76 -48.69
CA LEU B 398 -1.72 3.89 -48.58
C LEU B 398 -1.41 3.23 -49.91
N LYS B 399 -0.15 3.31 -50.33
CA LYS B 399 0.30 2.77 -51.60
C LYS B 399 1.74 2.31 -51.47
N TYR B 400 2.12 1.37 -52.31
CA TYR B 400 3.48 0.87 -52.39
C TYR B 400 3.91 0.84 -53.85
N VAL B 401 5.17 1.20 -54.09
CA VAL B 401 5.74 1.23 -55.43
C VAL B 401 7.12 0.62 -55.37
N SER B 402 7.51 -0.06 -56.45
CA SER B 402 8.81 -0.69 -56.57
C SER B 402 9.33 -0.49 -57.98
N PHE B 403 10.63 -0.20 -58.07
CA PHE B 403 11.32 0.01 -59.33
C PHE B 403 12.49 -0.96 -59.43
N VAL B 404 12.60 -1.64 -60.58
CA VAL B 404 13.58 -2.70 -60.73
C VAL B 404 15.00 -2.18 -60.60
N ASP B 405 15.24 -0.94 -61.02
CA ASP B 405 16.60 -0.41 -60.97
C ASP B 405 17.05 -0.18 -59.53
N GLU B 406 16.14 0.24 -58.65
CA GLU B 406 16.45 0.39 -57.25
C GLU B 406 16.22 -0.93 -56.51
N PRO B 407 16.86 -1.12 -55.35
CA PRO B 407 16.71 -2.40 -54.63
C PRO B 407 15.59 -2.40 -53.61
N HIS B 408 15.09 -1.23 -53.23
CA HIS B 408 14.16 -1.08 -52.12
C HIS B 408 12.78 -0.67 -52.62
N ILE B 409 11.83 -0.68 -51.69
CA ILE B 409 10.43 -0.36 -51.96
C ILE B 409 10.12 1.01 -51.36
N TRP B 410 9.23 1.74 -52.03
CA TRP B 410 8.83 3.08 -51.63
C TRP B 410 7.37 3.07 -51.19
N MET B 411 7.13 3.42 -49.93
CA MET B 411 5.80 3.60 -49.39
C MET B 411 5.32 5.02 -49.70
N VAL B 412 4.01 5.17 -49.86
CA VAL B 412 3.39 6.46 -50.16
C VAL B 412 2.07 6.53 -49.41
N ASP B 413 2.04 7.33 -48.35
CA ASP B 413 0.83 7.56 -47.55
C ASP B 413 0.37 9.01 -47.61
N GLN B 414 0.38 9.61 -48.80
CA GLN B 414 0.01 11.00 -48.99
C GLN B 414 -0.86 11.14 -50.23
N GLN B 415 -1.81 12.07 -50.18
CA GLN B 415 -2.68 12.33 -51.31
C GLN B 415 -1.89 12.92 -52.47
N LEU B 416 -2.41 12.73 -53.68
CA LEU B 416 -1.70 13.19 -54.88
C LEU B 416 -2.02 14.63 -55.21
N LEU B 417 -3.30 15.01 -55.15
CA LEU B 417 -3.75 16.34 -55.55
C LEU B 417 -3.43 16.61 -57.02
N GLY B 418 -3.68 15.62 -57.87
CA GLY B 418 -3.47 15.76 -59.30
C GLY B 418 -2.05 15.51 -59.76
N LYS B 419 -1.10 15.34 -58.85
CA LYS B 419 0.29 15.13 -59.26
C LYS B 419 0.47 13.71 -59.78
N SER B 420 1.37 13.58 -60.77
CA SER B 420 1.67 12.29 -61.36
C SER B 420 2.53 11.47 -60.39
N LEU B 421 2.21 10.19 -60.28
CA LEU B 421 2.93 9.33 -59.35
C LEU B 421 4.31 8.99 -59.91
N GLN B 422 5.21 8.62 -59.01
CA GLN B 422 6.65 8.41 -59.20
C GLN B 422 7.41 9.74 -59.27
N ASP B 423 6.72 10.88 -59.26
CA ASP B 423 7.34 12.17 -59.04
C ASP B 423 7.31 12.59 -57.58
N VAL B 424 6.41 12.01 -56.79
CA VAL B 424 6.35 12.23 -55.35
C VAL B 424 7.08 11.08 -54.67
N LYS B 425 7.78 11.39 -53.57
CA LYS B 425 8.60 10.43 -52.85
C LYS B 425 8.01 10.16 -51.48
N GLY B 426 8.43 9.04 -50.89
CA GLY B 426 8.02 8.68 -49.56
C GLY B 426 9.13 7.92 -48.85
N GLN B 427 8.85 7.55 -47.61
CA GLN B 427 9.85 6.89 -46.77
C GLN B 427 10.18 5.52 -47.34
N GLU B 428 11.48 5.24 -47.43
CA GLU B 428 11.94 3.95 -47.93
C GLU B 428 11.56 2.84 -46.97
N VAL B 429 11.64 1.60 -47.45
CA VAL B 429 11.38 0.43 -46.63
C VAL B 429 11.96 -0.78 -47.35
N PRO B 430 12.64 -1.72 -46.67
CA PRO B 430 13.20 -2.87 -47.37
C PRO B 430 12.18 -3.97 -47.58
N ARG B 431 12.39 -4.75 -48.63
CA ARG B 431 11.47 -5.84 -48.90
C ARG B 431 11.79 -7.04 -48.02
N PRO B 432 10.80 -7.79 -47.53
CA PRO B 432 11.12 -8.99 -46.75
C PRO B 432 11.64 -10.11 -47.63
N GLN B 433 12.47 -10.95 -47.04
CA GLN B 433 13.11 -12.03 -47.78
C GLN B 433 12.12 -13.18 -47.99
N THR B 434 12.27 -13.84 -49.13
CA THR B 434 11.35 -14.90 -49.50
C THR B 434 11.58 -16.15 -48.65
N ASP B 435 10.50 -16.87 -48.40
CA ASP B 435 10.60 -18.17 -47.73
C ASP B 435 11.30 -19.14 -48.66
N PHE B 436 12.57 -19.45 -48.36
CA PHE B 436 13.39 -20.19 -49.32
C PHE B 436 12.96 -21.63 -49.47
N LEU B 437 12.12 -22.16 -48.57
CA LEU B 437 11.60 -23.51 -48.75
C LEU B 437 10.82 -23.63 -50.06
N GLU B 438 10.10 -22.57 -50.44
CA GLU B 438 9.43 -22.54 -51.73
C GLU B 438 10.34 -22.04 -52.84
N LEU B 439 11.32 -21.21 -52.51
CA LEU B 439 12.23 -20.69 -53.53
C LEU B 439 13.13 -21.79 -54.09
N SER B 440 13.46 -22.80 -53.28
CA SER B 440 14.24 -23.92 -53.78
C SER B 440 13.46 -24.71 -54.83
N ARG B 441 12.13 -24.62 -54.80
CA ARG B 441 11.32 -25.33 -55.78
C ARG B 441 11.49 -24.69 -57.16
N LEU B 442 11.99 -25.48 -58.10
CA LEU B 442 12.19 -25.01 -59.47
C LEU B 442 12.50 -26.17 -60.41
N ASP B 472 6.48 10.11 -78.89
CA ASP B 472 5.86 8.78 -78.99
C ASP B 472 5.31 8.33 -77.65
N SER B 473 6.21 8.05 -76.71
CA SER B 473 5.82 7.61 -75.39
C SER B 473 5.53 8.82 -74.50
N PRO B 474 4.80 8.63 -73.39
CA PRO B 474 4.57 9.76 -72.49
C PRO B 474 5.85 10.22 -71.81
N ASP B 475 5.74 11.36 -71.13
CA ASP B 475 6.91 11.99 -70.54
C ASP B 475 7.39 11.24 -69.31
N TRP B 476 6.48 10.54 -68.63
CA TRP B 476 6.76 9.98 -67.30
C TRP B 476 7.13 8.50 -67.35
N CYS B 477 7.50 7.96 -68.52
CA CYS B 477 8.00 6.58 -68.62
C CYS B 477 9.41 6.64 -69.19
N GLN B 478 10.33 6.05 -68.44
CA GLN B 478 11.68 5.80 -68.93
C GLN B 478 11.78 4.44 -69.60
N CYS B 479 10.66 3.73 -69.74
CA CYS B 479 10.68 2.34 -70.19
C CYS B 479 10.35 2.21 -71.67
N GLY B 480 9.73 3.22 -72.26
CA GLY B 480 9.38 3.20 -73.67
C GLY B 480 8.13 2.42 -74.02
N ASN B 481 7.52 1.72 -73.07
CA ASN B 481 6.39 0.84 -73.35
C ASN B 481 5.12 1.23 -72.61
N CYS B 482 5.15 2.27 -71.77
CA CYS B 482 3.97 2.68 -71.04
C CYS B 482 2.92 3.26 -71.98
N LEU B 483 1.66 3.24 -71.52
CA LEU B 483 0.50 3.73 -72.26
C LEU B 483 -0.21 4.81 -71.47
N PRO B 484 -0.97 5.70 -72.12
CA PRO B 484 -1.77 6.67 -71.35
C PRO B 484 -2.89 5.98 -70.60
N SER B 485 -3.42 6.68 -69.60
CA SER B 485 -4.50 6.15 -68.78
C SER B 485 -5.85 6.46 -69.39
N GLN B 486 -6.82 5.59 -69.10
CA GLN B 486 -8.19 5.73 -69.58
C GLN B 486 -9.17 6.20 -68.51
N LEU B 487 -8.76 6.24 -67.24
CA LEU B 487 -9.62 6.70 -66.17
C LEU B 487 -9.91 8.18 -66.34
N PRO B 488 -10.87 8.74 -65.55
CA PRO B 488 -11.12 10.19 -65.62
C PRO B 488 -9.90 11.04 -65.34
N GLU B 489 -9.94 12.30 -65.75
CA GLU B 489 -8.79 13.19 -65.59
C GLU B 489 -8.45 13.44 -64.13
N ASN B 490 -9.41 13.27 -63.23
CA ASN B 490 -9.17 13.55 -61.82
C ASN B 490 -8.41 12.42 -61.13
N ARG B 491 -8.72 11.17 -61.48
CA ARG B 491 -8.21 10.00 -60.77
C ARG B 491 -7.17 9.23 -61.57
N ARG B 492 -6.76 9.71 -62.73
CA ARG B 492 -5.85 8.93 -63.58
C ARG B 492 -4.39 9.13 -63.20
N ALA B 493 -4.07 10.20 -62.47
CA ALA B 493 -2.67 10.47 -62.14
C ALA B 493 -2.07 9.37 -61.29
N LEU B 494 -2.90 8.68 -60.49
CA LEU B 494 -2.42 7.56 -59.71
C LEU B 494 -1.89 6.44 -60.61
N GLU B 495 -2.48 6.29 -61.79
CA GLU B 495 -2.09 5.19 -62.68
C GLU B 495 -0.82 5.53 -63.44
N GLU B 496 -0.44 6.80 -63.50
CA GLU B 496 0.78 7.19 -64.20
C GLU B 496 2.00 6.64 -63.47
N LEU B 497 2.74 5.78 -64.14
CA LEU B 497 3.85 5.09 -63.51
C LEU B 497 4.72 4.45 -64.57
N CYS B 498 5.90 3.99 -64.15
CA CYS B 498 6.81 3.25 -65.01
C CYS B 498 7.47 2.14 -64.20
N CYS B 499 7.97 1.14 -64.92
CA CYS B 499 8.63 0.02 -64.26
C CYS B 499 10.02 0.42 -63.76
N ARG B 500 10.74 1.22 -64.55
CA ARG B 500 12.10 1.65 -64.23
C ARG B 500 12.12 3.16 -64.07
N ARG B 501 12.87 3.62 -63.08
CA ARG B 501 12.95 5.07 -62.82
C ARG B 501 13.90 5.75 -63.78
N LYS B 502 15.00 5.09 -64.13
CA LYS B 502 15.95 5.57 -65.13
C LYS B 502 15.73 4.82 -66.43
N PRO B 503 16.26 5.33 -67.55
CA PRO B 503 16.05 4.64 -68.84
C PRO B 503 17.07 3.53 -69.06
N GLY B 504 16.64 2.55 -69.86
CA GLY B 504 17.52 1.48 -70.30
C GLY B 504 16.87 0.11 -70.44
N GLN B 505 15.83 -0.19 -69.67
CA GLN B 505 15.30 -1.54 -69.65
C GLN B 505 13.89 -1.54 -69.08
N CYS B 506 13.09 -2.50 -69.54
CA CYS B 506 11.74 -2.75 -69.05
C CYS B 506 11.70 -4.12 -68.39
N ILE B 507 10.69 -4.34 -67.55
CA ILE B 507 10.56 -5.61 -66.85
C ILE B 507 9.94 -6.66 -67.75
N THR B 508 8.95 -6.28 -68.55
CA THR B 508 8.21 -7.24 -69.36
C THR B 508 9.04 -7.84 -70.49
N THR B 509 10.25 -7.33 -70.75
CA THR B 509 11.11 -7.90 -71.77
C THR B 509 11.75 -9.20 -71.34
N SER B 510 11.80 -9.47 -70.04
CA SER B 510 12.43 -10.69 -69.54
C SER B 510 11.59 -11.92 -69.90
N GLU B 511 12.07 -13.08 -69.46
CA GLU B 511 11.41 -14.35 -69.69
C GLU B 511 10.65 -14.86 -68.48
N LEU B 512 11.11 -14.54 -67.28
CA LEU B 512 10.38 -14.93 -66.08
C LEU B 512 8.99 -14.29 -66.04
N PHE B 513 8.85 -13.10 -66.62
CA PHE B 513 7.56 -12.44 -66.69
C PHE B 513 6.56 -13.29 -67.46
N SER B 514 6.91 -13.69 -68.68
CA SER B 514 6.01 -14.50 -69.49
C SER B 514 5.89 -15.92 -68.96
N LYS B 515 6.86 -16.40 -68.18
CA LYS B 515 6.76 -17.72 -67.58
C LYS B 515 5.76 -17.71 -66.41
N ILE B 516 5.73 -16.63 -65.64
CA ILE B 516 4.89 -16.57 -64.45
C ILE B 516 3.51 -16.03 -64.79
N VAL B 517 3.46 -14.78 -65.26
CA VAL B 517 2.19 -14.06 -65.33
C VAL B 517 1.39 -14.49 -66.55
N LEU B 518 1.94 -14.26 -67.74
CA LEU B 518 1.20 -14.42 -68.98
C LEU B 518 0.96 -15.89 -69.37
N SER B 519 1.44 -16.85 -68.51
CA SER B 519 1.25 -18.26 -68.81
C SER B 519 -0.17 -18.64 -68.40
N ARG B 520 -1.09 -18.85 -69.46
CA ARG B 520 -2.47 -19.16 -69.17
C ARG B 520 -2.61 -20.45 -68.38
N GLU B 521 -1.73 -21.42 -68.63
CA GLU B 521 -1.86 -22.73 -68.02
C GLU B 521 -1.59 -22.66 -66.52
N ALA B 522 -0.53 -21.96 -66.12
CA ALA B 522 -0.21 -21.86 -64.70
C ALA B 522 -1.29 -21.11 -63.94
N LEU B 523 -1.84 -20.05 -64.54
CA LEU B 523 -2.91 -19.31 -63.88
C LEU B 523 -4.17 -20.16 -63.77
N GLN B 524 -4.49 -20.93 -64.81
CA GLN B 524 -5.63 -21.83 -64.72
C GLN B 524 -5.43 -22.87 -63.63
N LEU B 525 -4.20 -23.37 -63.50
CA LEU B 525 -3.90 -24.31 -62.42
C LEU B 525 -4.07 -23.66 -61.05
N LEU B 526 -3.63 -22.40 -60.91
CA LEU B 526 -3.78 -21.70 -59.65
C LEU B 526 -5.25 -21.47 -59.32
N LEU B 527 -6.08 -21.26 -60.34
CA LEU B 527 -7.52 -21.15 -60.09
C LEU B 527 -8.11 -22.49 -59.68
N LEU B 528 -7.66 -23.57 -60.32
CA LEU B 528 -8.17 -24.89 -59.96
C LEU B 528 -7.74 -25.30 -58.54
N TYR B 529 -6.61 -24.78 -58.07
CA TYR B 529 -6.12 -25.15 -56.75
C TYR B 529 -7.09 -24.72 -55.65
N GLN B 530 -7.86 -23.66 -55.87
CA GLN B 530 -8.90 -23.23 -54.95
C GLN B 530 -10.26 -23.82 -55.29
N GLU B 531 -10.71 -23.65 -56.54
CA GLU B 531 -12.00 -24.11 -57.01
C GLU B 531 -11.75 -25.15 -58.10
N PRO B 532 -11.53 -26.41 -57.73
CA PRO B 532 -11.09 -27.39 -58.74
C PRO B 532 -12.16 -27.77 -59.76
N LEU B 533 -13.42 -27.35 -59.57
CA LEU B 533 -14.52 -27.78 -60.42
C LEU B 533 -15.07 -26.69 -61.33
N LEU B 534 -14.45 -25.51 -61.36
CA LEU B 534 -14.92 -24.48 -62.28
C LEU B 534 -14.60 -24.88 -63.72
N ALA B 535 -15.45 -24.44 -64.64
CA ALA B 535 -15.33 -24.79 -66.04
C ALA B 535 -14.42 -23.81 -66.76
N LEU B 536 -13.50 -24.35 -67.55
CA LEU B 536 -12.58 -23.53 -68.33
C LEU B 536 -13.22 -22.90 -69.55
N GLU B 537 -14.43 -23.29 -69.91
CA GLU B 537 -15.13 -22.73 -71.07
C GLU B 537 -15.96 -21.50 -70.73
N GLY B 538 -16.05 -21.12 -69.45
CA GLY B 538 -16.83 -19.96 -69.06
C GLY B 538 -16.35 -18.68 -69.71
N GLU B 539 -17.29 -17.83 -70.15
CA GLU B 539 -16.91 -16.59 -70.79
C GLU B 539 -16.34 -15.59 -69.80
N ALA B 540 -16.81 -15.60 -68.55
CA ALA B 540 -16.34 -14.70 -67.52
C ALA B 540 -15.08 -15.18 -66.81
N ILE B 541 -14.42 -16.23 -67.32
CA ILE B 541 -13.22 -16.74 -66.68
C ILE B 541 -12.03 -15.84 -66.98
N ASN B 542 -12.02 -15.20 -68.16
CA ASN B 542 -10.89 -14.39 -68.60
C ASN B 542 -10.54 -13.33 -67.56
N SER B 543 -11.52 -12.49 -67.21
CA SER B 543 -11.34 -11.48 -66.16
C SER B 543 -10.78 -12.11 -64.90
N LYS B 544 -11.31 -13.28 -64.51
CA LYS B 544 -10.81 -14.00 -63.35
C LYS B 544 -9.31 -14.19 -63.44
N LEU B 545 -8.85 -14.79 -64.55
CA LEU B 545 -7.43 -14.99 -64.75
C LEU B 545 -6.67 -13.68 -64.66
N ARG B 546 -7.23 -12.62 -65.28
CA ARG B 546 -6.57 -11.33 -65.27
C ARG B 546 -6.33 -10.85 -63.85
N HIS B 547 -7.33 -11.02 -62.98
CA HIS B 547 -7.16 -10.62 -61.58
C HIS B 547 -5.97 -11.35 -60.97
N CYS B 548 -5.89 -12.66 -61.18
CA CYS B 548 -4.80 -13.43 -60.61
C CYS B 548 -3.46 -12.91 -61.07
N ALA B 549 -3.39 -12.49 -62.34
CA ALA B 549 -2.13 -12.01 -62.90
C ALA B 549 -1.60 -10.83 -62.09
N TYR B 550 -2.50 -9.94 -61.68
CA TYR B 550 -2.07 -8.80 -60.86
C TYR B 550 -1.40 -9.29 -59.58
N ARG B 551 -2.04 -10.23 -58.88
CA ARG B 551 -1.41 -10.77 -57.68
C ARG B 551 -0.10 -11.45 -58.02
N SER B 552 -0.04 -12.12 -59.17
CA SER B 552 1.16 -12.82 -59.55
C SER B 552 2.32 -11.86 -59.81
N TYR B 553 2.04 -10.57 -60.04
CA TYR B 553 3.11 -9.59 -60.08
C TYR B 553 3.50 -9.17 -58.67
N ALA B 554 2.50 -8.89 -57.83
CA ALA B 554 2.79 -8.32 -56.52
C ALA B 554 3.62 -9.28 -55.68
N THR B 555 3.18 -10.53 -55.61
CA THR B 555 3.93 -11.55 -54.88
C THR B 555 5.34 -11.72 -55.43
N TRP B 556 5.55 -11.43 -56.71
CA TRP B 556 6.90 -11.52 -57.27
C TRP B 556 7.78 -10.41 -56.72
N ARG B 557 7.24 -9.20 -56.59
CA ARG B 557 8.01 -8.04 -56.12
C ARG B 557 7.75 -7.70 -54.67
N PHE B 558 6.49 -7.56 -54.28
CA PHE B 558 6.10 -7.30 -52.90
C PHE B 558 5.73 -8.64 -52.29
N VAL B 559 6.67 -9.22 -51.55
CA VAL B 559 6.54 -10.60 -51.11
C VAL B 559 5.36 -10.76 -50.15
N SER B 560 5.25 -9.87 -49.18
CA SER B 560 4.21 -9.99 -48.17
C SER B 560 2.83 -9.74 -48.77
N GLN B 561 1.85 -10.49 -48.29
CA GLN B 561 0.48 -10.32 -48.75
C GLN B 561 -0.11 -9.00 -48.27
N ASP B 562 0.26 -8.58 -47.06
CA ASP B 562 -0.17 -7.28 -46.55
C ASP B 562 0.32 -6.16 -47.44
N MET B 563 1.58 -6.25 -47.89
CA MET B 563 2.12 -5.26 -48.80
C MET B 563 1.59 -5.43 -50.21
N ALA B 564 1.28 -6.67 -50.61
CA ALA B 564 0.82 -6.93 -51.96
C ALA B 564 -0.61 -6.49 -52.19
N ASP B 565 -1.44 -6.47 -51.15
CA ASP B 565 -2.82 -6.04 -51.31
C ASP B 565 -2.91 -4.56 -51.68
N PHE B 566 -1.92 -3.76 -51.26
CA PHE B 566 -1.89 -2.33 -51.52
C PHE B 566 -0.85 -1.93 -52.56
N ALA B 567 -0.21 -2.89 -53.21
CA ALA B 567 0.74 -2.57 -54.26
C ALA B 567 0.02 -2.02 -55.49
N ILE B 568 0.78 -1.33 -56.33
CA ILE B 568 0.27 -0.74 -57.56
C ILE B 568 1.21 -1.13 -58.69
N LEU B 569 0.63 -1.68 -59.75
CA LEU B 569 1.42 -2.10 -60.89
C LEU B 569 1.84 -0.89 -61.72
N PRO B 570 2.84 -1.04 -62.58
CA PRO B 570 3.10 0.00 -63.58
C PRO B 570 2.06 -0.02 -64.69
N SER B 571 2.24 0.80 -65.72
CA SER B 571 1.32 0.84 -66.84
C SER B 571 1.68 -0.20 -67.91
N CYS B 572 2.97 -0.43 -68.14
CA CYS B 572 3.39 -1.36 -69.19
C CYS B 572 2.93 -2.77 -68.86
N CYS B 573 3.23 -3.26 -67.66
CA CYS B 573 2.82 -4.60 -67.27
C CYS B 573 1.31 -4.72 -67.23
N ARG B 574 0.63 -3.68 -66.73
CA ARG B 574 -0.82 -3.69 -66.65
C ARG B 574 -1.43 -3.87 -68.03
N TRP B 575 -0.99 -3.06 -69.00
CA TRP B 575 -1.60 -3.13 -70.32
C TRP B 575 -1.17 -4.38 -71.09
N LYS B 576 0.01 -4.92 -70.79
CA LYS B 576 0.37 -6.23 -71.32
C LYS B 576 -0.62 -7.29 -70.84
N ILE B 577 -0.86 -7.33 -69.53
CA ILE B 577 -1.81 -8.29 -68.98
C ILE B 577 -3.20 -8.08 -69.57
N ARG B 578 -3.57 -6.82 -69.80
CA ARG B 578 -4.89 -6.53 -70.33
C ARG B 578 -5.01 -7.01 -71.77
N LYS B 579 -3.96 -6.85 -72.57
CA LYS B 579 -3.99 -7.32 -73.95
C LYS B 579 -3.98 -8.84 -74.03
N GLU B 580 -3.35 -9.50 -73.06
CA GLU B 580 -3.40 -10.96 -73.03
C GLU B 580 -4.73 -11.48 -72.50
N PHE B 581 -5.44 -10.67 -71.70
CA PHE B 581 -6.72 -11.06 -71.10
C PHE B 581 -7.66 -9.87 -71.19
N PRO B 582 -8.17 -9.57 -72.38
CA PRO B 582 -8.91 -8.31 -72.58
C PRO B 582 -10.40 -8.41 -72.23
N LYS B 583 -10.96 -7.23 -71.96
CA LYS B 583 -12.38 -7.05 -71.68
C LYS B 583 -12.98 -6.18 -72.78
N THR B 584 -14.25 -6.39 -73.08
CA THR B 584 -14.93 -5.74 -74.19
C THR B 584 -16.16 -4.95 -73.81
N GLN B 585 -16.86 -5.33 -72.74
CA GLN B 585 -18.16 -4.73 -72.43
C GLN B 585 -18.01 -3.28 -72.01
N GLY B 586 -17.25 -3.02 -70.94
CA GLY B 586 -17.07 -1.69 -70.41
C GLY B 586 -15.60 -1.35 -70.22
N GLN B 587 -15.37 -0.12 -69.77
CA GLN B 587 -14.01 0.33 -69.48
C GLN B 587 -13.47 -0.38 -68.25
N TYR B 588 -12.16 -0.58 -68.23
CA TYR B 588 -11.53 -1.24 -67.10
C TYR B 588 -11.60 -0.35 -65.86
N SER B 589 -11.72 -0.98 -64.70
CA SER B 589 -11.64 -0.28 -63.43
C SER B 589 -10.18 -0.05 -63.09
N GLY B 590 -9.90 0.30 -61.83
CA GLY B 590 -8.57 0.55 -61.34
C GLY B 590 -8.36 -0.10 -60.00
N PHE B 591 -7.42 0.47 -59.23
CA PHE B 591 -7.10 -0.07 -57.93
C PHE B 591 -8.24 0.17 -56.95
N LYS B 592 -9.02 -0.87 -56.70
CA LYS B 592 -10.11 -0.81 -55.73
C LYS B 592 -9.55 -1.07 -54.35
N TYR B 593 -10.08 -0.35 -53.36
CA TYR B 593 -9.73 -0.60 -51.98
C TYR B 593 -10.09 -2.04 -51.62
N PRO B 594 -9.19 -2.82 -51.00
CA PRO B 594 -9.49 -4.24 -50.83
C PRO B 594 -10.64 -4.51 -49.87
N TYR B 595 -10.68 -3.81 -48.74
CA TYR B 595 -11.73 -4.02 -47.75
C TYR B 595 -12.96 -3.17 -48.09
N CYS C 5 15.91 10.70 -34.46
CA CYS C 5 14.53 10.51 -34.02
C CYS C 5 13.55 11.04 -35.05
N SER C 6 12.96 10.13 -35.82
CA SER C 6 12.01 10.52 -36.86
C SER C 6 10.64 10.80 -36.26
N TRP C 7 9.85 11.61 -36.97
CA TRP C 7 8.49 11.89 -36.55
C TRP C 7 7.64 10.62 -36.56
N ASN C 8 7.79 9.81 -37.61
CA ASN C 8 7.01 8.58 -37.74
C ASN C 8 7.26 7.60 -36.60
N ASP C 9 8.37 7.74 -35.87
CA ASP C 9 8.67 6.89 -34.74
C ASP C 9 8.00 7.34 -33.45
N VAL C 10 7.14 8.36 -33.49
CA VAL C 10 6.44 8.83 -32.30
C VAL C 10 5.03 8.25 -32.26
N PHE C 11 4.44 7.98 -33.42
CA PHE C 11 3.10 7.43 -33.53
C PHE C 11 3.07 5.91 -33.46
N GLN C 12 4.21 5.26 -33.22
CA GLN C 12 4.27 3.81 -33.22
C GLN C 12 3.78 3.27 -31.88
N TYR C 13 2.62 2.63 -31.88
CA TYR C 13 2.07 2.00 -30.69
C TYR C 13 2.44 0.53 -30.68
N GLU C 14 2.90 0.04 -29.54
CA GLU C 14 3.39 -1.32 -29.38
C GLU C 14 2.37 -2.15 -28.61
N THR C 15 2.08 -3.34 -29.12
CA THR C 15 1.01 -4.19 -28.61
C THR C 15 1.51 -5.61 -28.41
N ASN C 16 1.12 -6.23 -27.30
CA ASN C 16 1.49 -7.61 -27.04
C ASN C 16 0.72 -8.54 -27.95
N LYS C 17 1.32 -9.71 -28.20
CA LYS C 17 0.77 -10.71 -29.11
C LYS C 17 0.43 -11.96 -28.31
N VAL C 18 -0.75 -12.52 -28.59
CA VAL C 18 -1.32 -13.59 -27.77
C VAL C 18 -1.80 -14.71 -28.69
N THR C 19 -2.19 -15.81 -28.04
CA THR C 19 -2.81 -16.94 -28.70
C THR C 19 -4.02 -17.36 -27.90
N ARG C 20 -5.11 -17.65 -28.60
CA ARG C 20 -6.40 -17.96 -27.99
C ARG C 20 -6.66 -19.45 -28.09
N ILE C 21 -6.95 -20.07 -26.95
CA ILE C 21 -7.15 -21.51 -26.84
C ILE C 21 -8.61 -21.75 -26.51
N GLN C 22 -9.21 -22.72 -27.20
CA GLN C 22 -10.60 -23.13 -26.97
C GLN C 22 -10.55 -24.45 -26.20
N SER C 23 -10.80 -24.37 -24.90
CA SER C 23 -10.77 -25.54 -24.03
C SER C 23 -11.76 -25.35 -22.91
N VAL C 24 -12.51 -26.40 -22.58
CA VAL C 24 -13.54 -26.30 -21.56
C VAL C 24 -12.92 -26.23 -20.18
N ASN C 25 -11.86 -27.01 -19.95
CA ASN C 25 -11.24 -27.08 -18.63
C ASN C 25 -10.64 -25.75 -18.22
N TYR C 26 -9.82 -25.16 -19.08
CA TYR C 26 -9.16 -23.91 -18.74
C TYR C 26 -10.17 -22.76 -18.63
N GLY C 27 -11.19 -22.76 -19.47
CA GLY C 27 -12.23 -21.74 -19.36
C GLY C 27 -12.99 -21.84 -18.05
N THR C 28 -13.36 -23.06 -17.65
CA THR C 28 -14.04 -23.25 -16.38
C THR C 28 -13.16 -22.80 -15.21
N ILE C 29 -11.88 -23.15 -15.26
CA ILE C 29 -10.96 -22.76 -14.19
C ILE C 29 -10.85 -21.25 -14.11
N LYS C 30 -10.72 -20.60 -15.27
CA LYS C 30 -10.61 -19.15 -15.33
C LYS C 30 -11.85 -18.49 -14.71
N TRP C 31 -13.03 -18.93 -15.12
CA TRP C 31 -14.24 -18.29 -14.63
C TRP C 31 -14.47 -18.59 -13.14
N ILE C 32 -14.10 -19.78 -12.68
CA ILE C 32 -14.21 -20.09 -11.26
C ILE C 32 -13.33 -19.16 -10.45
N LEU C 33 -12.08 -18.98 -10.89
CA LEU C 33 -11.16 -18.12 -10.13
C LEU C 33 -11.62 -16.67 -10.17
N HIS C 34 -12.12 -16.21 -11.31
CA HIS C 34 -12.63 -14.85 -11.39
C HIS C 34 -13.82 -14.65 -10.45
N MET C 35 -14.75 -15.61 -10.44
CA MET C 35 -15.94 -15.47 -9.61
C MET C 35 -15.59 -15.51 -8.13
N THR C 36 -14.68 -16.39 -7.73
CA THR C 36 -14.35 -16.45 -6.30
C THR C 36 -13.56 -15.23 -5.86
N VAL C 37 -12.70 -14.68 -6.73
CA VAL C 37 -12.01 -13.44 -6.40
C VAL C 37 -13.02 -12.30 -6.26
N PHE C 38 -13.99 -12.23 -7.18
CA PHE C 38 -15.04 -11.21 -7.10
C PHE C 38 -15.82 -11.35 -5.81
N SER C 39 -16.16 -12.58 -5.43
CA SER C 39 -16.91 -12.81 -4.20
C SER C 39 -16.10 -12.37 -2.99
N TYR C 40 -14.81 -12.69 -2.97
CA TYR C 40 -13.96 -12.32 -1.84
C TYR C 40 -13.87 -10.81 -1.70
N VAL C 41 -13.60 -10.10 -2.80
CA VAL C 41 -13.44 -8.66 -2.69
C VAL C 41 -14.75 -7.98 -2.33
N SER C 42 -15.87 -8.49 -2.86
CA SER C 42 -17.16 -7.92 -2.50
C SER C 42 -17.48 -8.16 -1.03
N PHE C 43 -17.18 -9.36 -0.53
CA PHE C 43 -17.42 -9.65 0.88
C PHE C 43 -16.56 -8.76 1.77
N ALA C 44 -15.30 -8.56 1.41
CA ALA C 44 -14.43 -7.69 2.19
C ALA C 44 -14.94 -6.25 2.18
N LEU C 45 -15.37 -5.77 1.01
CA LEU C 45 -15.87 -4.40 0.90
C LEU C 45 -17.13 -4.20 1.72
N MET C 46 -17.99 -5.23 1.77
CA MET C 46 -19.23 -5.10 2.54
C MET C 46 -19.01 -5.27 4.03
N SER C 47 -18.02 -6.08 4.43
CA SER C 47 -17.77 -6.32 5.85
C SER C 47 -16.99 -5.17 6.48
N ASP C 48 -15.82 -4.87 5.92
CA ASP C 48 -14.97 -3.83 6.49
C ASP C 48 -15.44 -2.42 6.16
N LYS C 49 -16.48 -2.26 5.34
CA LYS C 49 -16.98 -0.94 4.93
C LYS C 49 -15.87 -0.09 4.32
N LEU C 50 -15.13 -0.69 3.39
CA LEU C 50 -14.06 0.03 2.71
C LEU C 50 -14.57 1.08 1.75
N TYR C 51 -15.86 1.07 1.43
CA TYR C 51 -16.43 2.14 0.62
C TYR C 51 -16.61 3.44 1.38
N GLN C 52 -16.36 3.44 2.69
CA GLN C 52 -16.53 4.62 3.52
C GLN C 52 -15.19 5.29 3.81
N ARG C 53 -15.23 6.61 3.91
CA ARG C 53 -14.14 7.38 4.47
C ARG C 53 -14.31 7.39 5.98
N LYS C 54 -13.26 6.99 6.68
CA LYS C 54 -13.25 6.89 8.14
C LYS C 54 -12.42 8.02 8.73
N GLU C 55 -12.82 8.47 9.92
CA GLU C 55 -12.15 9.56 10.61
C GLU C 55 -12.17 9.29 12.10
N PRO C 56 -11.07 9.60 12.84
CA PRO C 56 -11.12 9.42 14.30
C PRO C 56 -12.00 10.47 14.96
N LEU C 57 -12.09 10.42 16.29
CA LEU C 57 -13.01 11.24 17.06
C LEU C 57 -12.25 12.18 17.99
N ILE C 58 -12.97 13.18 18.48
CA ILE C 58 -12.49 14.09 19.52
C ILE C 58 -13.47 13.98 20.68
N SER C 59 -12.96 13.59 21.84
CA SER C 59 -13.79 13.23 22.98
C SER C 59 -13.62 14.25 24.11
N SER C 60 -14.64 14.31 24.96
CA SER C 60 -14.57 15.06 26.20
C SER C 60 -15.40 14.34 27.25
N VAL C 61 -14.76 14.03 28.38
CA VAL C 61 -15.35 13.20 29.43
C VAL C 61 -15.53 14.05 30.67
N HIS C 62 -16.59 13.77 31.42
CA HIS C 62 -16.83 14.41 32.71
C HIS C 62 -17.46 13.38 33.64
N THR C 63 -16.95 13.32 34.87
CA THR C 63 -17.34 12.32 35.84
C THR C 63 -18.00 12.95 37.06
N LYS C 64 -18.83 12.18 37.73
CA LYS C 64 -19.39 12.58 39.01
C LYS C 64 -19.67 11.34 39.84
N VAL C 65 -19.06 11.25 41.02
CA VAL C 65 -19.23 10.13 41.93
C VAL C 65 -20.15 10.55 43.06
N LYS C 66 -20.99 9.62 43.53
CA LYS C 66 -21.93 9.90 44.60
C LYS C 66 -22.04 8.70 45.53
N GLY C 67 -22.20 8.99 46.80
CA GLY C 67 -22.25 7.99 47.85
C GLY C 67 -21.73 8.56 49.15
N VAL C 68 -22.08 7.90 50.25
CA VAL C 68 -21.72 8.31 51.59
C VAL C 68 -21.27 7.09 52.37
N ALA C 69 -20.42 7.31 53.37
CA ALA C 69 -19.96 6.20 54.21
C ALA C 69 -19.69 6.69 55.62
N GLU C 70 -19.74 5.76 56.56
CA GLU C 70 -19.46 6.01 57.97
C GLU C 70 -18.24 5.23 58.41
N VAL C 71 -17.55 5.76 59.42
CA VAL C 71 -16.34 5.15 59.96
C VAL C 71 -16.36 5.30 61.47
N THR C 72 -15.89 4.28 62.17
CA THR C 72 -15.71 4.32 63.62
C THR C 72 -14.28 3.87 63.90
N GLU C 73 -13.49 4.73 64.54
CA GLU C 73 -12.08 4.44 64.71
C GLU C 73 -11.57 5.00 66.02
N ASN C 74 -10.65 4.28 66.65
CA ASN C 74 -9.97 4.75 67.84
C ASN C 74 -8.87 5.71 67.40
N VAL C 75 -9.20 6.99 67.33
CA VAL C 75 -8.30 8.01 66.84
C VAL C 75 -7.44 8.51 68.00
N THR C 76 -6.20 8.87 67.67
CA THR C 76 -5.20 9.29 68.64
C THR C 76 -4.76 10.72 68.34
N GLU C 77 -4.56 11.50 69.41
CA GLU C 77 -4.06 12.86 69.27
C GLU C 77 -3.56 13.33 70.63
N GLY C 78 -2.35 13.87 70.66
CA GLY C 78 -1.77 14.35 71.90
C GLY C 78 -1.65 13.28 72.96
N GLY C 79 -1.36 12.04 72.56
CA GLY C 79 -1.31 10.94 73.50
C GLY C 79 -2.65 10.51 74.05
N VAL C 80 -3.75 11.05 73.52
CA VAL C 80 -5.10 10.73 73.98
C VAL C 80 -5.78 9.94 72.88
N THR C 81 -6.23 8.74 73.21
CA THR C 81 -6.95 7.87 72.30
C THR C 81 -8.43 7.86 72.65
N LYS C 82 -9.29 7.84 71.64
CA LYS C 82 -10.72 7.80 71.89
C LYS C 82 -11.45 7.37 70.62
N LEU C 83 -12.58 6.70 70.81
CA LEU C 83 -13.41 6.28 69.69
C LEU C 83 -14.10 7.50 69.09
N VAL C 84 -13.98 7.65 67.77
CA VAL C 84 -14.55 8.76 67.03
C VAL C 84 -15.39 8.20 65.89
N HIS C 85 -16.50 8.88 65.60
CA HIS C 85 -17.44 8.50 64.55
C HIS C 85 -17.40 9.58 63.48
N GLY C 86 -17.01 9.19 62.27
CA GLY C 86 -16.84 10.14 61.18
C GLY C 86 -17.64 9.72 59.96
N ILE C 87 -17.82 10.69 59.07
CA ILE C 87 -18.59 10.53 57.84
C ILE C 87 -17.72 10.95 56.67
N PHE C 88 -17.85 10.24 55.55
CA PHE C 88 -17.13 10.54 54.32
C PHE C 88 -18.15 10.76 53.21
N ASP C 89 -18.09 11.93 52.60
CA ASP C 89 -18.98 12.36 51.52
C ASP C 89 -18.17 12.52 50.24
N THR C 90 -18.84 13.03 49.19
CA THR C 90 -18.22 13.11 47.87
C THR C 90 -16.97 13.98 47.89
N ALA C 91 -16.96 15.03 48.71
CA ALA C 91 -15.81 15.91 48.79
C ALA C 91 -14.67 15.36 49.62
N ASP C 92 -14.86 14.20 50.27
CA ASP C 92 -13.89 13.70 51.25
C ASP C 92 -13.11 12.49 50.76
N TYR C 93 -13.66 11.69 49.83
CA TYR C 93 -12.96 10.55 49.26
C TYR C 93 -12.56 10.75 47.80
N THR C 94 -12.71 11.96 47.26
CA THR C 94 -12.29 12.29 45.91
C THR C 94 -11.44 13.55 45.93
N LEU C 95 -10.62 13.70 44.88
CA LEU C 95 -9.77 14.85 44.67
C LEU C 95 -10.15 15.52 43.37
N PRO C 96 -10.07 16.86 43.26
CA PRO C 96 -10.50 17.52 42.02
C PRO C 96 -9.48 17.39 40.90
N LEU C 97 -9.52 16.26 40.18
CA LEU C 97 -8.59 16.03 39.10
C LEU C 97 -9.05 16.65 37.79
N GLN C 98 -10.35 16.56 37.50
CA GLN C 98 -10.96 17.21 36.34
C GLN C 98 -10.31 16.74 35.05
N GLY C 99 -10.51 15.47 34.76
CA GLY C 99 -9.97 14.90 33.55
C GLY C 99 -10.64 13.58 33.22
N ASN C 100 -9.96 12.79 32.39
CA ASN C 100 -10.46 11.47 32.02
C ASN C 100 -10.47 10.54 33.22
N SER C 101 -9.39 10.55 34.00
CA SER C 101 -9.27 9.68 35.15
C SER C 101 -9.87 10.32 36.40
N PHE C 102 -10.26 9.49 37.35
CA PHE C 102 -10.75 9.97 38.63
C PHE C 102 -10.37 8.97 39.72
N PHE C 103 -10.33 9.45 40.95
CA PHE C 103 -9.81 8.71 42.09
C PHE C 103 -10.90 8.51 43.13
N VAL C 104 -10.81 7.38 43.83
CA VAL C 104 -11.73 7.04 44.92
C VAL C 104 -10.90 6.45 46.05
N MET C 105 -11.14 6.94 47.26
CA MET C 105 -10.46 6.44 48.45
C MET C 105 -11.24 5.27 49.03
N THR C 106 -10.55 4.13 49.19
CA THR C 106 -11.10 2.96 49.85
C THR C 106 -10.47 2.69 51.20
N ASN C 107 -9.31 3.27 51.49
CA ASN C 107 -8.67 3.08 52.79
C ASN C 107 -7.74 4.25 53.03
N TYR C 108 -7.54 4.57 54.31
CA TYR C 108 -6.73 5.72 54.70
C TYR C 108 -5.98 5.40 55.98
N LEU C 109 -4.92 6.18 56.20
CA LEU C 109 -4.10 6.04 57.40
C LEU C 109 -3.52 7.41 57.67
N LYS C 110 -4.00 8.06 58.74
CA LYS C 110 -3.73 9.48 58.95
C LYS C 110 -3.01 9.71 60.27
N SER C 111 -2.27 10.81 60.31
CA SER C 111 -1.55 11.26 61.50
C SER C 111 -1.75 12.77 61.63
N GLU C 112 -2.27 13.20 62.77
CA GLU C 112 -2.68 14.57 62.98
C GLU C 112 -1.92 15.17 64.16
N GLY C 113 -2.01 16.50 64.27
CA GLY C 113 -1.31 17.22 65.31
C GLY C 113 0.16 17.45 65.03
N GLN C 114 0.58 17.39 63.78
CA GLN C 114 1.99 17.51 63.45
C GLN C 114 2.44 18.96 63.55
N GLU C 115 3.68 19.14 64.03
CA GLU C 115 4.29 20.45 64.14
C GLU C 115 5.79 20.30 63.99
N GLN C 116 6.43 21.31 63.40
CA GLN C 116 7.86 21.25 63.12
C GLN C 116 8.65 21.45 64.40
N LYS C 117 9.42 20.45 64.79
CA LYS C 117 10.21 20.52 66.02
C LYS C 117 11.19 19.35 66.04
N LEU C 118 11.94 19.25 67.14
CA LEU C 118 12.84 18.13 67.38
C LEU C 118 12.05 17.01 68.05
N CYS C 119 12.24 15.78 67.58
CA CYS C 119 11.65 14.62 68.23
C CYS C 119 12.41 13.36 67.85
N PRO C 120 12.21 12.27 68.59
CA PRO C 120 12.85 11.01 68.19
C PRO C 120 12.14 10.34 67.03
N GLU C 121 12.88 9.53 66.30
CA GLU C 121 12.33 8.75 65.21
C GLU C 121 11.71 7.47 65.74
N TYR C 122 10.62 7.06 65.12
CA TYR C 122 9.93 5.84 65.52
C TYR C 122 10.83 4.64 65.21
N PRO C 123 11.17 3.78 66.17
CA PRO C 123 12.10 2.69 65.86
C PRO C 123 11.49 1.61 64.99
N SER C 124 11.88 1.58 63.72
CA SER C 124 11.41 0.57 62.79
C SER C 124 12.28 -0.68 62.89
N ARG C 125 12.04 -1.62 61.99
CA ARG C 125 12.82 -2.86 61.97
C ARG C 125 14.24 -2.56 61.50
N GLY C 126 15.18 -2.59 62.45
CA GLY C 126 16.58 -2.37 62.15
C GLY C 126 17.06 -0.94 62.29
N LYS C 127 16.22 -0.03 62.79
CA LYS C 127 16.59 1.36 62.99
C LYS C 127 16.87 1.70 64.45
N GLN C 128 17.04 0.68 65.30
CA GLN C 128 17.37 0.93 66.70
C GLN C 128 18.76 1.56 66.81
N CYS C 129 18.99 2.26 67.92
CA CYS C 129 20.27 2.90 68.17
C CYS C 129 20.40 3.17 69.66
N HIS C 130 21.38 2.53 70.30
CA HIS C 130 21.68 2.73 71.70
C HIS C 130 23.05 3.37 71.92
N SER C 131 23.58 4.07 70.92
CA SER C 131 24.91 4.66 70.98
C SER C 131 24.85 6.05 70.34
N ASP C 132 25.09 7.09 71.15
CA ASP C 132 25.03 8.46 70.65
C ASP C 132 26.12 8.75 69.63
N GLN C 133 27.22 8.00 69.64
CA GLN C 133 28.31 8.24 68.71
C GLN C 133 28.09 7.59 67.35
N GLY C 134 27.13 6.66 67.24
CA GLY C 134 26.92 5.97 65.98
C GLY C 134 26.26 6.85 64.92
N CYS C 135 25.36 7.73 65.35
CA CYS C 135 24.65 8.58 64.41
C CYS C 135 25.59 9.58 63.74
N ILE C 136 25.07 10.28 62.74
CA ILE C 136 25.81 11.28 61.99
C ILE C 136 24.92 12.50 61.81
N LYS C 137 25.51 13.68 61.91
CA LYS C 137 24.78 14.92 61.75
C LYS C 137 24.58 15.25 60.28
N GLY C 138 23.41 15.78 59.97
CA GLY C 138 23.10 16.23 58.62
C GLY C 138 23.19 15.13 57.58
N TRP C 139 22.49 14.03 57.82
CA TRP C 139 22.45 12.89 56.91
C TRP C 139 21.02 12.56 56.56
N MET C 140 20.75 12.47 55.26
CA MET C 140 19.42 12.19 54.73
C MET C 140 19.47 10.95 53.85
N ASP C 141 18.47 10.10 53.99
CA ASP C 141 18.29 8.93 53.15
C ASP C 141 16.80 8.72 52.94
N PRO C 142 16.40 7.97 51.91
CA PRO C 142 14.98 7.59 51.82
C PRO C 142 14.57 6.71 52.99
N GLN C 143 13.26 6.56 53.14
CA GLN C 143 12.66 5.87 54.28
C GLN C 143 12.96 6.57 55.60
N SER C 144 13.26 7.87 55.56
CA SER C 144 13.55 8.67 56.74
C SER C 144 12.63 9.88 56.76
N LYS C 145 11.99 10.12 57.89
CA LYS C 145 11.01 11.18 58.00
C LYS C 145 11.64 12.55 58.28
N GLY C 146 12.95 12.63 58.46
CA GLY C 146 13.56 13.91 58.80
C GLY C 146 15.06 13.85 58.68
N ILE C 147 15.68 14.97 59.05
CA ILE C 147 17.13 15.11 59.03
C ILE C 147 17.68 14.69 60.38
N GLN C 148 18.78 13.95 60.37
CA GLN C 148 19.34 13.41 61.60
C GLN C 148 20.23 14.45 62.28
N THR C 149 20.32 14.35 63.60
CA THR C 149 21.09 15.25 64.43
C THR C 149 21.97 14.43 65.37
N GLY C 150 23.11 15.00 65.75
CA GLY C 150 24.08 14.27 66.54
C GLY C 150 23.56 13.82 67.89
N ARG C 151 22.61 14.56 68.46
CA ARG C 151 22.10 14.19 69.76
C ARG C 151 21.27 12.92 69.68
N CYS C 152 20.91 12.40 70.85
CA CYS C 152 20.11 11.18 70.97
C CYS C 152 19.13 11.37 72.12
N ILE C 153 17.99 10.69 72.03
CA ILE C 153 16.95 10.81 73.04
C ILE C 153 16.15 9.52 73.09
N PRO C 154 15.41 9.25 74.19
CA PRO C 154 14.62 8.02 74.26
C PRO C 154 13.20 8.22 73.74
N TYR C 155 12.77 7.34 72.82
CA TYR C 155 11.40 7.42 72.33
C TYR C 155 10.40 6.94 73.38
N ASP C 156 10.82 6.03 74.26
CA ASP C 156 9.96 5.49 75.30
C ASP C 156 10.85 4.83 76.34
N GLN C 157 10.24 4.44 77.46
CA GLN C 157 10.96 3.69 78.48
C GLN C 157 11.54 2.41 77.89
N LYS C 158 12.85 2.23 78.04
CA LYS C 158 13.59 1.10 77.49
C LYS C 158 13.70 1.16 75.96
N ARG C 159 13.60 2.36 75.38
CA ARG C 159 13.74 2.57 73.95
C ARG C 159 14.65 3.76 73.71
N LYS C 160 15.53 3.64 72.71
CA LYS C 160 16.50 4.67 72.37
C LYS C 160 16.52 4.84 70.87
N THR C 161 16.35 6.08 70.40
CA THR C 161 16.30 6.38 68.97
C THR C 161 16.99 7.71 68.72
N CYS C 162 17.23 7.98 67.44
CA CYS C 162 17.92 9.18 67.02
C CYS C 162 16.97 10.36 66.95
N GLU C 163 17.50 11.56 67.17
CA GLU C 163 16.71 12.77 67.12
C GLU C 163 16.65 13.30 65.69
N ILE C 164 15.55 13.98 65.38
CA ILE C 164 15.35 14.55 64.05
C ILE C 164 14.53 15.84 64.18
N PHE C 165 14.89 16.83 63.37
CA PHE C 165 14.12 18.05 63.20
C PHE C 165 13.14 17.81 62.07
N ALA C 166 11.88 17.63 62.39
CA ALA C 166 10.87 17.31 61.38
C ALA C 166 9.50 17.51 62.00
N TRP C 167 8.47 17.06 61.28
CA TRP C 167 7.11 17.08 61.80
C TRP C 167 6.95 16.02 62.88
N CYS C 168 6.49 16.46 64.05
CA CYS C 168 6.36 15.63 65.23
C CYS C 168 4.93 15.77 65.74
N PRO C 169 4.31 14.66 66.21
CA PRO C 169 4.76 13.27 66.33
C PRO C 169 4.90 12.59 64.97
N ALA C 170 6.11 12.07 64.72
CA ALA C 170 6.43 11.52 63.40
C ALA C 170 5.56 10.31 63.09
N GLU C 171 5.19 10.20 61.82
CA GLU C 171 4.39 9.07 61.38
C GLU C 171 5.20 7.79 61.50
N GLU C 172 4.51 6.71 61.86
CA GLU C 172 5.12 5.41 62.09
C GLU C 172 4.68 4.46 60.98
N GLY C 173 5.65 3.75 60.41
CA GLY C 173 5.37 2.81 59.34
C GLY C 173 4.45 1.69 59.76
N LYS C 174 3.22 1.72 59.24
CA LYS C 174 2.21 0.71 59.53
C LYS C 174 1.74 0.06 58.24
N GLU C 175 1.34 -1.20 58.34
CA GLU C 175 0.70 -1.87 57.22
C GLU C 175 -0.72 -1.37 57.09
N ALA C 176 -1.33 -1.68 55.95
CA ALA C 176 -2.67 -1.20 55.68
C ALA C 176 -3.66 -1.89 56.63
N PRO C 177 -4.61 -1.16 57.22
CA PRO C 177 -5.53 -1.81 58.16
C PRO C 177 -6.56 -2.66 57.43
N ARG C 178 -6.64 -3.93 57.82
CA ARG C 178 -7.62 -4.87 57.29
C ARG C 178 -8.54 -5.31 58.43
N PRO C 179 -9.88 -5.28 58.25
CA PRO C 179 -10.70 -4.90 57.09
C PRO C 179 -10.67 -3.41 56.80
N ALA C 180 -10.86 -3.04 55.54
CA ALA C 180 -10.80 -1.65 55.12
C ALA C 180 -11.88 -0.83 55.80
N LEU C 181 -11.68 0.49 55.78
CA LEU C 181 -12.63 1.41 56.39
C LEU C 181 -13.78 1.74 55.44
N LEU C 182 -13.47 1.95 54.16
CA LEU C 182 -14.44 2.36 53.15
C LEU C 182 -14.73 1.24 52.16
N ARG C 183 -14.85 0.00 52.66
CA ARG C 183 -15.34 -1.09 51.83
C ARG C 183 -16.76 -0.81 51.34
N SER C 184 -17.53 -0.02 52.10
CA SER C 184 -18.85 0.44 51.68
C SER C 184 -18.85 1.11 50.32
N ALA C 185 -17.69 1.60 49.85
CA ALA C 185 -17.57 2.17 48.52
C ALA C 185 -17.90 1.19 47.41
N GLU C 186 -18.09 -0.10 47.69
CA GLU C 186 -18.62 -0.99 46.67
C GLU C 186 -20.05 -0.66 46.27
N ASN C 187 -20.76 0.13 47.08
CA ASN C 187 -22.15 0.49 46.79
C ASN C 187 -22.32 1.92 46.29
N PHE C 188 -21.22 2.62 46.02
CA PHE C 188 -21.32 3.98 45.49
C PHE C 188 -21.66 3.93 44.00
N THR C 189 -22.02 5.10 43.47
CA THR C 189 -22.45 5.25 42.09
C THR C 189 -21.60 6.27 41.37
N VAL C 190 -21.58 6.14 40.04
CA VAL C 190 -20.80 6.99 39.15
C VAL C 190 -21.71 7.46 38.03
N LEU C 191 -21.35 8.60 37.44
CA LEU C 191 -21.99 9.11 36.24
C LEU C 191 -20.89 9.59 35.30
N ILE C 192 -20.92 9.09 34.07
CA ILE C 192 -19.93 9.38 33.04
C ILE C 192 -20.64 10.03 31.87
N LYS C 193 -20.20 11.23 31.50
CA LYS C 193 -20.77 12.00 30.41
C LYS C 193 -19.69 12.19 29.36
N ASN C 194 -19.87 11.59 28.19
CA ASN C 194 -18.91 11.65 27.10
C ASN C 194 -19.57 12.30 25.89
N ASN C 195 -18.94 13.36 25.39
CA ASN C 195 -19.34 14.01 24.15
C ASN C 195 -18.26 13.78 23.10
N ILE C 196 -18.68 13.32 21.92
CA ILE C 196 -17.76 13.03 20.83
C ILE C 196 -18.10 13.91 19.63
N ASP C 197 -17.07 14.22 18.86
CA ASP C 197 -17.18 15.06 17.68
C ASP C 197 -16.33 14.47 16.56
N PHE C 198 -16.93 14.34 15.38
CA PHE C 198 -16.26 14.01 14.13
C PHE C 198 -16.19 15.30 13.31
N PRO C 199 -15.03 15.99 13.25
CA PRO C 199 -15.02 17.28 12.54
C PRO C 199 -15.23 17.16 11.03
N GLY C 200 -14.50 16.27 10.38
CA GLY C 200 -14.60 16.15 8.93
C GLY C 200 -16.00 15.77 8.47
N HIS C 201 -16.61 14.80 9.15
CA HIS C 201 -18.01 14.47 8.88
C HIS C 201 -18.97 15.45 9.54
N ASN C 202 -18.49 16.28 10.47
CA ASN C 202 -19.32 17.32 11.10
C ASN C 202 -20.48 16.72 11.87
N TYR C 203 -20.17 15.80 12.78
CA TYR C 203 -21.18 15.09 13.56
C TYR C 203 -20.81 15.10 15.03
N THR C 204 -21.67 15.71 15.86
CA THR C 204 -21.48 15.76 17.30
C THR C 204 -22.57 14.92 17.96
N THR C 205 -22.19 14.13 18.96
CA THR C 205 -23.18 13.33 19.67
C THR C 205 -22.67 13.04 21.08
N ARG C 206 -23.53 12.38 21.85
CA ARG C 206 -23.31 12.14 23.28
C ARG C 206 -23.94 10.82 23.65
N ASN C 207 -23.34 10.15 24.63
CA ASN C 207 -23.80 8.82 25.03
C ASN C 207 -25.18 8.87 25.65
N ILE C 208 -25.47 9.91 26.42
CA ILE C 208 -26.78 10.09 27.04
C ILE C 208 -27.79 10.49 25.98
N LEU C 209 -29.00 9.95 26.11
CA LEU C 209 -30.11 10.24 25.20
C LEU C 209 -31.32 10.62 26.02
N PRO C 210 -32.32 11.27 25.41
CA PRO C 210 -33.50 11.68 26.18
C PRO C 210 -34.32 10.48 26.63
N GLY C 211 -34.96 10.61 27.79
CA GLY C 211 -35.89 9.64 28.29
C GLY C 211 -35.33 8.65 29.28
N MET C 212 -34.02 8.55 29.42
CA MET C 212 -33.44 7.59 30.35
C MET C 212 -33.79 7.97 31.78
N ASN C 213 -34.17 6.96 32.57
CA ASN C 213 -34.40 7.17 33.99
C ASN C 213 -33.07 7.32 34.71
N ILE C 214 -32.93 8.42 35.45
CA ILE C 214 -31.69 8.66 36.18
C ILE C 214 -31.48 7.69 37.32
N SER C 215 -32.51 6.97 37.75
CA SER C 215 -32.40 5.93 38.77
C SER C 215 -32.21 4.58 38.09
N CYS C 216 -31.16 4.51 37.27
CA CYS C 216 -30.78 3.30 36.56
C CYS C 216 -29.38 2.88 36.99
N THR C 217 -28.99 1.70 36.55
CA THR C 217 -27.67 1.14 36.80
C THR C 217 -27.26 0.25 35.64
N PHE C 218 -25.98 0.34 35.27
CA PHE C 218 -25.49 -0.41 34.13
C PHE C 218 -25.58 -1.91 34.39
N HIS C 219 -26.15 -2.62 33.41
CA HIS C 219 -26.14 -4.07 33.40
C HIS C 219 -25.79 -4.53 32.00
N LYS C 220 -25.06 -5.65 31.91
CA LYS C 220 -24.51 -6.10 30.65
C LYS C 220 -25.60 -6.42 29.62
N THR C 221 -26.76 -6.90 30.10
CA THR C 221 -27.86 -7.31 29.23
C THR C 221 -29.16 -6.57 29.54
N TRP C 222 -29.48 -6.37 30.82
CA TRP C 222 -30.75 -5.75 31.18
C TRP C 222 -30.83 -4.31 30.67
N ASN C 223 -29.94 -3.45 31.15
CA ASN C 223 -29.96 -2.02 30.84
C ASN C 223 -28.55 -1.62 30.40
N PRO C 224 -28.18 -1.92 29.15
CA PRO C 224 -26.79 -1.65 28.74
C PRO C 224 -26.47 -0.17 28.63
N GLN C 225 -27.34 0.62 28.00
CA GLN C 225 -27.06 2.03 27.74
C GLN C 225 -27.63 2.90 28.86
N CYS C 226 -27.15 2.60 30.08
CA CYS C 226 -27.35 3.43 31.25
C CYS C 226 -25.98 3.85 31.76
N PRO C 227 -25.55 5.11 31.57
CA PRO C 227 -24.16 5.44 31.89
C PRO C 227 -23.84 5.44 33.37
N ILE C 228 -24.81 5.17 34.25
CA ILE C 228 -24.52 5.06 35.66
C ILE C 228 -24.00 3.66 35.98
N PHE C 229 -22.90 3.61 36.73
CA PHE C 229 -22.23 2.37 37.07
C PHE C 229 -22.16 2.23 38.58
N ARG C 230 -22.01 0.99 39.03
CA ARG C 230 -21.78 0.66 40.43
C ARG C 230 -20.37 0.10 40.57
N LEU C 231 -19.61 0.64 41.52
CA LEU C 231 -18.19 0.32 41.60
C LEU C 231 -17.96 -1.16 41.93
N GLY C 232 -18.92 -1.81 42.58
CA GLY C 232 -18.78 -3.23 42.83
C GLY C 232 -19.02 -4.07 41.60
N ASP C 233 -19.97 -3.65 40.76
CA ASP C 233 -20.28 -4.42 39.55
C ASP C 233 -19.13 -4.41 38.56
N ILE C 234 -18.35 -3.32 38.52
CA ILE C 234 -17.21 -3.24 37.61
C ILE C 234 -16.21 -4.34 37.93
N PHE C 235 -16.02 -4.64 39.22
CA PHE C 235 -15.14 -5.72 39.62
C PHE C 235 -15.83 -7.07 39.49
N GLN C 236 -17.14 -7.11 39.70
CA GLN C 236 -17.87 -8.38 39.65
C GLN C 236 -17.89 -8.94 38.23
N GLU C 237 -17.97 -8.07 37.23
CA GLU C 237 -18.02 -8.54 35.84
C GLU C 237 -16.74 -9.26 35.45
N ILE C 238 -15.60 -8.79 35.97
CA ILE C 238 -14.32 -9.39 35.61
C ILE C 238 -14.09 -10.68 36.40
N GLY C 239 -14.51 -10.70 37.67
CA GLY C 239 -14.21 -11.77 38.59
C GLY C 239 -13.36 -11.36 39.77
N GLU C 240 -13.05 -10.07 39.93
CA GLU C 240 -12.24 -9.60 41.03
C GLU C 240 -13.06 -9.52 42.31
N ASN C 241 -12.27 -9.17 43.41
CA ASN C 241 -12.96 -8.92 44.66
C ASN C 241 -12.61 -7.54 45.16
N PHE C 242 -13.70 -6.71 45.39
CA PHE C 242 -13.46 -5.34 45.80
C PHE C 242 -12.93 -5.26 47.23
N THR C 243 -13.38 -6.17 48.09
CA THR C 243 -12.98 -6.13 49.49
C THR C 243 -11.50 -6.45 49.66
N GLU C 244 -10.92 -7.25 48.76
CA GLU C 244 -9.50 -7.57 48.83
C GLU C 244 -8.65 -6.47 48.20
N VAL C 245 -9.20 -5.77 47.21
CA VAL C 245 -8.46 -4.68 46.56
C VAL C 245 -8.51 -3.41 47.40
N ALA C 246 -9.55 -3.23 48.20
CA ALA C 246 -9.71 -1.97 48.95
C ALA C 246 -8.60 -1.78 49.98
N VAL C 247 -8.00 -2.86 50.48
CA VAL C 247 -6.97 -2.73 51.48
C VAL C 247 -5.74 -2.06 50.88
N GLN C 248 -5.20 -2.65 49.82
CA GLN C 248 -4.12 -2.07 49.04
C GLN C 248 -4.65 -1.82 47.64
N GLY C 249 -4.84 -0.55 47.30
CA GLY C 249 -5.60 -0.21 46.12
C GLY C 249 -4.94 -0.66 44.84
N GLY C 250 -5.73 -0.61 43.77
CA GLY C 250 -5.27 -1.01 42.45
C GLY C 250 -6.03 -0.28 41.38
N ILE C 251 -5.42 -0.23 40.21
CA ILE C 251 -5.93 0.54 39.09
C ILE C 251 -6.93 -0.30 38.31
N MET C 252 -8.02 0.33 37.91
CA MET C 252 -9.06 -0.24 37.06
C MET C 252 -9.14 0.62 35.80
N GLY C 253 -9.79 0.11 34.77
CA GLY C 253 -9.90 0.83 33.52
C GLY C 253 -11.19 0.57 32.79
N ILE C 254 -11.81 1.65 32.31
CA ILE C 254 -13.06 1.61 31.56
C ILE C 254 -12.74 1.98 30.12
N GLU C 255 -13.39 1.30 29.18
CA GLU C 255 -13.20 1.53 27.75
C GLU C 255 -14.56 1.79 27.12
N ILE C 256 -14.61 2.76 26.23
CA ILE C 256 -15.83 3.20 25.57
C ILE C 256 -15.56 3.15 24.08
N TYR C 257 -16.19 2.19 23.40
CA TYR C 257 -15.94 1.92 21.99
C TYR C 257 -17.09 2.51 21.17
N TRP C 258 -16.75 3.44 20.29
CA TRP C 258 -17.69 4.04 19.34
C TRP C 258 -17.34 3.53 17.95
N ASP C 259 -18.20 2.70 17.39
CA ASP C 259 -18.08 2.22 16.02
C ASP C 259 -19.42 2.43 15.34
N CYS C 260 -19.46 3.31 14.35
CA CYS C 260 -20.73 3.62 13.70
C CYS C 260 -20.49 4.22 12.32
N ASN C 261 -21.53 4.16 11.51
CA ASN C 261 -21.51 4.64 10.13
C ASN C 261 -22.55 5.74 9.98
N LEU C 262 -22.12 6.88 9.47
CA LEU C 262 -22.97 8.07 9.41
C LEU C 262 -23.69 8.16 8.07
N ASP C 263 -24.36 7.07 7.71
CA ASP C 263 -25.14 6.95 6.50
C ASP C 263 -26.62 6.93 6.85
N SER C 264 -27.44 7.55 6.01
CA SER C 264 -28.85 7.73 6.34
C SER C 264 -29.59 6.39 6.38
N TRP C 265 -29.20 5.44 5.52
CA TRP C 265 -29.89 4.16 5.49
C TRP C 265 -29.47 3.26 6.64
N SER C 266 -28.32 3.52 7.24
CA SER C 266 -27.84 2.77 8.41
C SER C 266 -27.15 3.75 9.34
N HIS C 267 -27.88 4.22 10.36
CA HIS C 267 -27.38 5.21 11.31
C HIS C 267 -27.67 4.69 12.73
N ARG C 268 -26.71 3.98 13.30
CA ARG C 268 -26.72 3.60 14.70
C ARG C 268 -25.35 3.88 15.29
N CYS C 269 -25.29 4.89 16.16
CA CYS C 269 -24.05 5.25 16.85
C CYS C 269 -24.32 5.20 18.35
N GLN C 270 -23.86 4.12 18.97
CA GLN C 270 -24.09 3.85 20.38
C GLN C 270 -22.77 3.36 20.98
N PRO C 271 -22.47 3.71 22.22
CA PRO C 271 -21.21 3.28 22.81
C PRO C 271 -21.31 1.90 23.42
N LYS C 272 -20.20 1.17 23.36
CA LYS C 272 -20.05 -0.11 24.03
C LYS C 272 -19.08 0.05 25.18
N TYR C 273 -19.49 -0.38 26.37
CA TYR C 273 -18.69 -0.26 27.58
C TYR C 273 -17.97 -1.57 27.86
N SER C 274 -16.69 -1.47 28.17
CA SER C 274 -15.87 -2.62 28.53
C SER C 274 -15.02 -2.26 29.74
N PHE C 275 -14.58 -3.30 30.45
CA PHE C 275 -13.80 -3.15 31.67
C PHE C 275 -12.52 -3.96 31.55
N ARG C 276 -11.49 -3.49 32.26
CA ARG C 276 -10.20 -4.15 32.24
C ARG C 276 -9.44 -3.72 33.48
N ARG C 277 -8.52 -4.58 33.93
CA ARG C 277 -7.64 -4.26 35.05
C ARG C 277 -6.24 -4.02 34.51
N LEU C 278 -5.71 -2.83 34.79
CA LEU C 278 -4.40 -2.42 34.31
C LEU C 278 -3.28 -2.78 35.26
N ASP C 279 -3.54 -2.74 36.56
CA ASP C 279 -2.54 -3.12 37.54
C ASP C 279 -2.34 -4.64 37.51
N ASP C 280 -1.26 -5.08 38.16
CA ASP C 280 -0.94 -6.50 38.19
C ASP C 280 -1.80 -7.22 39.22
N LYS C 281 -2.11 -8.48 38.93
CA LYS C 281 -2.84 -9.32 39.88
C LYS C 281 -1.88 -9.66 41.01
N TYR C 282 -1.89 -8.85 42.07
CA TYR C 282 -0.92 -9.00 43.15
C TYR C 282 -1.44 -9.97 44.20
N THR C 283 -0.49 -10.53 44.94
CA THR C 283 -0.78 -11.48 46.00
C THR C 283 0.30 -11.31 47.07
N ASN C 284 0.23 -12.14 48.10
CA ASN C 284 1.27 -12.15 49.12
C ASN C 284 2.63 -12.46 48.49
N GLU C 285 3.68 -11.93 49.10
CA GLU C 285 5.07 -12.06 48.69
C GLU C 285 5.43 -11.17 47.50
N SER C 286 4.47 -10.45 46.92
CA SER C 286 4.80 -9.52 45.85
C SER C 286 5.50 -8.30 46.43
N LEU C 287 6.19 -7.55 45.56
CA LEU C 287 7.06 -6.48 46.02
C LEU C 287 6.28 -5.19 46.27
N PHE C 288 5.73 -4.60 45.21
CA PHE C 288 5.10 -3.28 45.25
C PHE C 288 3.65 -3.45 44.79
N PRO C 289 2.75 -3.91 45.67
CA PRO C 289 1.44 -4.36 45.18
C PRO C 289 0.37 -3.30 45.10
N GLY C 290 0.54 -2.19 45.83
CA GLY C 290 -0.55 -1.28 46.09
C GLY C 290 -0.35 0.08 45.46
N TYR C 291 -1.47 0.68 45.05
CA TYR C 291 -1.52 2.08 44.64
C TYR C 291 -1.87 2.91 45.86
N ASN C 292 -0.97 3.81 46.25
CA ASN C 292 -1.21 4.69 47.38
C ASN C 292 -0.44 5.98 47.17
N PHE C 293 -0.82 7.00 47.92
CA PHE C 293 -0.07 8.25 47.92
C PHE C 293 -0.34 9.00 49.22
N ARG C 294 0.22 10.19 49.31
CA ARG C 294 0.16 11.00 50.53
C ARG C 294 -0.32 12.40 50.19
N TYR C 295 -1.13 12.98 51.09
CA TYR C 295 -1.50 14.37 50.97
C TYR C 295 -1.82 14.92 52.35
N ALA C 296 -1.70 16.24 52.48
CA ALA C 296 -1.76 16.90 53.78
C ALA C 296 -2.80 18.01 53.76
N LYS C 297 -3.35 18.28 54.95
CA LYS C 297 -4.25 19.40 55.19
C LYS C 297 -3.58 20.32 56.19
N TYR C 298 -3.27 21.54 55.79
CA TYR C 298 -2.59 22.51 56.63
C TYR C 298 -3.59 23.38 57.38
N TYR C 299 -3.20 23.83 58.57
CA TYR C 299 -3.99 24.78 59.33
C TYR C 299 -3.09 25.38 60.40
N LYS C 300 -3.69 26.16 61.30
CA LYS C 300 -2.95 26.71 62.42
C LYS C 300 -3.91 27.09 63.54
N GLU C 301 -3.44 26.92 64.77
CA GLU C 301 -4.21 27.25 65.96
C GLU C 301 -3.27 27.84 66.99
N ASN C 302 -3.70 28.94 67.63
CA ASN C 302 -2.91 29.63 68.64
C ASN C 302 -1.57 30.11 68.06
N GLY C 303 -1.62 30.61 66.83
CA GLY C 303 -0.43 31.15 66.20
C GLY C 303 0.69 30.15 66.01
N MET C 304 0.38 29.00 65.43
CA MET C 304 1.37 27.96 65.19
C MET C 304 0.89 27.09 64.04
N GLU C 305 1.79 26.82 63.09
CA GLU C 305 1.42 26.03 61.92
C GLU C 305 1.33 24.55 62.29
N LYS C 306 0.40 23.85 61.64
CA LYS C 306 0.19 22.43 61.87
C LYS C 306 -0.35 21.82 60.58
N ARG C 307 -0.22 20.49 60.49
CA ARG C 307 -0.79 19.77 59.36
C ARG C 307 -1.34 18.43 59.84
N THR C 308 -2.22 17.88 59.04
CA THR C 308 -2.72 16.51 59.18
C THR C 308 -2.35 15.75 57.92
N LEU C 309 -1.52 14.72 58.06
CA LEU C 309 -1.05 13.92 56.95
C LEU C 309 -1.97 12.72 56.76
N ILE C 310 -2.20 12.34 55.51
CA ILE C 310 -3.08 11.22 55.16
C ILE C 310 -2.38 10.41 54.08
N LYS C 311 -2.07 9.16 54.39
CA LYS C 311 -1.66 8.18 53.39
C LYS C 311 -2.92 7.46 52.92
N ALA C 312 -3.28 7.66 51.66
CA ALA C 312 -4.50 7.15 51.08
C ALA C 312 -4.18 5.99 50.15
N PHE C 313 -4.85 4.86 50.40
CA PHE C 313 -4.88 3.73 49.47
C PHE C 313 -6.22 3.75 48.77
N GLY C 314 -6.20 3.74 47.44
CA GLY C 314 -7.44 3.78 46.70
C GLY C 314 -7.24 3.37 45.27
N VAL C 315 -8.36 3.09 44.60
CA VAL C 315 -8.34 2.75 43.19
C VAL C 315 -8.19 4.01 42.35
N ARG C 316 -7.92 3.81 41.07
CA ARG C 316 -7.86 4.89 40.10
C ARG C 316 -8.36 4.38 38.77
N PHE C 317 -9.46 4.94 38.31
CA PHE C 317 -10.06 4.56 37.04
C PHE C 317 -9.49 5.42 35.93
N ASP C 318 -9.08 4.78 34.85
CA ASP C 318 -8.48 5.45 33.69
C ASP C 318 -9.41 5.22 32.51
N ILE C 319 -10.29 6.18 32.26
CA ILE C 319 -11.24 6.08 31.15
C ILE C 319 -10.48 6.17 29.84
N LEU C 320 -10.86 5.33 28.88
CA LEU C 320 -10.20 5.22 27.59
C LEU C 320 -11.25 5.28 26.51
N VAL C 321 -11.11 6.23 25.59
CA VAL C 321 -12.08 6.48 24.53
C VAL C 321 -11.39 6.33 23.20
N PHE C 322 -11.82 5.34 22.41
CA PHE C 322 -11.30 5.11 21.07
C PHE C 322 -12.44 4.72 20.16
N GLY C 323 -12.35 5.14 18.91
CA GLY C 323 -13.40 4.86 17.95
C GLY C 323 -13.04 5.46 16.60
N THR C 324 -13.95 5.23 15.65
CA THR C 324 -13.78 5.74 14.29
C THR C 324 -15.15 5.83 13.65
N GLY C 325 -15.41 6.95 12.98
CA GLY C 325 -16.69 7.21 12.33
C GLY C 325 -16.53 7.22 10.82
N GLY C 326 -17.41 6.47 10.16
CA GLY C 326 -17.34 6.30 8.72
C GLY C 326 -18.55 6.91 8.03
N LYS C 327 -18.32 7.46 6.84
CA LYS C 327 -19.42 7.94 5.99
C LYS C 327 -19.07 7.68 4.53
N PHE C 328 -20.10 7.52 3.72
CA PHE C 328 -19.92 7.13 2.33
C PHE C 328 -19.05 8.12 1.58
N ASP C 329 -18.19 7.59 0.71
CA ASP C 329 -17.26 8.38 -0.06
C ASP C 329 -17.01 7.66 -1.38
N ILE C 330 -16.92 8.45 -2.46
CA ILE C 330 -16.87 7.85 -3.80
C ILE C 330 -15.44 7.50 -4.22
N ILE C 331 -14.44 8.25 -3.75
CA ILE C 331 -13.09 8.03 -4.23
C ILE C 331 -12.48 6.76 -3.63
N GLN C 332 -12.90 6.37 -2.43
CA GLN C 332 -12.39 5.14 -1.83
C GLN C 332 -12.80 3.92 -2.64
N LEU C 333 -14.02 3.96 -3.19
CA LEU C 333 -14.45 2.90 -4.09
C LEU C 333 -13.50 2.75 -5.27
N VAL C 334 -13.17 3.87 -5.92
CA VAL C 334 -12.27 3.84 -7.07
C VAL C 334 -10.90 3.33 -6.65
N VAL C 335 -10.44 3.71 -5.46
CA VAL C 335 -9.15 3.23 -4.98
C VAL C 335 -9.18 1.73 -4.77
N TYR C 336 -10.33 1.18 -4.36
CA TYR C 336 -10.44 -0.26 -4.15
C TYR C 336 -10.48 -1.01 -5.48
N ILE C 337 -11.24 -0.48 -6.44
CA ILE C 337 -11.30 -1.10 -7.77
C ILE C 337 -9.92 -1.06 -8.43
N GLY C 338 -9.15 -0.01 -8.15
CA GLY C 338 -7.80 0.05 -8.66
C GLY C 338 -6.91 -1.04 -8.09
N SER C 339 -7.20 -1.49 -6.87
CA SER C 339 -6.36 -2.48 -6.23
C SER C 339 -6.75 -3.89 -6.64
N THR C 340 -8.03 -4.13 -6.92
CA THR C 340 -8.49 -5.48 -7.24
C THR C 340 -7.85 -6.02 -8.52
N LEU C 341 -7.42 -5.13 -9.43
CA LEU C 341 -6.97 -5.55 -10.74
C LEU C 341 -5.71 -6.40 -10.65
N SER C 342 -4.81 -6.06 -9.73
CA SER C 342 -3.60 -6.86 -9.54
C SER C 342 -3.96 -8.26 -9.04
N TYR C 343 -4.98 -8.37 -8.19
CA TYR C 343 -5.40 -9.67 -7.69
C TYR C 343 -5.99 -10.52 -8.81
N PHE C 344 -6.60 -9.88 -9.81
CA PHE C 344 -7.37 -10.64 -10.81
C PHE C 344 -6.50 -11.51 -11.74
N GLY C 345 -5.16 -11.50 -11.61
CA GLY C 345 -4.31 -12.27 -12.50
C GLY C 345 -4.05 -13.72 -12.14
N LEU C 346 -4.82 -14.23 -11.17
CA LEU C 346 -4.58 -15.55 -10.61
C LEU C 346 -4.76 -16.64 -11.66
N ALA C 347 -5.86 -16.58 -12.42
CA ALA C 347 -6.13 -17.61 -13.41
C ALA C 347 -5.03 -17.65 -14.47
N THR C 348 -4.62 -16.49 -14.95
CA THR C 348 -3.57 -16.42 -15.95
C THR C 348 -2.28 -17.05 -15.44
N VAL C 349 -1.82 -16.62 -14.27
CA VAL C 349 -0.52 -17.14 -13.79
C VAL C 349 -0.62 -18.64 -13.50
N CYS C 350 -1.75 -19.09 -12.94
CA CYS C 350 -1.89 -20.49 -12.58
C CYS C 350 -1.91 -21.38 -13.82
N ILE C 351 -2.66 -20.98 -14.85
CA ILE C 351 -2.78 -21.82 -16.03
C ILE C 351 -1.47 -21.82 -16.82
N ASP C 352 -0.80 -20.67 -16.89
CA ASP C 352 0.51 -20.64 -17.54
C ASP C 352 1.50 -21.54 -16.81
N LEU C 353 1.44 -21.55 -15.47
CA LEU C 353 2.30 -22.43 -14.70
C LEU C 353 1.98 -23.89 -15.00
N ILE C 354 0.69 -24.23 -15.10
CA ILE C 354 0.30 -25.61 -15.38
C ILE C 354 0.82 -26.04 -16.74
N ILE C 355 0.69 -25.17 -17.75
CA ILE C 355 1.18 -25.51 -19.08
C ILE C 355 2.69 -25.71 -19.07
N ASN C 356 3.41 -24.77 -18.48
CA ASN C 356 4.86 -24.86 -18.45
C ASN C 356 5.34 -26.08 -17.67
N THR C 357 4.56 -26.54 -16.68
CA THR C 357 4.95 -27.73 -15.94
C THR C 357 4.67 -28.99 -16.74
N TYR C 358 3.48 -29.11 -17.32
CA TYR C 358 3.13 -30.31 -18.05
C TYR C 358 3.82 -30.43 -19.40
N ALA C 359 4.44 -29.35 -19.90
CA ALA C 359 5.23 -29.41 -21.12
C ALA C 359 6.71 -29.69 -20.86
N SER C 360 7.04 -30.27 -19.70
CA SER C 360 8.44 -30.50 -19.35
C SER C 360 9.07 -31.60 -20.21
N THR C 361 8.26 -32.51 -20.75
CA THR C 361 8.66 -33.65 -21.57
C THR C 361 9.23 -34.80 -20.72
N CYS C 362 9.37 -34.63 -19.40
CA CYS C 362 9.75 -35.72 -18.53
C CYS C 362 8.56 -36.54 -18.04
N CYS C 363 7.36 -35.97 -18.10
CA CYS C 363 6.17 -36.68 -17.62
C CYS C 363 5.86 -37.88 -18.50
N ARG C 364 6.13 -37.78 -19.80
CA ARG C 364 5.86 -38.88 -20.71
C ARG C 364 6.70 -40.12 -20.39
N SER C 365 7.80 -39.97 -19.67
CA SER C 365 8.68 -41.09 -19.37
C SER C 365 8.08 -41.98 -18.29
N ARG C 366 7.87 -41.41 -17.09
CA ARG C 366 7.62 -42.20 -15.89
C ARG C 366 6.27 -41.96 -15.26
N VAL C 367 5.83 -40.71 -15.09
CA VAL C 367 4.65 -40.46 -14.25
C VAL C 367 3.38 -40.86 -14.99
N TYR C 368 3.33 -40.67 -16.30
CA TYR C 368 2.15 -41.07 -17.06
C TYR C 368 1.92 -42.57 -17.07
N PRO C 369 2.89 -43.43 -17.45
CA PRO C 369 2.62 -44.87 -17.39
C PRO C 369 2.37 -45.38 -15.99
N SER C 370 2.91 -44.70 -14.97
CA SER C 370 2.66 -45.11 -13.59
C SER C 370 1.23 -44.78 -13.17
N CYS C 371 0.83 -43.53 -13.31
CA CYS C 371 -0.52 -43.13 -12.89
C CYS C 371 -1.57 -43.68 -13.85
N LYS C 372 -1.37 -43.49 -15.15
CA LYS C 372 -2.25 -43.94 -16.22
C LYS C 372 -3.56 -43.17 -16.25
N CYS C 373 -3.68 -42.04 -15.54
CA CYS C 373 -4.87 -41.21 -15.54
C CYS C 373 -4.65 -39.82 -16.10
N CYS C 374 -3.46 -39.25 -15.94
CA CYS C 374 -3.13 -37.93 -16.47
C CYS C 374 -2.57 -37.98 -17.89
N GLU C 375 -2.92 -39.01 -18.66
CA GLU C 375 -2.46 -39.10 -20.04
C GLU C 375 -2.90 -37.91 -20.90
N PRO C 376 -4.20 -37.55 -20.99
CA PRO C 376 -4.58 -36.49 -21.94
C PRO C 376 -3.98 -35.13 -21.62
N CYS C 377 -3.46 -34.93 -20.41
CA CYS C 377 -2.77 -33.69 -20.09
C CYS C 377 -1.53 -33.48 -20.96
N ALA C 378 -1.02 -34.55 -21.59
CA ALA C 378 0.04 -34.42 -22.59
C ALA C 378 -0.33 -33.45 -23.71
N VAL C 379 -1.62 -33.26 -23.96
CA VAL C 379 -2.14 -32.28 -24.91
C VAL C 379 -1.51 -30.91 -24.68
N ASN C 380 -1.23 -30.59 -23.40
CA ASN C 380 -0.66 -29.29 -23.07
C ASN C 380 0.65 -29.03 -23.81
N GLU C 381 1.40 -30.10 -24.13
CA GLU C 381 2.64 -29.96 -24.88
C GLU C 381 2.40 -29.18 -26.18
N TYR C 382 1.31 -29.51 -26.89
CA TYR C 382 0.97 -28.83 -28.13
C TYR C 382 0.86 -27.32 -27.91
N TYR C 383 0.23 -26.91 -26.80
CA TYR C 383 0.09 -25.49 -26.51
C TYR C 383 1.46 -24.84 -26.43
N TYR C 384 2.42 -25.52 -25.79
CA TYR C 384 3.77 -24.97 -25.68
C TYR C 384 4.37 -24.73 -27.06
N ARG C 385 4.14 -25.67 -27.99
CA ARG C 385 4.69 -25.50 -29.33
C ARG C 385 4.07 -24.30 -30.03
N LYS C 386 2.84 -23.95 -29.68
CA LYS C 386 2.18 -22.79 -30.24
C LYS C 386 2.43 -21.52 -29.45
N LYS C 387 3.20 -21.60 -28.36
CA LYS C 387 3.41 -20.47 -27.46
C LYS C 387 4.87 -20.02 -27.41
N CYS C 388 5.79 -20.95 -27.18
CA CYS C 388 7.20 -20.65 -27.03
C CYS C 388 7.94 -20.92 -28.34
N GLU C 389 8.61 -19.90 -28.86
CA GLU C 389 9.48 -20.00 -30.02
C GLU C 389 10.93 -20.03 -29.56
N PRO C 390 11.55 -21.20 -29.40
CA PRO C 390 12.92 -21.23 -28.87
C PRO C 390 13.94 -20.92 -29.96
N ILE C 391 14.91 -20.08 -29.63
CA ILE C 391 15.99 -19.71 -30.52
C ILE C 391 17.30 -19.77 -29.75
N VAL C 392 18.39 -19.46 -30.45
CA VAL C 392 19.73 -19.47 -29.88
C VAL C 392 20.50 -18.29 -30.44
N GLU C 393 21.36 -17.71 -29.63
CA GLU C 393 22.05 -16.51 -30.05
C GLU C 393 23.14 -16.87 -31.07
N PRO C 394 23.39 -16.00 -32.07
CA PRO C 394 24.48 -16.27 -33.01
C PRO C 394 25.82 -15.83 -32.46
N LYS C 395 26.82 -16.68 -32.68
CA LYS C 395 28.19 -16.38 -32.28
C LYS C 395 29.13 -17.12 -33.21
N PRO C 396 30.39 -16.71 -33.29
CA PRO C 396 31.30 -17.34 -34.26
C PRO C 396 31.52 -18.82 -34.03
N THR C 397 31.38 -19.30 -32.80
CA THR C 397 31.54 -20.72 -32.52
C THR C 397 30.32 -21.55 -32.89
N LEU C 398 29.21 -20.90 -33.29
CA LEU C 398 27.98 -21.61 -33.53
C LEU C 398 28.01 -22.29 -34.88
N LYS C 399 27.73 -23.60 -34.90
CA LYS C 399 27.75 -24.39 -36.11
C LYS C 399 26.67 -25.45 -36.02
N TYR C 400 26.24 -25.93 -37.19
CA TYR C 400 25.23 -26.96 -37.32
C TYR C 400 25.71 -27.99 -38.32
N VAL C 401 25.46 -29.26 -38.03
CA VAL C 401 25.86 -30.37 -38.89
C VAL C 401 24.71 -31.35 -38.97
N SER C 402 24.61 -32.01 -40.12
CA SER C 402 23.60 -33.04 -40.34
C SER C 402 24.24 -34.20 -41.10
N PHE C 403 23.91 -35.42 -40.66
CA PHE C 403 24.38 -36.64 -41.29
C PHE C 403 23.18 -37.43 -41.76
N VAL C 404 23.20 -37.87 -43.02
CA VAL C 404 22.03 -38.51 -43.63
C VAL C 404 21.69 -39.81 -42.93
N ASP C 405 22.69 -40.54 -42.42
CA ASP C 405 22.41 -41.81 -41.77
C ASP C 405 21.64 -41.60 -40.47
N GLU C 406 21.93 -40.53 -39.75
CA GLU C 406 21.17 -40.18 -38.56
C GLU C 406 19.95 -39.34 -38.94
N PRO C 407 18.92 -39.30 -38.09
CA PRO C 407 17.73 -38.50 -38.41
C PRO C 407 17.72 -37.09 -37.83
N HIS C 408 18.66 -36.75 -36.96
CA HIS C 408 18.64 -35.50 -36.22
C HIS C 408 19.83 -34.63 -36.62
N ILE C 409 19.81 -33.40 -36.12
CA ILE C 409 20.82 -32.39 -36.40
C ILE C 409 21.65 -32.15 -35.15
N TRP C 410 22.94 -31.90 -35.34
CA TRP C 410 23.90 -31.71 -34.26
C TRP C 410 24.35 -30.27 -34.22
N MET C 411 24.13 -29.62 -33.09
CA MET C 411 24.62 -28.26 -32.84
C MET C 411 26.00 -28.33 -32.21
N VAL C 412 26.83 -27.33 -32.52
CA VAL C 412 28.20 -27.27 -32.01
C VAL C 412 28.54 -25.82 -31.68
N ASP C 413 28.60 -25.51 -30.39
CA ASP C 413 28.96 -24.19 -29.89
C ASP C 413 30.26 -24.20 -29.10
N GLN C 414 31.26 -24.97 -29.56
CA GLN C 414 32.54 -25.10 -28.88
C GLN C 414 33.66 -24.92 -29.89
N GLN C 415 34.78 -24.36 -29.42
CA GLN C 415 35.94 -24.18 -30.28
C GLN C 415 36.57 -25.54 -30.60
N LEU C 416 37.28 -25.59 -31.72
CA LEU C 416 37.87 -26.84 -32.18
C LEU C 416 39.24 -27.08 -31.54
N LEU C 417 40.08 -26.06 -31.51
CA LEU C 417 41.46 -26.18 -31.02
C LEU C 417 42.25 -27.18 -31.87
N GLY C 418 42.06 -27.11 -33.17
CA GLY C 418 42.77 -27.98 -34.10
C GLY C 418 42.15 -29.34 -34.32
N LYS C 419 41.15 -29.72 -33.53
CA LYS C 419 40.51 -31.02 -33.71
C LYS C 419 39.68 -31.04 -34.99
N SER C 420 39.63 -32.22 -35.60
CA SER C 420 38.86 -32.41 -36.81
C SER C 420 37.38 -32.52 -36.46
N LEU C 421 36.53 -31.90 -37.28
CA LEU C 421 35.11 -31.89 -37.01
C LEU C 421 34.49 -33.24 -37.37
N GLN C 422 33.33 -33.50 -36.77
CA GLN C 422 32.60 -34.77 -36.74
C GLN C 422 33.22 -35.78 -35.77
N ASP C 423 34.35 -35.45 -35.15
CA ASP C 423 34.89 -36.20 -34.03
C ASP C 423 34.49 -35.58 -32.69
N VAL C 424 34.13 -34.30 -32.67
CA VAL C 424 33.59 -33.63 -31.49
C VAL C 424 32.08 -33.67 -31.58
N LYS C 425 31.42 -33.88 -30.44
CA LYS C 425 29.98 -34.00 -30.37
C LYS C 425 29.38 -32.81 -29.64
N GLY C 426 28.08 -32.58 -29.89
CA GLY C 426 27.37 -31.51 -29.24
C GLY C 426 25.92 -31.91 -28.99
N GLN C 427 25.19 -30.99 -28.36
CA GLN C 427 23.82 -31.29 -27.97
C GLN C 427 22.94 -31.48 -29.20
N GLU C 428 22.17 -32.56 -29.19
CA GLU C 428 21.28 -32.88 -30.30
C GLU C 428 20.14 -31.86 -30.37
N VAL C 429 19.49 -31.82 -31.53
CA VAL C 429 18.33 -30.97 -31.73
C VAL C 429 17.56 -31.50 -32.95
N PRO C 430 16.23 -31.58 -32.91
CA PRO C 430 15.52 -32.11 -34.07
C PRO C 430 15.28 -31.05 -35.14
N ARG C 431 15.11 -31.53 -36.37
CA ARG C 431 14.86 -30.60 -37.47
C ARG C 431 13.38 -30.21 -37.50
N PRO C 432 13.05 -28.98 -37.88
CA PRO C 432 11.63 -28.62 -37.98
C PRO C 432 11.01 -29.20 -39.24
N GLN C 433 9.68 -29.24 -39.24
CA GLN C 433 8.94 -29.82 -40.34
C GLN C 433 8.73 -28.78 -41.45
N THR C 434 8.74 -29.26 -42.68
CA THR C 434 8.65 -28.38 -43.83
C THR C 434 7.22 -27.87 -44.01
N ASP C 435 7.11 -26.65 -44.54
CA ASP C 435 5.82 -26.09 -44.89
C ASP C 435 5.23 -26.91 -46.04
N PHE C 436 4.25 -27.76 -45.73
CA PHE C 436 3.77 -28.73 -46.70
C PHE C 436 3.00 -28.09 -47.84
N LEU C 437 2.55 -26.84 -47.68
CA LEU C 437 1.91 -26.14 -48.79
C LEU C 437 2.85 -26.02 -49.98
N GLU C 438 4.14 -25.83 -49.71
CA GLU C 438 5.14 -25.82 -50.77
C GLU C 438 5.65 -27.23 -51.10
N LEU C 439 5.61 -28.13 -50.11
CA LEU C 439 6.08 -29.49 -50.36
C LEU C 439 5.15 -30.24 -51.31
N SER C 440 3.86 -29.90 -51.31
CA SER C 440 2.94 -30.49 -52.26
C SER C 440 3.31 -30.12 -53.70
N ARG C 441 3.98 -29.00 -53.88
CA ARG C 441 4.41 -28.58 -55.22
C ARG C 441 5.46 -29.55 -55.75
N LEU C 442 5.19 -30.12 -56.92
CA LEU C 442 6.11 -31.05 -57.55
C LEU C 442 5.66 -31.40 -58.96
N ASP C 472 43.68 -44.06 -50.16
CA ASP C 472 43.16 -43.19 -51.20
C ASP C 472 42.44 -42.00 -50.58
N SER C 473 41.30 -42.27 -49.96
CA SER C 473 40.50 -41.23 -49.30
C SER C 473 41.11 -40.89 -47.95
N PRO C 474 40.78 -39.73 -47.38
CA PRO C 474 41.29 -39.41 -46.04
C PRO C 474 40.66 -40.29 -44.98
N ASP C 475 41.20 -40.18 -43.77
CA ASP C 475 40.78 -41.06 -42.68
C ASP C 475 39.37 -40.71 -42.20
N TRP C 476 38.97 -39.44 -42.33
CA TRP C 476 37.75 -38.94 -41.70
C TRP C 476 36.56 -38.91 -42.65
N CYS C 477 36.61 -39.61 -43.79
CA CYS C 477 35.49 -39.68 -44.73
C CYS C 477 35.05 -41.14 -44.83
N GLN C 478 33.80 -41.37 -44.45
CA GLN C 478 33.15 -42.65 -44.68
C GLN C 478 32.45 -42.68 -46.04
N CYS C 479 32.52 -41.57 -46.80
CA CYS C 479 31.74 -41.45 -48.03
C CYS C 479 32.55 -41.86 -49.25
N GLY C 480 33.88 -41.87 -49.14
CA GLY C 480 34.74 -42.25 -50.24
C GLY C 480 34.98 -41.16 -51.28
N ASN C 481 34.34 -40.00 -51.15
CA ASN C 481 34.41 -38.94 -52.15
C ASN C 481 34.93 -37.62 -51.61
N CYS C 482 35.28 -37.55 -50.33
CA CYS C 482 35.80 -36.31 -49.77
C CYS C 482 37.17 -35.97 -50.34
N LEU C 483 37.54 -34.69 -50.24
CA LEU C 483 38.81 -34.17 -50.68
C LEU C 483 39.53 -33.48 -49.52
N PRO C 484 40.85 -33.35 -49.56
CA PRO C 484 41.53 -32.58 -48.51
C PRO C 484 41.23 -31.10 -48.62
N SER C 485 41.44 -30.39 -47.52
CA SER C 485 41.18 -28.95 -47.47
C SER C 485 42.37 -28.17 -48.00
N GLN C 486 42.06 -26.99 -48.56
CA GLN C 486 43.05 -26.07 -49.11
C GLN C 486 43.32 -24.86 -48.22
N LEU C 487 42.54 -24.66 -47.17
CA LEU C 487 42.73 -23.53 -46.27
C LEU C 487 44.02 -23.73 -45.48
N PRO C 488 44.49 -22.70 -44.73
CA PRO C 488 45.67 -22.89 -43.88
C PRO C 488 45.53 -24.02 -42.87
N GLU C 489 46.67 -24.49 -42.36
CA GLU C 489 46.66 -25.63 -41.43
C GLU C 489 45.96 -25.30 -40.12
N ASN C 490 45.80 -24.02 -39.79
CA ASN C 490 45.20 -23.65 -38.51
C ASN C 490 43.68 -23.71 -38.55
N ARG C 491 43.08 -23.32 -39.68
CA ARG C 491 41.64 -23.15 -39.80
C ARG C 491 40.97 -24.21 -40.66
N ARG C 492 41.73 -25.19 -41.18
CA ARG C 492 41.16 -26.14 -42.13
C ARG C 492 40.39 -27.25 -41.44
N ALA C 493 40.63 -27.47 -40.14
CA ALA C 493 39.98 -28.59 -39.46
C ALA C 493 38.47 -28.44 -39.43
N LEU C 494 37.97 -27.19 -39.45
CA LEU C 494 36.54 -26.96 -39.52
C LEU C 494 35.94 -27.53 -40.80
N GLU C 495 36.72 -27.54 -41.88
CA GLU C 495 36.21 -27.99 -43.17
C GLU C 495 36.22 -29.51 -43.26
N GLU C 496 36.99 -30.18 -42.40
CA GLU C 496 37.04 -31.63 -42.41
C GLU C 496 35.69 -32.20 -41.99
N LEU C 497 35.03 -32.90 -42.92
CA LEU C 497 33.68 -33.39 -42.67
C LEU C 497 33.32 -34.42 -43.72
N CYS C 498 32.30 -35.21 -43.40
CA CYS C 498 31.76 -36.20 -44.33
C CYS C 498 30.25 -36.17 -44.24
N CYS C 499 29.60 -36.62 -45.31
CA CYS C 499 28.14 -36.60 -45.38
C CYS C 499 27.54 -37.68 -44.49
N ARG C 500 28.12 -38.88 -44.50
CA ARG C 500 27.64 -40.01 -43.73
C ARG C 500 28.64 -40.33 -42.64
N ARG C 501 28.13 -40.65 -41.45
CA ARG C 501 28.99 -40.94 -40.31
C ARG C 501 29.51 -42.37 -40.36
N LYS C 502 28.70 -43.29 -40.86
CA LYS C 502 29.11 -44.67 -41.08
C LYS C 502 29.33 -44.89 -42.58
N PRO C 503 30.04 -45.94 -42.97
CA PRO C 503 30.32 -46.16 -44.39
C PRO C 503 29.18 -46.88 -45.10
N GLY C 504 29.05 -46.58 -46.40
CA GLY C 504 28.13 -47.29 -47.25
C GLY C 504 27.46 -46.47 -48.34
N GLN C 505 27.39 -45.15 -48.20
CA GLN C 505 26.62 -44.36 -49.16
C GLN C 505 26.99 -42.89 -49.02
N CYS C 506 26.87 -42.18 -50.14
CA CYS C 506 27.09 -40.73 -50.22
C CYS C 506 25.78 -40.06 -50.64
N ILE C 507 25.68 -38.76 -50.33
CA ILE C 507 24.48 -38.01 -50.66
C ILE C 507 24.48 -37.61 -52.13
N THR C 508 25.64 -37.23 -52.67
CA THR C 508 25.71 -36.70 -54.02
C THR C 508 25.44 -37.74 -55.10
N THR C 509 25.34 -39.03 -54.74
CA THR C 509 25.05 -40.06 -55.73
C THR C 509 23.58 -40.09 -56.12
N SER C 510 22.70 -39.47 -55.33
CA SER C 510 21.28 -39.48 -55.64
C SER C 510 20.99 -38.59 -56.85
N GLU C 511 19.70 -38.51 -57.20
CA GLU C 511 19.24 -37.70 -58.33
C GLU C 511 18.67 -36.36 -57.90
N LEU C 512 18.12 -36.28 -56.69
CA LEU C 512 17.60 -35.02 -56.19
C LEU C 512 18.70 -33.99 -56.07
N PHE C 513 19.93 -34.43 -55.78
CA PHE C 513 21.07 -33.52 -55.69
C PHE C 513 21.30 -32.81 -57.02
N SER C 514 21.42 -33.58 -58.10
CA SER C 514 21.63 -32.98 -59.41
C SER C 514 20.39 -32.27 -59.93
N LYS C 515 19.21 -32.60 -59.41
CA LYS C 515 18.00 -31.91 -59.84
C LYS C 515 17.88 -30.53 -59.19
N ILE C 516 18.30 -30.40 -57.93
CA ILE C 516 18.15 -29.16 -57.18
C ILE C 516 19.41 -28.32 -57.31
N VAL C 517 20.53 -28.84 -56.81
CA VAL C 517 21.71 -28.00 -56.61
C VAL C 517 22.43 -27.75 -57.93
N LEU C 518 22.88 -28.81 -58.59
CA LEU C 518 23.75 -28.69 -59.75
C LEU C 518 23.02 -28.29 -61.02
N SER C 519 21.65 -28.08 -61.02
CA SER C 519 20.87 -27.68 -62.19
C SER C 519 21.09 -26.19 -62.42
N ARG C 520 21.91 -25.85 -63.46
CA ARG C 520 22.22 -24.45 -63.73
C ARG C 520 20.96 -23.65 -64.02
N GLU C 521 19.97 -24.27 -64.65
CA GLU C 521 18.77 -23.54 -65.06
C GLU C 521 17.94 -23.12 -63.86
N ALA C 522 17.76 -24.03 -62.90
CA ALA C 522 16.98 -23.69 -61.70
C ALA C 522 17.66 -22.59 -60.90
N LEU C 523 18.98 -22.65 -60.78
CA LEU C 523 19.71 -21.62 -60.05
C LEU C 523 19.61 -20.28 -60.76
N GLN C 524 19.73 -20.28 -62.09
CA GLN C 524 19.58 -19.04 -62.85
C GLN C 524 18.19 -18.46 -62.67
N LEU C 525 17.17 -19.32 -62.65
CA LEU C 525 15.81 -18.87 -62.41
C LEU C 525 15.65 -18.28 -61.02
N LEU C 526 16.25 -18.92 -60.02
CA LEU C 526 16.18 -18.40 -58.65
C LEU C 526 16.88 -17.06 -58.54
N LEU C 527 17.95 -16.84 -59.31
CA LEU C 527 18.59 -15.54 -59.32
C LEU C 527 17.73 -14.50 -60.01
N LEU C 528 17.07 -14.89 -61.10
CA LEU C 528 16.19 -13.96 -61.81
C LEU C 528 14.97 -13.58 -60.97
N TYR C 529 14.54 -14.47 -60.08
CA TYR C 529 13.37 -14.19 -59.26
C TYR C 529 13.59 -12.98 -58.36
N GLN C 530 14.84 -12.70 -57.98
CA GLN C 530 15.17 -11.50 -57.23
C GLN C 530 15.58 -10.34 -58.13
N GLU C 531 16.62 -10.54 -58.95
CA GLU C 531 17.15 -9.53 -59.86
C GLU C 531 16.84 -9.98 -61.28
N PRO C 532 15.64 -9.70 -61.80
CA PRO C 532 15.26 -10.27 -63.10
C PRO C 532 16.05 -9.75 -64.28
N LEU C 533 16.78 -8.63 -64.14
CA LEU C 533 17.45 -7.98 -65.26
C LEU C 533 18.95 -8.20 -65.28
N LEU C 534 19.50 -9.06 -64.44
CA LEU C 534 20.92 -9.35 -64.52
C LEU C 534 21.23 -10.14 -65.79
N ALA C 535 22.44 -9.93 -66.31
CA ALA C 535 22.86 -10.54 -67.56
C ALA C 535 23.47 -11.92 -67.31
N LEU C 536 23.02 -12.90 -68.09
CA LEU C 536 23.52 -14.26 -67.96
C LEU C 536 24.90 -14.45 -68.57
N GLU C 537 25.37 -13.51 -69.38
CA GLU C 537 26.70 -13.59 -69.99
C GLU C 537 27.80 -12.99 -69.13
N GLY C 538 27.49 -12.50 -67.93
CA GLY C 538 28.51 -11.94 -67.08
C GLY C 538 29.54 -12.98 -66.69
N GLU C 539 30.80 -12.54 -66.61
CA GLU C 539 31.87 -13.46 -66.24
C GLU C 539 31.83 -13.78 -64.75
N ALA C 540 31.46 -12.80 -63.93
CA ALA C 540 31.39 -12.99 -62.48
C ALA C 540 30.06 -13.58 -62.02
N ILE C 541 29.22 -14.07 -62.94
CA ILE C 541 27.95 -14.65 -62.54
C ILE C 541 28.15 -16.03 -61.92
N ASN C 542 29.20 -16.75 -62.34
CA ASN C 542 29.43 -18.12 -61.91
C ASN C 542 29.45 -18.24 -60.39
N SER C 543 30.33 -17.46 -59.76
CA SER C 543 30.43 -17.42 -58.30
C SER C 543 29.06 -17.18 -57.67
N LYS C 544 28.29 -16.25 -58.25
CA LYS C 544 26.94 -15.96 -57.77
C LYS C 544 26.14 -17.25 -57.68
N LEU C 545 26.06 -17.99 -58.80
CA LEU C 545 25.35 -19.26 -58.81
C LEU C 545 25.88 -20.19 -57.74
N ARG C 546 27.21 -20.26 -57.62
CA ARG C 546 27.84 -21.14 -56.63
C ARG C 546 27.35 -20.80 -55.23
N HIS C 547 27.28 -19.51 -54.90
CA HIS C 547 26.78 -19.10 -53.59
C HIS C 547 25.38 -19.64 -53.37
N CYS C 548 24.50 -19.46 -54.38
CA CYS C 548 23.13 -19.90 -54.25
C CYS C 548 23.08 -21.40 -53.99
N ALA C 549 23.98 -22.16 -54.64
CA ALA C 549 23.97 -23.60 -54.49
C ALA C 549 24.14 -24.00 -53.04
N TYR C 550 25.01 -23.28 -52.31
CA TYR C 550 25.20 -23.57 -50.89
C TYR C 550 23.89 -23.43 -50.14
N ARG C 551 23.18 -22.31 -50.36
CA ARG C 551 21.89 -22.15 -49.71
C ARG C 551 20.93 -23.25 -50.14
N SER C 552 21.00 -23.65 -51.41
CA SER C 552 20.09 -24.66 -51.91
C SER C 552 20.35 -26.02 -51.27
N TYR C 553 21.52 -26.22 -50.65
CA TYR C 553 21.73 -27.42 -49.86
C TYR C 553 21.10 -27.26 -48.47
N ALA C 554 21.31 -26.10 -47.85
CA ALA C 554 20.92 -25.94 -46.45
C ALA C 554 19.42 -26.10 -46.29
N THR C 555 18.65 -25.40 -47.11
CA THR C 555 17.20 -25.53 -47.09
C THR C 555 16.74 -26.96 -47.32
N TRP C 556 17.52 -27.77 -48.02
CA TRP C 556 17.15 -29.16 -48.22
C TRP C 556 17.29 -29.95 -46.93
N ARG C 557 18.31 -29.66 -46.13
CA ARG C 557 18.58 -30.37 -44.88
C ARG C 557 18.25 -29.55 -43.65
N PHE C 558 18.79 -28.34 -43.56
CA PHE C 558 18.53 -27.41 -42.45
C PHE C 558 17.42 -26.48 -42.92
N VAL C 559 16.18 -26.82 -42.56
CA VAL C 559 15.02 -26.17 -43.17
C VAL C 559 14.95 -24.70 -42.78
N SER C 560 15.17 -24.39 -41.51
CA SER C 560 15.05 -23.02 -41.05
C SER C 560 16.16 -22.15 -41.63
N GLN C 561 15.83 -20.89 -41.90
CA GLN C 561 16.82 -19.96 -42.41
C GLN C 561 17.85 -19.61 -41.34
N ASP C 562 17.40 -19.54 -40.09
CA ASP C 562 18.31 -19.27 -38.98
C ASP C 562 19.33 -20.39 -38.84
N MET C 563 18.86 -21.64 -38.91
CA MET C 563 19.77 -22.78 -38.85
C MET C 563 20.57 -22.92 -40.13
N ALA C 564 20.07 -22.42 -41.25
CA ALA C 564 20.74 -22.55 -42.53
C ALA C 564 21.85 -21.53 -42.73
N ASP C 565 21.75 -20.36 -42.10
CA ASP C 565 22.81 -19.36 -42.22
C ASP C 565 24.10 -19.82 -41.56
N PHE C 566 24.02 -20.72 -40.57
CA PHE C 566 25.18 -21.24 -39.87
C PHE C 566 25.50 -22.68 -40.20
N ALA C 567 24.74 -23.32 -41.09
CA ALA C 567 25.04 -24.68 -41.48
C ALA C 567 26.37 -24.75 -42.22
N ILE C 568 26.98 -25.93 -42.18
CA ILE C 568 28.27 -26.18 -42.80
C ILE C 568 28.14 -27.39 -43.70
N LEU C 569 28.60 -27.27 -44.93
CA LEU C 569 28.54 -28.36 -45.88
C LEU C 569 29.67 -29.35 -45.63
N PRO C 570 29.55 -30.58 -46.14
CA PRO C 570 30.69 -31.49 -46.13
C PRO C 570 31.67 -31.13 -47.24
N SER C 571 32.71 -31.95 -47.39
CA SER C 571 33.71 -31.72 -48.41
C SER C 571 33.26 -32.22 -49.78
N CYS C 572 32.57 -33.36 -49.83
CA CYS C 572 32.20 -33.94 -51.11
C CYS C 572 31.24 -33.04 -51.88
N CYS C 573 30.15 -32.63 -51.23
CA CYS C 573 29.19 -31.73 -51.87
C CYS C 573 29.83 -30.40 -52.23
N ARG C 574 30.66 -29.87 -51.32
CA ARG C 574 31.33 -28.59 -51.56
C ARG C 574 32.17 -28.67 -52.84
N TRP C 575 33.03 -29.67 -52.95
CA TRP C 575 33.91 -29.75 -54.10
C TRP C 575 33.18 -30.17 -55.37
N LYS C 576 32.07 -30.91 -55.26
CA LYS C 576 31.22 -31.12 -56.42
C LYS C 576 30.70 -29.79 -56.97
N ILE C 577 30.13 -28.96 -56.08
CA ILE C 577 29.63 -27.66 -56.49
C ILE C 577 30.75 -26.80 -57.05
N ARG C 578 31.94 -26.92 -56.47
CA ARG C 578 33.07 -26.12 -56.95
C ARG C 578 33.51 -26.56 -58.34
N LYS C 579 33.46 -27.86 -58.61
CA LYS C 579 33.83 -28.35 -59.94
C LYS C 579 32.78 -28.00 -60.98
N GLU C 580 31.51 -27.92 -60.58
CA GLU C 580 30.48 -27.47 -61.52
C GLU C 580 30.49 -25.96 -61.70
N PHE C 581 31.03 -25.22 -60.73
CA PHE C 581 31.06 -23.75 -60.76
C PHE C 581 32.41 -23.27 -60.25
N PRO C 582 33.46 -23.47 -61.04
CA PRO C 582 34.82 -23.22 -60.55
C PRO C 582 35.25 -21.76 -60.62
N LYS C 583 36.23 -21.44 -59.76
CA LYS C 583 36.88 -20.14 -59.71
C LYS C 583 38.35 -20.34 -60.06
N THR C 584 38.92 -19.37 -60.77
CA THR C 584 40.27 -19.49 -61.31
C THR C 584 41.26 -18.49 -60.72
N GLN C 585 40.79 -17.31 -60.30
CA GLN C 585 41.72 -16.24 -59.93
C GLN C 585 42.46 -16.58 -58.64
N GLY C 586 41.73 -16.78 -57.55
CA GLY C 586 42.31 -17.02 -56.25
C GLY C 586 41.77 -18.28 -55.61
N GLN C 587 42.30 -18.57 -54.42
CA GLN C 587 41.86 -19.73 -53.66
C GLN C 587 40.47 -19.48 -53.08
N TYR C 588 39.70 -20.55 -52.94
CA TYR C 588 38.34 -20.43 -52.41
C TYR C 588 38.39 -20.08 -50.94
N SER C 589 37.53 -19.15 -50.53
CA SER C 589 37.33 -18.86 -49.12
C SER C 589 36.50 -19.98 -48.48
N GLY C 590 36.13 -19.77 -47.22
CA GLY C 590 35.38 -20.73 -46.45
C GLY C 590 34.16 -20.08 -45.80
N PHE C 591 33.72 -20.71 -44.72
CA PHE C 591 32.52 -20.25 -44.02
C PHE C 591 32.75 -18.87 -43.41
N LYS C 592 32.16 -17.86 -44.03
CA LYS C 592 32.23 -16.49 -43.54
C LYS C 592 31.08 -16.25 -42.58
N TYR C 593 31.35 -15.54 -41.50
CA TYR C 593 30.30 -15.14 -40.58
C TYR C 593 29.26 -14.30 -41.32
N PRO C 594 27.95 -14.59 -41.18
CA PRO C 594 26.99 -13.89 -42.03
C PRO C 594 26.87 -12.40 -41.73
N TYR C 595 26.88 -12.03 -40.45
CA TYR C 595 26.73 -10.64 -40.06
C TYR C 595 28.08 -9.94 -40.04
#